data_6PAI
#
_entry.id   6PAI
#
_cell.length_a   81.507
_cell.length_b   94.767
_cell.length_c   145.706
_cell.angle_alpha   90.000
_cell.angle_beta   98.060
_cell.angle_gamma   90.000
#
_symmetry.space_group_name_H-M   'P 1 21 1'
#
loop_
_entity.id
_entity.type
_entity.pdbx_description
1 polymer 'DNA damage-binding protein 1'
2 polymer 'DDB1- and CUL4-associated factor 15'
3 polymer 'RNA-binding protein 39'
4 polymer 'DET1- and DDB1-associated protein 1'
5 non-polymer '4-(2-HYDROXYETHYL)-1-PIPERAZINE ETHANESULFONIC ACID'
6 non-polymer 3-cyano-N-(3-cyano-4-methyl-1H-indol-7-yl)benzene-1-sulfonamide
7 non-polymer 'ZINC ION'
8 water water
#
loop_
_entity_poly.entity_id
_entity_poly.type
_entity_poly.pdbx_seq_one_letter_code
_entity_poly.pdbx_strand_id
1 'polypeptide(L)'
;MSYNYVVTAQKPTAVNGCVTGHFTSAEDLNLLIAKNTRLEIYVVTAEGLRPVKEVGMYGKIAVMELFRPKGESKDLLFIL
TAKYNACILEYKQSGESIDIITRAHGNVQDRIGRPSETGIIGIIDPECRMIGLRLYDGLFKVIPLDRDNKELKAFNIRLE
ELHVIDVKFLYGCQAPTICFVYQDPQGRHVKTYEVSLREKEFNKGPWKQENVEAEASMVIAVPEPFGGAIIIGQESITYH
NGDKYLAIAPPIIKQSTIVCHNRVDPNGSRYLLGDMEGRLFMLLLEKEEQMDGTVTLKDLRVELLGETSIAECLTYLDNG
VVFVGSRLGDSQLVKLNVDSNEQGSYVVAMETFTNLGPIVDMCVVDLERQGQGQLVTCSGAFKEGSLRIIRNGIGIHEHA
SIDLPGIKGLWPLRSDPNRETDDTLVLSFVGQTRVLMLNGEEVEETELMGFVDDQQTFFCGNVAHQQLIQITSASVRLVS
QEPKALVSEWKEPQAKNISVASCNSSQVVVAVGRALYYLQIHPQELRQISHTEMEHEVACLDITPLGDSNGLSPLCAIGL
WTDISARILKLPSFELLHKEMLGGEIIPRSILMTTFESSHYLLCALGDGALFYFGLNIETGLLSDRKKVTLGTQPTVLRT
FRSLSTTNVFACSDRPTVIYSSNHKLVFSNVNLKEVNYMCPLNSDGYPDSLALANNSTLTIGTIDEIQKLHIRTVPLYES
PRKICYQEVSQCFGVLSSRIEVQDTSGGTTALRPSASTQALSSSVSSSKLFSSSTAPHETSFGEEVEVHNLLIIDQHTFE
VLHAHQFLQNEYALSLVSCKLGKDPNTYFIVGTAMVYPEEAEPKQGRIVVFQYSDGKLQTVAEKEVKGAVYSMVEFNGKL
LASINSTVRLYEWTTEKELRTECNHYNNIMALYLKTKGDFILVGDLMRSVLLLAYKPMEGNFEEIARDFNPNWMSAVEIL
DDDNFLGAENAFNLFVCQKDSAATTDEERQHLQEVGLFHLGEFVNVFCHGSLVMQNLGETSTPTQGSVLFGTVNGMIGLV
TSLSESWYNLLLDMQNRLNKVIKSVGKIEHSFWRSFHTERKTEPATGFIDGDLIESFLDISRPKMQEVVANLQYDDGSGM
KREATADDLIKVVEELTRIH
;
A
2 'polypeptide(L)'
;MHHHHHHAPSSKSERNSGAGSGGGGPGGAGGKRAAGRRREHVLKQLERVKISGQLSPRLFRKLPPRVCVSLKNIVDEDFL
YAGHIFLGFSKCGRYVLSYTSSSGDDDFSFYIYHLYWWEFNVHSKLKLVRQVRLFQDEEIYSDLYLTVCEWPSDASKVIV
FGFNTRSANGMLMNMMMMSDENHRDIYVSTVAVPPPGRCAACQDASRAHPGDPNAQCLRHGFMLHTKYQVVYPFPTFQPA
FQLKKDQVVLLNTSYSLVACAVSVHSAGDRSFCQILYDHSTPGYVNYTKLYYVLESGEGTEPEDELEDDKISLPFVVTDL
RGRNLRPMRERTAVQGQYLTVEQLTLDFEYVINEVIRHDATWGHQFCSFSDYDIVILEVCPETNQVLINIGLLLLAFPSP
TEEGQLRPKTYHTSLKVAWDLNTGIFETVSVGDLTEVKGQTSGSVWSSYRKSCVDMVMKWLVPESSGRYVNRMTNEALHK
GCSLKVLADSERYTWIVL
;
C
3 'polypeptide(L)'
;GSHMAAAMANNLQKGSAGPMRLYVGSLHFNITEDMLRGIFEPFGRIESIQLMMDSETGRSKGYGFITFSDSECAKKALEQ
LNGFELAGRPMKVGHVTERTDDYKDDDDK
;
D
4 'polypeptide(L)'
;MADFLKGLPVYNKSNFSRFHADSVCKASNRRPSVYLPTREYPSEQIIVTEKTNILLRYLHQQWDKKNAAKKRDQEQVELE
GESSAPPRKVARTDSPDMHEDT
;
E
#
# COMPACT_ATOMS: atom_id res chain seq x y z
N SER A 2 19.17 7.22 -12.59
CA SER A 2 20.03 5.99 -12.59
C SER A 2 20.35 5.55 -11.16
N TYR A 3 20.71 6.52 -10.31
CA TYR A 3 20.99 6.30 -8.91
C TYR A 3 20.12 7.25 -8.09
N ASN A 4 19.10 6.69 -7.46
CA ASN A 4 18.10 7.54 -6.84
C ASN A 4 18.05 7.32 -5.33
N TYR A 5 17.56 8.36 -4.64
CA TYR A 5 17.44 8.43 -3.19
C TYR A 5 16.04 8.94 -2.83
N VAL A 6 15.32 8.18 -2.00
CA VAL A 6 13.94 8.44 -1.67
C VAL A 6 13.81 8.63 -0.17
N VAL A 7 13.21 9.76 0.25
CA VAL A 7 13.03 10.03 1.66
C VAL A 7 11.62 10.57 1.89
N THR A 8 11.13 10.36 3.12
CA THR A 8 9.83 10.85 3.54
C THR A 8 9.96 12.33 3.97
N ALA A 9 9.12 13.19 3.39
CA ALA A 9 9.00 14.57 3.81
C ALA A 9 7.80 14.75 4.74
N GLN A 10 6.78 13.90 4.57
CA GLN A 10 5.63 13.88 5.46
C GLN A 10 5.15 12.43 5.55
N LYS A 11 5.05 11.92 6.78
CA LYS A 11 4.63 10.55 7.00
C LYS A 11 3.16 10.43 6.59
N PRO A 12 2.69 9.22 6.18
CA PRO A 12 1.28 9.03 5.82
C PRO A 12 0.38 9.51 6.95
N THR A 13 -0.77 10.10 6.58
CA THR A 13 -1.66 10.74 7.55
C THR A 13 -3.03 10.07 7.57
N ALA A 14 -3.33 9.26 6.54
CA ALA A 14 -4.59 8.53 6.50
C ALA A 14 -4.57 7.42 7.54
N VAL A 15 -5.72 7.19 8.19
CA VAL A 15 -5.86 6.09 9.12
C VAL A 15 -6.48 4.90 8.41
N ASN A 16 -5.80 3.77 8.48
CA ASN A 16 -6.18 2.55 7.78
C ASN A 16 -6.89 1.60 8.76
N GLY A 17 -6.55 1.73 10.04
CA GLY A 17 -7.16 0.93 11.10
C GLY A 17 -6.82 1.49 12.48
N CYS A 18 -7.71 1.23 13.45
CA CYS A 18 -7.50 1.58 14.84
C CYS A 18 -8.13 0.51 15.74
N VAL A 19 -7.46 0.21 16.86
CA VAL A 19 -7.93 -0.81 17.76
C VAL A 19 -7.65 -0.38 19.20
N THR A 20 -8.51 -0.87 20.10
CA THR A 20 -8.47 -0.52 21.50
C THR A 20 -8.31 -1.77 22.35
N GLY A 21 -7.58 -1.65 23.47
CA GLY A 21 -7.34 -2.76 24.37
C GLY A 21 -6.25 -2.41 25.39
N HIS A 22 -5.80 -3.42 26.14
CA HIS A 22 -4.78 -3.24 27.15
C HIS A 22 -3.50 -3.93 26.69
N PHE A 23 -2.58 -3.13 26.13
CA PHE A 23 -1.49 -3.68 25.35
C PHE A 23 -0.15 -3.39 26.01
N THR A 24 0.03 -2.15 26.48
CA THR A 24 1.24 -1.77 27.17
C THR A 24 1.23 -2.42 28.55
N SER A 25 0.20 -2.12 29.34
CA SER A 25 -0.05 -2.76 30.63
C SER A 25 -1.44 -3.39 30.63
N ALA A 26 -1.74 -4.17 31.69
CA ALA A 26 -3.04 -4.79 31.83
C ALA A 26 -4.06 -3.75 32.26
N GLU A 27 -3.58 -2.74 32.99
CA GLU A 27 -4.44 -1.73 33.59
C GLU A 27 -4.78 -0.65 32.56
N ASP A 28 -3.75 -0.09 31.91
CA ASP A 28 -3.97 1.08 31.06
C ASP A 28 -4.81 0.70 29.83
N LEU A 29 -5.42 1.72 29.22
CA LEU A 29 -6.32 1.61 28.08
C LEU A 29 -5.63 2.22 26.86
N ASN A 30 -5.48 1.41 25.80
CA ASN A 30 -4.67 1.80 24.66
C ASN A 30 -5.53 2.01 23.42
N LEU A 31 -5.17 3.07 22.69
CA LEU A 31 -5.55 3.24 21.30
C LEU A 31 -4.32 2.92 20.46
N LEU A 32 -4.48 1.98 19.52
CA LEU A 32 -3.47 1.66 18.53
C LEU A 32 -3.98 2.08 17.15
N ILE A 33 -3.17 2.84 16.41
CA ILE A 33 -3.57 3.39 15.12
C ILE A 33 -2.59 2.89 14.05
N ALA A 34 -3.16 2.45 12.94
CA ALA A 34 -2.40 2.01 11.78
C ALA A 34 -2.46 3.12 10.73
N LYS A 35 -1.30 3.69 10.42
CA LYS A 35 -1.13 4.61 9.31
C LYS A 35 -0.13 4.01 8.32
N ASN A 36 -0.64 3.18 7.40
CA ASN A 36 0.16 2.48 6.41
C ASN A 36 1.23 1.65 7.13
N THR A 37 2.47 2.16 7.20
CA THR A 37 3.59 1.39 7.72
C THR A 37 3.76 1.65 9.22
N ARG A 38 3.17 2.76 9.70
CA ARG A 38 3.37 3.21 11.06
C ARG A 38 2.26 2.63 11.95
N LEU A 39 2.68 2.19 13.13
CA LEU A 39 1.78 1.82 14.20
C LEU A 39 1.97 2.80 15.36
N GLU A 40 0.93 3.56 15.68
CA GLU A 40 1.01 4.51 16.79
C GLU A 40 0.36 3.89 18.02
N ILE A 41 1.03 3.98 19.17
CA ILE A 41 0.49 3.44 20.42
C ILE A 41 0.25 4.59 21.39
N TYR A 42 -1.00 4.71 21.84
CA TYR A 42 -1.44 5.74 22.76
C TYR A 42 -1.99 5.11 24.02
N VAL A 43 -1.88 5.84 25.14
CA VAL A 43 -2.57 5.49 26.37
C VAL A 43 -3.63 6.56 26.61
N VAL A 44 -4.86 6.12 26.91
CA VAL A 44 -5.92 7.02 27.34
C VAL A 44 -5.62 7.53 28.75
N THR A 45 -5.69 8.85 28.94
CA THR A 45 -5.44 9.45 30.24
C THR A 45 -6.58 10.40 30.62
N ALA A 46 -6.35 11.17 31.69
CA ALA A 46 -7.26 12.19 32.17
C ALA A 46 -7.33 13.33 31.15
N GLU A 47 -6.20 13.65 30.52
CA GLU A 47 -6.10 14.79 29.62
C GLU A 47 -6.46 14.33 28.21
N GLY A 48 -6.58 13.02 28.01
CA GLY A 48 -6.87 12.47 26.71
C GLY A 48 -5.85 11.41 26.29
N LEU A 49 -5.19 11.63 25.15
CA LEU A 49 -4.29 10.63 24.62
C LEU A 49 -2.84 10.96 24.96
N ARG A 50 -2.17 10.02 25.64
CA ARG A 50 -0.74 10.11 25.90
C ARG A 50 -0.02 9.24 24.89
N PRO A 51 0.82 9.83 24.01
CA PRO A 51 1.70 9.06 23.15
C PRO A 51 2.65 8.23 23.99
N VAL A 52 2.87 7.00 23.55
CA VAL A 52 3.84 6.14 24.21
C VAL A 52 4.91 5.77 23.18
N LYS A 53 4.50 5.12 22.09
CA LYS A 53 5.44 4.53 21.17
C LYS A 53 4.88 4.62 19.74
N GLU A 54 5.75 4.97 18.79
CA GLU A 54 5.45 4.78 17.38
C GLU A 54 6.48 3.80 16.81
N VAL A 55 5.98 2.84 16.03
CA VAL A 55 6.84 1.86 15.39
C VAL A 55 6.60 1.86 13.88
N GLY A 56 7.71 1.89 13.12
CA GLY A 56 7.66 1.76 11.68
C GLY A 56 7.89 0.32 11.24
N MET A 57 6.85 -0.32 10.68
CA MET A 57 6.97 -1.66 10.13
C MET A 57 7.59 -1.63 8.73
N TYR A 58 8.33 -2.69 8.42
CA TYR A 58 8.78 -2.97 7.05
C TYR A 58 7.64 -3.67 6.30
N GLY A 59 6.48 -3.02 6.26
CA GLY A 59 5.33 -3.54 5.53
C GLY A 59 4.11 -2.64 5.68
N LYS A 60 3.19 -2.71 4.71
CA LYS A 60 1.89 -2.07 4.84
C LYS A 60 1.04 -2.95 5.75
N ILE A 61 0.59 -2.38 6.89
CA ILE A 61 -0.22 -3.10 7.85
C ILE A 61 -1.61 -3.37 7.26
N ALA A 62 -1.93 -4.65 7.01
CA ALA A 62 -3.23 -5.00 6.47
C ALA A 62 -4.16 -5.47 7.59
N VAL A 63 -3.63 -6.25 8.55
CA VAL A 63 -4.41 -6.75 9.67
C VAL A 63 -3.75 -6.33 10.98
N MET A 64 -4.59 -5.93 11.94
CA MET A 64 -4.14 -5.45 13.24
C MET A 64 -5.19 -5.83 14.29
N GLU A 65 -4.90 -6.87 15.07
CA GLU A 65 -5.84 -7.36 16.06
C GLU A 65 -5.13 -7.56 17.40
N LEU A 66 -5.83 -7.15 18.47
CA LEU A 66 -5.43 -7.45 19.83
C LEU A 66 -6.18 -8.69 20.31
N PHE A 67 -5.51 -9.54 21.09
CA PHE A 67 -6.10 -10.76 21.63
C PHE A 67 -5.36 -11.19 22.89
N ARG A 68 -6.05 -11.89 23.79
CA ARG A 68 -5.42 -12.38 25.01
C ARG A 68 -5.64 -13.88 25.20
N PRO A 69 -4.61 -14.71 24.93
CA PRO A 69 -4.67 -16.15 25.19
C PRO A 69 -4.72 -16.44 26.69
N LYS A 70 -5.18 -17.65 27.04
CA LYS A 70 -5.57 -18.02 28.39
C LYS A 70 -4.47 -17.69 29.40
N GLY A 71 -3.21 -17.97 29.05
CA GLY A 71 -2.11 -17.78 29.99
C GLY A 71 -1.33 -16.49 29.77
N GLU A 72 -2.04 -15.34 29.72
CA GLU A 72 -1.44 -14.07 29.38
C GLU A 72 -1.96 -12.97 30.30
N SER A 73 -1.08 -12.02 30.62
CA SER A 73 -1.34 -10.97 31.60
C SER A 73 -1.87 -9.70 30.94
N LYS A 74 -1.51 -9.51 29.66
CA LYS A 74 -1.90 -8.38 28.84
C LYS A 74 -2.19 -8.89 27.42
N ASP A 75 -2.79 -8.04 26.58
CA ASP A 75 -3.11 -8.37 25.20
C ASP A 75 -1.82 -8.54 24.38
N LEU A 76 -1.88 -9.48 23.44
CA LEU A 76 -0.89 -9.59 22.39
C LEU A 76 -1.47 -8.97 21.11
N LEU A 77 -0.56 -8.49 20.24
CA LEU A 77 -0.94 -7.84 19.00
C LEU A 77 -0.56 -8.74 17.83
N PHE A 78 -1.53 -9.01 16.97
CA PHE A 78 -1.27 -9.73 15.74
C PHE A 78 -1.32 -8.78 14.54
N ILE A 79 -0.23 -8.79 13.77
CA ILE A 79 -0.10 -7.93 12.58
C ILE A 79 0.11 -8.83 11.37
N LEU A 80 -0.63 -8.54 10.29
CA LEU A 80 -0.30 -9.05 8.97
C LEU A 80 -0.04 -7.88 8.03
N THR A 81 1.06 -7.94 7.28
CA THR A 81 1.35 -6.95 6.27
C THR A 81 0.83 -7.42 4.92
N ALA A 82 0.78 -6.47 3.96
CA ALA A 82 0.28 -6.71 2.62
C ALA A 82 1.14 -7.74 1.90
N LYS A 83 2.42 -7.87 2.29
CA LYS A 83 3.33 -8.85 1.71
C LYS A 83 3.33 -10.16 2.50
N TYR A 84 2.34 -10.33 3.39
CA TYR A 84 2.04 -11.59 4.09
C TYR A 84 3.07 -11.91 5.17
N ASN A 85 3.70 -10.87 5.71
CA ASN A 85 4.47 -10.99 6.94
C ASN A 85 3.48 -11.01 8.10
N ALA A 86 3.43 -12.16 8.79
CA ALA A 86 2.64 -12.33 10.00
C ALA A 86 3.58 -12.22 11.20
N CYS A 87 3.11 -11.55 12.26
CA CYS A 87 3.79 -11.56 13.54
C CYS A 87 2.79 -11.47 14.70
N ILE A 88 3.21 -12.02 15.85
CA ILE A 88 2.57 -11.76 17.12
C ILE A 88 3.53 -10.92 17.96
N LEU A 89 3.04 -9.80 18.49
CA LEU A 89 3.90 -8.83 19.14
C LEU A 89 3.51 -8.68 20.62
N GLU A 90 4.52 -8.38 21.44
CA GLU A 90 4.29 -8.11 22.84
C GLU A 90 5.03 -6.83 23.22
N TYR A 91 4.32 -5.97 23.96
CA TYR A 91 4.92 -4.81 24.58
C TYR A 91 5.59 -5.26 25.89
N LYS A 92 6.87 -4.94 26.04
CA LYS A 92 7.54 -5.24 27.30
C LYS A 92 8.20 -3.97 27.84
N GLN A 93 8.20 -3.83 29.17
CA GLN A 93 8.77 -2.67 29.83
C GLN A 93 9.51 -3.12 31.09
N SER A 94 10.78 -2.69 31.20
CA SER A 94 11.51 -2.79 32.45
C SER A 94 12.17 -1.45 32.74
N GLY A 95 11.80 -0.85 33.88
CA GLY A 95 12.15 0.54 34.17
C GLY A 95 11.57 1.49 33.13
N GLU A 96 12.46 2.16 32.39
CA GLU A 96 12.07 3.20 31.45
C GLU A 96 12.20 2.72 30.01
N SER A 97 12.60 1.46 29.82
CA SER A 97 13.00 0.98 28.50
C SER A 97 11.86 0.24 27.81
N ILE A 98 11.52 0.69 26.60
CA ILE A 98 10.39 0.12 25.90
C ILE A 98 10.91 -0.77 24.77
N ASP A 99 10.38 -1.99 24.70
CA ASP A 99 10.71 -2.93 23.65
C ASP A 99 9.43 -3.60 23.14
N ILE A 100 9.39 -3.88 21.83
CA ILE A 100 8.33 -4.70 21.28
C ILE A 100 8.93 -6.05 20.90
N ILE A 101 8.33 -7.11 21.43
CA ILE A 101 8.88 -8.45 21.33
C ILE A 101 8.12 -9.20 20.25
N THR A 102 8.87 -9.89 19.37
CA THR A 102 8.25 -10.70 18.35
C THR A 102 8.06 -12.11 18.92
N ARG A 103 6.85 -12.38 19.42
CA ARG A 103 6.55 -13.65 20.04
C ARG A 103 6.57 -14.75 18.99
N ALA A 104 6.06 -14.42 17.80
CA ALA A 104 5.98 -15.35 16.69
C ALA A 104 6.04 -14.57 15.39
N HIS A 105 6.66 -15.18 14.37
CA HIS A 105 6.72 -14.57 13.04
C HIS A 105 6.87 -15.64 11.96
N GLY A 106 6.44 -15.27 10.77
CA GLY A 106 6.57 -16.08 9.56
C GLY A 106 5.85 -15.41 8.41
N ASN A 107 6.13 -15.88 7.19
CA ASN A 107 5.48 -15.36 6.00
C ASN A 107 4.43 -16.34 5.50
N VAL A 108 3.19 -15.86 5.35
CA VAL A 108 2.03 -16.71 5.11
C VAL A 108 1.67 -16.76 3.63
N GLN A 109 2.52 -16.21 2.77
CA GLN A 109 2.21 -16.17 1.34
C GLN A 109 2.05 -17.59 0.80
N ASP A 110 1.13 -17.74 -0.16
CA ASP A 110 0.95 -18.96 -0.92
C ASP A 110 1.17 -18.62 -2.40
N ARG A 111 1.94 -19.45 -3.10
CA ARG A 111 2.20 -19.17 -4.52
C ARG A 111 0.91 -19.38 -5.33
N ILE A 112 0.20 -20.47 -4.99
CA ILE A 112 -0.97 -20.94 -5.72
C ILE A 112 -2.12 -19.93 -5.63
N GLY A 113 -2.06 -19.03 -4.63
CA GLY A 113 -3.20 -18.21 -4.28
C GLY A 113 -3.37 -16.99 -5.19
N ARG A 114 -4.64 -16.62 -5.40
CA ARG A 114 -5.08 -15.44 -6.14
C ARG A 114 -5.73 -14.44 -5.18
N PRO A 115 -5.18 -13.22 -5.00
CA PRO A 115 -5.78 -12.24 -4.10
C PRO A 115 -7.27 -12.02 -4.34
N SER A 116 -8.03 -11.91 -3.24
CA SER A 116 -9.48 -11.84 -3.29
C SER A 116 -9.94 -10.44 -3.63
N GLU A 117 -11.19 -10.34 -4.11
CA GLU A 117 -11.87 -9.10 -4.44
C GLU A 117 -11.76 -8.12 -3.26
N THR A 118 -12.34 -8.48 -2.10
CA THR A 118 -12.50 -7.57 -0.98
C THR A 118 -11.24 -7.57 -0.09
N GLY A 119 -10.16 -8.17 -0.59
CA GLY A 119 -8.85 -8.04 0.05
C GLY A 119 -8.61 -8.99 1.23
N ILE A 120 -7.52 -8.72 1.95
CA ILE A 120 -7.03 -9.52 3.07
C ILE A 120 -7.92 -9.34 4.30
N ILE A 121 -8.39 -10.47 4.85
CA ILE A 121 -9.20 -10.47 6.06
C ILE A 121 -8.52 -11.37 7.09
N GLY A 122 -8.30 -10.80 8.29
CA GLY A 122 -7.64 -11.53 9.37
C GLY A 122 -8.49 -11.53 10.64
N ILE A 123 -8.86 -12.74 11.10
CA ILE A 123 -9.78 -12.88 12.21
C ILE A 123 -9.21 -13.87 13.23
N ILE A 124 -9.49 -13.59 14.52
CA ILE A 124 -9.03 -14.43 15.60
C ILE A 124 -10.23 -15.01 16.32
N ASP A 125 -10.18 -16.32 16.55
CA ASP A 125 -11.18 -17.00 17.36
C ASP A 125 -11.26 -16.33 18.74
N PRO A 126 -12.48 -16.08 19.28
CA PRO A 126 -12.61 -15.44 20.60
C PRO A 126 -11.97 -16.19 21.76
N GLU A 127 -11.73 -17.49 21.59
CA GLU A 127 -11.13 -18.30 22.62
C GLU A 127 -9.63 -18.49 22.33
N CYS A 128 -9.13 -17.73 21.36
CA CYS A 128 -7.75 -17.69 20.91
C CYS A 128 -7.24 -19.08 20.53
N ARG A 129 -8.06 -19.87 19.84
CA ARG A 129 -7.71 -21.23 19.49
C ARG A 129 -6.96 -21.25 18.16
N MET A 130 -7.11 -20.18 17.37
CA MET A 130 -6.50 -20.08 16.06
C MET A 130 -6.66 -18.69 15.47
N ILE A 131 -5.79 -18.36 14.51
CA ILE A 131 -5.97 -17.22 13.62
C ILE A 131 -6.43 -17.75 12.27
N GLY A 132 -7.48 -17.12 11.73
CA GLY A 132 -7.99 -17.39 10.39
C GLY A 132 -7.70 -16.24 9.44
N LEU A 133 -7.21 -16.58 8.24
CA LEU A 133 -6.91 -15.60 7.22
C LEU A 133 -7.71 -15.96 5.97
N ARG A 134 -8.28 -14.92 5.35
CA ARG A 134 -8.79 -15.01 3.99
C ARG A 134 -7.86 -14.19 3.09
N LEU A 135 -6.96 -14.90 2.39
CA LEU A 135 -5.95 -14.25 1.57
C LEU A 135 -6.29 -14.40 0.10
N TYR A 136 -6.82 -15.57 -0.28
CA TYR A 136 -7.06 -15.89 -1.67
C TYR A 136 -8.42 -16.57 -1.83
N ASP A 137 -9.01 -16.38 -3.01
CA ASP A 137 -10.23 -17.06 -3.40
C ASP A 137 -10.01 -18.56 -3.32
N GLY A 138 -10.85 -19.23 -2.53
CA GLY A 138 -10.89 -20.68 -2.53
C GLY A 138 -10.05 -21.33 -1.41
N LEU A 139 -9.41 -20.50 -0.58
CA LEU A 139 -8.55 -21.00 0.47
C LEU A 139 -8.74 -20.20 1.75
N PHE A 140 -8.86 -20.91 2.88
CA PHE A 140 -8.88 -20.32 4.20
C PHE A 140 -7.67 -20.82 4.99
N LYS A 141 -6.78 -19.88 5.38
CA LYS A 141 -5.56 -20.26 6.08
C LYS A 141 -5.78 -20.17 7.58
N VAL A 142 -5.39 -21.24 8.29
CA VAL A 142 -5.55 -21.33 9.74
C VAL A 142 -4.18 -21.40 10.39
N ILE A 143 -3.91 -20.47 11.32
CA ILE A 143 -2.73 -20.54 12.17
C ILE A 143 -3.17 -20.96 13.56
N PRO A 144 -2.96 -22.23 13.96
CA PRO A 144 -3.29 -22.69 15.32
C PRO A 144 -2.42 -21.92 16.32
N LEU A 145 -3.04 -21.44 17.41
CA LEU A 145 -2.31 -20.74 18.45
C LEU A 145 -1.98 -21.72 19.58
N ASP A 146 -0.67 -21.97 19.76
CA ASP A 146 -0.21 -22.96 20.71
C ASP A 146 1.18 -22.59 21.22
N ARG A 147 1.24 -22.34 22.53
CA ARG A 147 2.43 -21.87 23.23
C ARG A 147 3.54 -22.92 23.16
N ASP A 148 3.19 -24.20 23.33
CA ASP A 148 4.17 -25.26 23.52
C ASP A 148 4.56 -25.90 22.19
N ASN A 149 5.17 -25.09 21.31
CA ASN A 149 5.62 -25.50 19.98
C ASN A 149 6.68 -24.50 19.49
N LYS A 150 7.62 -24.99 18.68
CA LYS A 150 8.59 -24.10 18.07
C LYS A 150 8.11 -23.67 16.69
N GLU A 151 7.04 -24.34 16.22
CA GLU A 151 6.51 -24.15 14.89
C GLU A 151 5.00 -23.97 14.98
N LEU A 152 4.55 -22.74 14.71
CA LEU A 152 3.15 -22.44 14.50
C LEU A 152 2.84 -22.74 13.04
N LYS A 153 2.49 -23.99 12.74
CA LYS A 153 2.29 -24.43 11.37
C LYS A 153 0.90 -24.06 10.88
N ALA A 154 0.85 -23.18 9.86
CA ALA A 154 -0.37 -22.79 9.20
C ALA A 154 -0.77 -23.88 8.21
N PHE A 155 -2.08 -24.07 8.03
CA PHE A 155 -2.58 -24.95 7.00
C PHE A 155 -3.73 -24.30 6.24
N ASN A 156 -3.93 -24.72 4.99
CA ASN A 156 -5.02 -24.21 4.17
C ASN A 156 -6.17 -25.21 4.22
N ILE A 157 -7.40 -24.68 4.27
CA ILE A 157 -8.59 -25.50 4.07
C ILE A 157 -9.30 -25.00 2.81
N ARG A 158 -9.55 -25.92 1.88
CA ARG A 158 -10.25 -25.62 0.64
C ARG A 158 -11.63 -25.06 0.97
N LEU A 159 -11.99 -23.95 0.30
CA LEU A 159 -13.28 -23.33 0.50
C LEU A 159 -14.03 -23.35 -0.84
N GLU A 160 -15.19 -24.01 -0.85
CA GLU A 160 -15.98 -24.20 -2.06
C GLU A 160 -16.59 -22.86 -2.48
N GLU A 161 -16.87 -21.99 -1.51
CA GLU A 161 -17.36 -20.64 -1.80
C GLU A 161 -16.16 -19.78 -2.21
N LEU A 162 -16.16 -19.36 -3.49
CA LEU A 162 -14.98 -18.78 -4.11
C LEU A 162 -14.98 -17.26 -4.02
N HIS A 163 -16.10 -16.68 -3.59
CA HIS A 163 -16.24 -15.23 -3.57
C HIS A 163 -16.80 -14.82 -2.21
N VAL A 164 -15.91 -14.63 -1.24
CA VAL A 164 -16.28 -14.34 0.13
C VAL A 164 -16.26 -12.83 0.32
N ILE A 165 -17.29 -12.30 0.99
CA ILE A 165 -17.43 -10.88 1.13
C ILE A 165 -16.83 -10.41 2.46
N ASP A 166 -17.20 -11.09 3.55
CA ASP A 166 -16.63 -10.85 4.87
C ASP A 166 -16.79 -12.15 5.68
N VAL A 167 -15.86 -12.37 6.62
CA VAL A 167 -15.92 -13.51 7.52
C VAL A 167 -15.58 -13.04 8.94
N LYS A 168 -16.26 -13.64 9.93
CA LYS A 168 -15.95 -13.51 11.35
C LYS A 168 -15.97 -14.89 12.02
N PHE A 169 -15.29 -14.99 13.16
CA PHE A 169 -15.49 -16.10 14.09
C PHE A 169 -16.63 -15.77 15.04
N LEU A 170 -17.50 -16.77 15.27
CA LEU A 170 -18.63 -16.63 16.20
C LEU A 170 -18.16 -16.83 17.64
N TYR A 171 -18.85 -16.15 18.55
CA TYR A 171 -18.68 -16.31 19.99
C TYR A 171 -19.57 -17.46 20.49
N GLY A 172 -19.18 -18.06 21.62
CA GLY A 172 -20.05 -18.98 22.35
C GLY A 172 -20.24 -20.31 21.63
N CYS A 173 -19.16 -20.80 21.02
CA CYS A 173 -19.20 -22.06 20.27
C CYS A 173 -18.21 -23.05 20.87
N GLN A 174 -18.60 -24.33 20.87
CA GLN A 174 -17.79 -25.41 21.43
C GLN A 174 -16.58 -25.64 20.52
N ALA A 175 -16.82 -25.65 19.20
CA ALA A 175 -15.76 -25.68 18.20
C ALA A 175 -15.62 -24.29 17.59
N PRO A 176 -14.41 -23.89 17.15
CA PRO A 176 -14.23 -22.63 16.41
C PRO A 176 -15.11 -22.61 15.16
N THR A 177 -15.89 -21.54 15.00
CA THR A 177 -16.91 -21.50 13.97
C THR A 177 -16.83 -20.18 13.21
N ILE A 178 -16.63 -20.26 11.89
CA ILE A 178 -16.64 -19.07 11.06
C ILE A 178 -18.06 -18.86 10.53
N CYS A 179 -18.42 -17.58 10.39
CA CYS A 179 -19.62 -17.13 9.70
C CYS A 179 -19.21 -16.18 8.58
N PHE A 180 -19.81 -16.35 7.40
CA PHE A 180 -19.38 -15.58 6.25
C PHE A 180 -20.52 -15.34 5.26
N VAL A 181 -20.37 -14.26 4.48
CA VAL A 181 -21.22 -13.91 3.35
C VAL A 181 -20.48 -14.25 2.06
N TYR A 182 -21.18 -14.87 1.11
CA TYR A 182 -20.58 -15.18 -0.17
C TYR A 182 -21.51 -14.83 -1.32
N GLN A 183 -20.92 -14.63 -2.51
CA GLN A 183 -21.67 -14.29 -3.71
C GLN A 183 -21.55 -15.42 -4.74
N ASP A 184 -22.69 -15.79 -5.32
CA ASP A 184 -22.74 -16.73 -6.43
C ASP A 184 -23.82 -16.26 -7.40
N PRO A 185 -23.95 -16.86 -8.61
CA PRO A 185 -25.01 -16.51 -9.55
C PRO A 185 -26.36 -16.35 -8.87
N GLN A 186 -26.66 -17.25 -7.92
CA GLN A 186 -27.93 -17.27 -7.22
C GLN A 186 -28.11 -16.02 -6.35
N GLY A 187 -27.01 -15.40 -5.92
CA GLY A 187 -27.09 -14.16 -5.15
C GLY A 187 -26.06 -14.11 -4.03
N ARG A 188 -26.42 -13.42 -2.93
CA ARG A 188 -25.61 -13.38 -1.71
C ARG A 188 -26.23 -14.32 -0.69
N HIS A 189 -25.40 -14.89 0.20
CA HIS A 189 -25.83 -15.88 1.17
C HIS A 189 -24.94 -15.78 2.40
N VAL A 190 -25.39 -16.35 3.52
CA VAL A 190 -24.60 -16.47 4.72
C VAL A 190 -24.50 -17.96 5.09
N LYS A 191 -23.29 -18.40 5.43
CA LYS A 191 -23.01 -19.80 5.72
C LYS A 191 -22.08 -19.89 6.94
N THR A 192 -22.10 -21.05 7.60
CA THR A 192 -21.23 -21.29 8.75
C THR A 192 -20.44 -22.58 8.51
N TYR A 193 -19.22 -22.62 9.06
CA TYR A 193 -18.46 -23.85 9.16
C TYR A 193 -17.76 -23.91 10.51
N GLU A 194 -17.59 -25.14 11.00
CA GLU A 194 -16.72 -25.42 12.12
C GLU A 194 -15.33 -25.71 11.59
N VAL A 195 -14.32 -25.26 12.32
CA VAL A 195 -12.93 -25.44 11.93
C VAL A 195 -12.27 -26.41 12.90
N SER A 196 -12.00 -27.64 12.46
CA SER A 196 -11.36 -28.61 13.33
C SER A 196 -9.87 -28.70 13.04
N LEU A 197 -9.06 -28.48 14.09
CA LEU A 197 -7.62 -28.51 14.00
C LEU A 197 -7.14 -29.94 13.78
N ARG A 198 -7.81 -30.92 14.41
CA ARG A 198 -7.39 -32.30 14.33
C ARG A 198 -7.65 -32.85 12.93
N GLU A 199 -8.69 -32.36 12.27
CA GLU A 199 -9.03 -32.85 10.94
C GLU A 199 -8.42 -31.97 9.84
N LYS A 200 -7.91 -30.79 10.22
CA LYS A 200 -7.47 -29.78 9.28
C LYS A 200 -8.51 -29.68 8.17
N GLU A 201 -9.74 -29.34 8.58
CA GLU A 201 -10.89 -29.39 7.67
C GLU A 201 -12.08 -28.68 8.30
N PHE A 202 -13.06 -28.35 7.44
CA PHE A 202 -14.32 -27.77 7.87
C PHE A 202 -15.28 -28.86 8.30
N ASN A 203 -16.26 -28.45 9.12
CA ASN A 203 -17.41 -29.27 9.47
C ASN A 203 -18.67 -28.41 9.38
N LYS A 204 -19.79 -29.04 9.07
CA LYS A 204 -21.09 -28.40 9.03
C LYS A 204 -21.22 -27.48 10.23
N GLY A 205 -21.61 -26.21 9.98
CA GLY A 205 -21.65 -25.20 11.02
C GLY A 205 -22.91 -25.30 11.88
N PRO A 206 -23.00 -24.53 13.01
CA PRO A 206 -24.14 -24.62 13.92
C PRO A 206 -25.53 -24.46 13.29
N TRP A 207 -25.62 -23.68 12.21
CA TRP A 207 -26.91 -23.46 11.58
C TRP A 207 -26.78 -23.28 10.07
N LYS A 208 -27.95 -23.28 9.40
CA LYS A 208 -28.03 -23.51 7.97
C LYS A 208 -27.75 -22.23 7.19
N GLN A 209 -27.84 -22.36 5.86
CA GLN A 209 -27.58 -21.30 4.91
C GLN A 209 -28.90 -20.56 4.66
N GLU A 210 -28.81 -19.24 4.43
CA GLU A 210 -29.95 -18.42 4.09
C GLU A 210 -29.57 -17.42 3.00
N ASN A 211 -30.44 -17.27 1.98
CA ASN A 211 -30.36 -16.17 1.02
C ASN A 211 -30.50 -14.86 1.78
N VAL A 212 -29.59 -13.92 1.52
CA VAL A 212 -29.58 -12.62 2.17
C VAL A 212 -29.61 -11.52 1.11
N GLU A 213 -29.41 -10.28 1.57
CA GLU A 213 -29.43 -9.08 0.74
C GLU A 213 -28.29 -9.13 -0.29
N ALA A 214 -28.58 -8.64 -1.50
CA ALA A 214 -27.66 -8.67 -2.63
C ALA A 214 -26.48 -7.72 -2.39
N GLU A 215 -26.68 -6.75 -1.49
CA GLU A 215 -25.69 -5.74 -1.17
C GLU A 215 -25.12 -5.99 0.23
N ALA A 216 -25.45 -7.13 0.84
CA ALA A 216 -24.93 -7.48 2.15
C ALA A 216 -23.41 -7.47 2.10
N SER A 217 -22.77 -6.70 2.99
CA SER A 217 -21.33 -6.55 2.86
C SER A 217 -20.56 -6.70 4.17
N MET A 218 -21.23 -6.73 5.32
CA MET A 218 -20.44 -6.84 6.54
C MET A 218 -20.96 -7.88 7.53
N VAL A 219 -20.03 -8.54 8.21
CA VAL A 219 -20.37 -9.55 9.20
C VAL A 219 -19.88 -9.10 10.56
N ILE A 220 -20.79 -9.08 11.55
CA ILE A 220 -20.46 -8.78 12.93
C ILE A 220 -20.76 -10.00 13.79
N ALA A 221 -19.74 -10.48 14.51
CA ALA A 221 -19.91 -11.55 15.48
C ALA A 221 -20.34 -10.96 16.83
N VAL A 222 -21.60 -11.21 17.19
CA VAL A 222 -22.14 -10.68 18.44
C VAL A 222 -21.66 -11.55 19.60
N PRO A 223 -21.12 -10.92 20.67
CA PRO A 223 -20.66 -11.67 21.85
C PRO A 223 -21.82 -12.18 22.70
N GLU A 224 -21.49 -12.94 23.75
CA GLU A 224 -22.48 -13.43 24.70
C GLU A 224 -22.96 -12.28 25.57
N PRO A 225 -24.25 -12.25 25.96
CA PRO A 225 -25.11 -13.43 25.92
C PRO A 225 -25.95 -13.63 24.65
N PHE A 226 -25.67 -12.85 23.60
CA PHE A 226 -26.46 -12.94 22.38
C PHE A 226 -25.95 -14.06 21.48
N GLY A 227 -24.65 -14.10 21.23
CA GLY A 227 -24.10 -14.98 20.22
C GLY A 227 -24.66 -14.62 18.84
N GLY A 228 -24.34 -15.45 17.83
CA GLY A 228 -24.86 -15.22 16.49
C GLY A 228 -24.14 -14.06 15.79
N ALA A 229 -24.72 -13.59 14.69
CA ALA A 229 -24.07 -12.61 13.82
C ALA A 229 -25.07 -11.58 13.28
N ILE A 230 -24.54 -10.37 13.05
CA ILE A 230 -25.26 -9.31 12.38
C ILE A 230 -24.64 -9.10 11.00
N ILE A 231 -25.51 -9.04 9.99
CA ILE A 231 -25.14 -8.86 8.59
C ILE A 231 -25.65 -7.49 8.14
N ILE A 232 -24.71 -6.61 7.76
CA ILE A 232 -25.05 -5.28 7.30
C ILE A 232 -25.12 -5.24 5.77
N GLY A 233 -26.28 -4.82 5.25
CA GLY A 233 -26.53 -4.68 3.83
C GLY A 233 -26.70 -3.22 3.45
N GLN A 234 -27.08 -2.96 2.19
CA GLN A 234 -27.25 -1.59 1.70
C GLN A 234 -28.43 -0.95 2.42
N GLU A 235 -29.52 -1.70 2.55
CA GLU A 235 -30.75 -1.14 3.09
C GLU A 235 -31.37 -2.08 4.13
N SER A 236 -30.59 -3.08 4.56
CA SER A 236 -31.12 -4.05 5.51
C SER A 236 -30.07 -4.47 6.54
N ILE A 237 -30.52 -4.66 7.78
CA ILE A 237 -29.69 -5.22 8.83
C ILE A 237 -30.37 -6.46 9.39
N THR A 238 -29.61 -7.55 9.55
CA THR A 238 -30.16 -8.83 9.95
C THR A 238 -29.36 -9.43 11.10
N TYR A 239 -30.05 -10.05 12.06
CA TYR A 239 -29.44 -10.88 13.08
C TYR A 239 -29.79 -12.34 12.80
N HIS A 240 -28.80 -13.24 12.92
CA HIS A 240 -29.03 -14.67 12.85
C HIS A 240 -28.36 -15.39 14.02
N ASN A 241 -29.08 -16.37 14.62
CA ASN A 241 -28.52 -17.24 15.63
C ASN A 241 -29.08 -18.65 15.51
N GLY A 242 -29.53 -19.02 14.30
CA GLY A 242 -30.04 -20.36 14.07
C GLY A 242 -31.54 -20.32 13.83
N ASP A 243 -32.31 -20.68 14.88
CA ASP A 243 -33.76 -20.66 14.80
C ASP A 243 -34.24 -19.21 14.76
N LYS A 244 -33.55 -18.33 15.48
CA LYS A 244 -33.89 -16.92 15.53
C LYS A 244 -33.37 -16.24 14.26
N TYR A 245 -34.27 -15.49 13.61
CA TYR A 245 -33.93 -14.63 12.49
C TYR A 245 -34.66 -13.30 12.65
N LEU A 246 -33.91 -12.19 12.67
CA LEU A 246 -34.52 -10.89 12.83
C LEU A 246 -33.96 -9.95 11.78
N ALA A 247 -34.85 -9.23 11.09
CA ALA A 247 -34.46 -8.31 10.04
C ALA A 247 -35.18 -6.98 10.18
N ILE A 248 -34.42 -5.89 10.01
CA ILE A 248 -34.97 -4.55 9.97
C ILE A 248 -34.49 -3.87 8.68
N ALA A 249 -35.37 -3.06 8.10
CA ALA A 249 -35.03 -2.27 6.93
C ALA A 249 -35.35 -0.81 7.24
N PRO A 250 -34.51 -0.11 8.04
CA PRO A 250 -34.76 1.29 8.39
C PRO A 250 -34.47 2.26 7.25
N PRO A 251 -35.43 3.18 6.95
CA PRO A 251 -35.28 4.11 5.83
C PRO A 251 -34.02 4.96 5.97
N ILE A 252 -33.61 5.20 7.21
CA ILE A 252 -32.52 6.13 7.51
C ILE A 252 -31.23 5.67 6.82
N ILE A 253 -30.99 4.36 6.77
CA ILE A 253 -29.75 3.81 6.24
C ILE A 253 -29.78 3.65 4.72
N LYS A 254 -30.94 3.92 4.08
CA LYS A 254 -31.08 3.61 2.65
C LYS A 254 -30.34 4.62 1.78
N GLN A 255 -30.06 5.82 2.33
CA GLN A 255 -29.45 6.90 1.58
C GLN A 255 -27.99 6.60 1.24
N SER A 256 -27.25 6.01 2.18
CA SER A 256 -25.82 5.81 1.99
C SER A 256 -25.38 4.45 2.54
N THR A 257 -24.20 4.00 2.09
CA THR A 257 -23.64 2.71 2.45
C THR A 257 -22.82 2.82 3.74
N ILE A 258 -23.04 1.85 4.64
CA ILE A 258 -22.30 1.70 5.89
C ILE A 258 -20.98 0.99 5.60
N VAL A 259 -19.87 1.60 6.05
CA VAL A 259 -18.55 1.16 5.63
C VAL A 259 -17.72 0.67 6.82
N CYS A 260 -18.09 1.08 8.04
CA CYS A 260 -17.39 0.60 9.22
C CYS A 260 -18.33 0.53 10.42
N HIS A 261 -17.93 -0.29 11.40
CA HIS A 261 -18.68 -0.55 12.61
C HIS A 261 -17.69 -0.79 13.75
N ASN A 262 -18.17 -0.63 14.99
CA ASN A 262 -17.41 -0.99 16.19
C ASN A 262 -18.38 -1.24 17.35
N ARG A 263 -17.95 -2.08 18.30
CA ARG A 263 -18.75 -2.45 19.45
C ARG A 263 -18.54 -1.39 20.54
N VAL A 264 -19.65 -0.88 21.09
CA VAL A 264 -19.58 0.08 22.17
C VAL A 264 -19.62 -0.66 23.50
N ASP A 265 -20.69 -1.43 23.71
CA ASP A 265 -20.89 -2.21 24.92
C ASP A 265 -20.18 -3.55 24.77
N PRO A 266 -19.42 -4.02 25.77
CA PRO A 266 -18.70 -5.30 25.67
C PRO A 266 -19.57 -6.53 25.39
N ASN A 267 -20.83 -6.48 25.82
CA ASN A 267 -21.78 -7.57 25.64
C ASN A 267 -22.51 -7.44 24.31
N GLY A 268 -22.20 -6.37 23.55
CA GLY A 268 -22.71 -6.14 22.21
C GLY A 268 -24.16 -5.66 22.17
N SER A 269 -24.58 -4.90 23.19
CA SER A 269 -25.91 -4.33 23.19
C SER A 269 -25.95 -3.15 22.23
N ARG A 270 -24.83 -2.44 22.08
CA ARG A 270 -24.77 -1.27 21.23
C ARG A 270 -23.55 -1.29 20.31
N TYR A 271 -23.71 -0.76 19.09
CA TYR A 271 -22.66 -0.64 18.09
C TYR A 271 -22.76 0.71 17.39
N LEU A 272 -21.58 1.29 17.07
CA LEU A 272 -21.46 2.45 16.20
C LEU A 272 -21.34 1.97 14.75
N LEU A 273 -22.03 2.68 13.84
CA LEU A 273 -21.91 2.44 12.41
C LEU A 273 -21.61 3.76 11.70
N GLY A 274 -20.72 3.71 10.71
CA GLY A 274 -20.38 4.88 9.91
C GLY A 274 -20.70 4.66 8.43
N ASP A 275 -21.20 5.70 7.76
CA ASP A 275 -21.57 5.58 6.36
C ASP A 275 -20.66 6.49 5.52
N MET A 276 -20.88 6.45 4.19
CA MET A 276 -20.02 7.12 3.22
C MET A 276 -20.18 8.63 3.31
N GLU A 277 -21.31 9.10 3.83
CA GLU A 277 -21.59 10.53 3.88
C GLU A 277 -21.14 11.12 5.21
N GLY A 278 -20.53 10.29 6.06
CA GLY A 278 -20.03 10.73 7.36
C GLY A 278 -21.09 10.76 8.46
N ARG A 279 -22.23 10.08 8.25
CA ARG A 279 -23.25 9.94 9.27
C ARG A 279 -22.82 8.88 10.28
N LEU A 280 -23.19 9.07 11.54
CA LEU A 280 -22.84 8.14 12.60
C LEU A 280 -24.12 7.61 13.23
N PHE A 281 -24.23 6.28 13.32
CA PHE A 281 -25.41 5.63 13.89
C PHE A 281 -25.04 4.80 15.11
N MET A 282 -26.03 4.63 15.99
CA MET A 282 -26.01 3.62 17.03
C MET A 282 -26.93 2.48 16.61
N LEU A 283 -26.41 1.24 16.64
CA LEU A 283 -27.25 0.06 16.48
C LEU A 283 -27.48 -0.58 17.84
N LEU A 284 -28.73 -0.54 18.31
CA LEU A 284 -29.12 -1.10 19.59
C LEU A 284 -29.67 -2.51 19.40
N LEU A 285 -29.20 -3.44 20.25
CA LEU A 285 -29.78 -4.77 20.40
C LEU A 285 -30.60 -4.82 21.69
N GLU A 286 -31.92 -5.03 21.56
CA GLU A 286 -32.79 -5.10 22.73
C GLU A 286 -32.71 -6.49 23.36
N LYS A 287 -32.20 -6.54 24.60
CA LYS A 287 -32.06 -7.78 25.35
C LYS A 287 -33.43 -8.30 25.76
N GLU A 288 -33.53 -9.63 25.92
CA GLU A 288 -34.69 -10.23 26.56
C GLU A 288 -34.21 -11.25 27.59
N GLU A 289 -34.48 -10.94 28.87
CA GLU A 289 -34.16 -11.83 29.99
C GLU A 289 -35.12 -13.01 30.00
N GLN A 290 -34.63 -14.18 30.42
CA GLN A 290 -35.42 -15.39 30.41
C GLN A 290 -35.47 -15.96 31.84
N MET A 291 -36.44 -16.83 32.11
CA MET A 291 -36.52 -17.49 33.40
C MET A 291 -35.20 -18.22 33.64
N ASP A 292 -34.79 -18.99 32.62
CA ASP A 292 -33.46 -19.53 32.49
C ASP A 292 -32.47 -18.36 32.43
N GLY A 293 -31.25 -18.56 32.93
CA GLY A 293 -30.31 -17.47 33.14
C GLY A 293 -30.05 -16.60 31.90
N THR A 294 -30.54 -17.03 30.73
CA THR A 294 -30.02 -16.59 29.44
C THR A 294 -30.71 -15.32 28.95
N VAL A 295 -30.35 -14.87 27.72
CA VAL A 295 -30.79 -13.63 27.11
C VAL A 295 -30.95 -13.85 25.61
N THR A 296 -32.10 -13.42 25.05
CA THR A 296 -32.37 -13.51 23.63
C THR A 296 -32.52 -12.10 23.04
N LEU A 297 -32.27 -11.96 21.73
CA LEU A 297 -32.47 -10.67 21.07
C LEU A 297 -33.96 -10.45 20.78
N LYS A 298 -34.49 -9.35 21.32
CA LYS A 298 -35.89 -9.01 21.11
C LYS A 298 -36.07 -8.20 19.83
N ASP A 299 -35.24 -7.18 19.65
CA ASP A 299 -35.41 -6.25 18.53
C ASP A 299 -34.07 -5.58 18.16
N LEU A 300 -34.07 -4.90 16.99
CA LEU A 300 -32.97 -4.10 16.49
C LEU A 300 -33.46 -2.69 16.19
N ARG A 301 -32.71 -1.68 16.65
CA ARG A 301 -33.05 -0.31 16.31
C ARG A 301 -31.77 0.38 15.80
N VAL A 302 -31.95 1.31 14.85
CA VAL A 302 -30.86 2.13 14.38
C VAL A 302 -31.20 3.59 14.68
N GLU A 303 -30.23 4.35 15.19
CA GLU A 303 -30.46 5.73 15.58
C GLU A 303 -29.33 6.64 15.07
N LEU A 304 -29.71 7.69 14.34
CA LEU A 304 -28.75 8.66 13.81
C LEU A 304 -28.23 9.55 14.94
N LEU A 305 -26.92 9.49 15.19
CA LEU A 305 -26.29 10.24 16.27
C LEU A 305 -25.85 11.62 15.78
N GLY A 306 -25.44 11.72 14.51
CA GLY A 306 -24.97 12.97 13.93
C GLY A 306 -23.94 12.74 12.85
N GLU A 307 -23.05 13.72 12.65
CA GLU A 307 -22.11 13.69 11.54
C GLU A 307 -20.66 13.76 12.05
N THR A 308 -19.81 12.91 11.48
CA THR A 308 -18.38 12.94 11.70
C THR A 308 -17.68 13.05 10.34
N SER A 309 -16.34 13.08 10.34
CA SER A 309 -15.60 12.85 9.12
C SER A 309 -16.06 11.52 8.53
N ILE A 310 -15.78 11.31 7.24
CA ILE A 310 -16.04 10.00 6.64
C ILE A 310 -15.06 9.03 7.25
N ALA A 311 -15.58 8.03 7.97
CA ALA A 311 -14.77 7.16 8.79
C ALA A 311 -14.32 5.93 8.01
N GLU A 312 -13.04 5.60 8.12
CA GLU A 312 -12.50 4.35 7.63
C GLU A 312 -12.74 3.29 8.71
N CYS A 313 -12.57 3.74 9.96
CA CYS A 313 -12.76 2.92 11.14
C CYS A 313 -13.20 3.81 12.30
N LEU A 314 -13.94 3.19 13.22
CA LEU A 314 -14.42 3.81 14.45
C LEU A 314 -13.91 2.98 15.63
N THR A 315 -13.67 3.63 16.78
CA THR A 315 -13.56 2.92 18.05
C THR A 315 -14.06 3.81 19.17
N TYR A 316 -14.87 3.21 20.04
CA TYR A 316 -15.26 3.85 21.28
C TYR A 316 -14.05 3.84 22.21
N LEU A 317 -13.81 4.96 22.90
CA LEU A 317 -12.70 5.04 23.82
C LEU A 317 -13.17 4.91 25.27
N ASP A 318 -13.62 6.02 25.87
CA ASP A 318 -14.10 6.03 27.25
C ASP A 318 -14.88 7.32 27.50
N ASN A 319 -15.87 7.25 28.41
CA ASN A 319 -16.65 8.40 28.86
C ASN A 319 -17.28 9.12 27.67
N GLY A 320 -17.89 8.35 26.77
CA GLY A 320 -18.63 8.88 25.64
C GLY A 320 -17.71 9.44 24.55
N VAL A 321 -16.43 9.06 24.58
CA VAL A 321 -15.50 9.57 23.58
C VAL A 321 -15.26 8.51 22.52
N VAL A 322 -15.47 8.89 21.25
CA VAL A 322 -15.26 8.05 20.08
C VAL A 322 -14.14 8.62 19.22
N PHE A 323 -13.19 7.77 18.82
CA PHE A 323 -12.16 8.10 17.85
C PHE A 323 -12.62 7.73 16.45
N VAL A 324 -12.67 8.73 15.56
CA VAL A 324 -13.02 8.52 14.17
C VAL A 324 -11.75 8.57 13.33
N GLY A 325 -11.36 7.42 12.77
CA GLY A 325 -10.23 7.36 11.86
C GLY A 325 -10.68 7.54 10.42
N SER A 326 -10.20 8.60 9.77
CA SER A 326 -10.60 8.91 8.41
C SER A 326 -9.46 8.73 7.41
N ARG A 327 -9.82 8.17 6.25
CA ARG A 327 -8.94 7.97 5.10
C ARG A 327 -9.06 9.19 4.18
N LEU A 328 -10.30 9.66 4.00
CA LEU A 328 -10.68 10.66 3.02
C LEU A 328 -10.73 12.06 3.64
N GLY A 329 -10.59 12.15 4.96
CA GLY A 329 -10.71 13.42 5.66
C GLY A 329 -9.88 13.44 6.93
N ASP A 330 -9.96 14.54 7.69
CA ASP A 330 -9.29 14.64 8.98
C ASP A 330 -9.86 13.60 9.94
N SER A 331 -8.99 13.04 10.78
CA SER A 331 -9.42 12.15 11.86
C SER A 331 -9.89 12.99 13.04
N GLN A 332 -10.66 12.37 13.96
CA GLN A 332 -11.34 13.14 15.00
C GLN A 332 -11.44 12.35 16.31
N LEU A 333 -11.51 13.11 17.41
CA LEU A 333 -12.14 12.70 18.65
C LEU A 333 -13.51 13.38 18.74
N VAL A 334 -14.57 12.60 18.94
CA VAL A 334 -15.88 13.21 19.17
C VAL A 334 -16.46 12.70 20.49
N LYS A 335 -17.30 13.55 21.11
CA LYS A 335 -18.08 13.20 22.28
C LYS A 335 -19.51 12.89 21.85
N LEU A 336 -20.05 11.79 22.36
CA LEU A 336 -21.48 11.50 22.32
C LEU A 336 -22.09 11.98 23.64
N ASN A 337 -23.12 12.83 23.53
CA ASN A 337 -23.84 13.36 24.67
C ASN A 337 -25.15 12.63 24.86
N VAL A 338 -25.82 12.86 25.99
CA VAL A 338 -27.14 12.30 26.16
C VAL A 338 -28.16 13.24 25.53
N ASP A 339 -27.99 14.55 25.79
CA ASP A 339 -28.82 15.58 25.21
C ASP A 339 -28.30 15.92 23.81
N SER A 340 -29.23 16.11 22.87
CA SER A 340 -28.88 16.62 21.55
C SER A 340 -28.63 18.13 21.65
N ASN A 341 -28.10 18.70 20.57
CA ASN A 341 -28.01 20.15 20.45
C ASN A 341 -29.24 20.63 19.69
N GLU A 342 -29.27 21.93 19.38
CA GLU A 342 -30.43 22.58 18.78
C GLU A 342 -30.75 21.97 17.41
N GLN A 343 -29.73 21.46 16.70
CA GLN A 343 -29.93 20.95 15.35
C GLN A 343 -30.40 19.49 15.41
N GLY A 344 -30.44 18.94 16.63
CA GLY A 344 -30.87 17.58 16.83
C GLY A 344 -29.68 16.63 16.85
N SER A 345 -28.47 17.21 16.92
CA SER A 345 -27.26 16.40 16.88
C SER A 345 -26.77 16.05 18.29
N TYR A 346 -26.34 14.78 18.41
CA TYR A 346 -25.84 14.23 19.65
C TYR A 346 -24.31 14.23 19.65
N VAL A 347 -23.67 14.55 18.52
CA VAL A 347 -22.22 14.43 18.36
C VAL A 347 -21.57 15.81 18.50
N VAL A 348 -20.45 15.86 19.25
CA VAL A 348 -19.69 17.10 19.43
C VAL A 348 -18.21 16.78 19.20
N ALA A 349 -17.58 17.54 18.31
CA ALA A 349 -16.17 17.35 17.98
C ALA A 349 -15.30 17.91 19.10
N MET A 350 -14.29 17.12 19.52
CA MET A 350 -13.37 17.51 20.57
C MET A 350 -12.01 17.84 19.97
N GLU A 351 -11.55 17.01 19.04
CA GLU A 351 -10.25 17.19 18.41
C GLU A 351 -10.34 16.75 16.95
N THR A 352 -9.52 17.40 16.09
CA THR A 352 -9.35 16.97 14.71
C THR A 352 -7.85 16.73 14.44
N PHE A 353 -7.55 15.69 13.67
CA PHE A 353 -6.18 15.42 13.27
C PHE A 353 -6.05 15.60 11.76
N THR A 354 -5.03 16.36 11.32
CA THR A 354 -4.81 16.69 9.92
C THR A 354 -4.47 15.45 9.10
N ASN A 355 -5.27 15.23 8.05
CA ASN A 355 -5.06 14.20 7.04
C ASN A 355 -4.96 14.89 5.67
N LEU A 356 -3.79 14.76 5.04
CA LEU A 356 -3.55 15.32 3.72
C LEU A 356 -4.15 14.44 2.64
N GLY A 357 -4.46 13.19 2.97
CA GLY A 357 -4.80 12.18 2.00
C GLY A 357 -6.27 12.18 1.59
N PRO A 358 -6.59 11.68 0.38
CA PRO A 358 -5.56 11.40 -0.63
C PRO A 358 -5.14 12.69 -1.31
N ILE A 359 -3.83 12.84 -1.52
CA ILE A 359 -3.32 13.91 -2.37
C ILE A 359 -3.57 13.48 -3.81
N VAL A 360 -4.42 14.25 -4.50
CA VAL A 360 -4.93 13.85 -5.79
C VAL A 360 -4.19 14.63 -6.86
N ASP A 361 -3.70 15.81 -6.48
CA ASP A 361 -2.85 16.63 -7.32
C ASP A 361 -2.14 17.60 -6.39
N MET A 362 -1.15 18.35 -6.92
CA MET A 362 -0.46 19.34 -6.13
C MET A 362 0.48 20.13 -7.00
N CYS A 363 0.92 21.30 -6.50
CA CYS A 363 1.92 22.10 -7.19
C CYS A 363 2.77 22.87 -6.19
N VAL A 364 4.00 23.18 -6.61
CA VAL A 364 4.97 23.96 -5.86
C VAL A 364 4.91 25.41 -6.35
N VAL A 365 4.78 26.34 -5.40
CA VAL A 365 4.74 27.76 -5.68
C VAL A 365 5.64 28.47 -4.68
N ASP A 366 6.32 29.55 -5.12
CA ASP A 366 7.11 30.40 -4.26
C ASP A 366 6.24 31.52 -3.71
N LEU A 367 5.43 31.23 -2.69
CA LEU A 367 4.51 32.21 -2.13
C LEU A 367 5.25 33.13 -1.16
N GLY A 371 12.05 32.99 -1.23
CA GLY A 371 12.87 31.93 -1.86
C GLY A 371 12.54 30.54 -1.32
N GLN A 372 11.52 30.47 -0.47
CA GLN A 372 11.06 29.23 0.14
C GLN A 372 9.81 28.77 -0.61
N GLY A 373 9.82 27.51 -1.09
CA GLY A 373 8.71 26.96 -1.87
C GLY A 373 7.58 26.41 -0.99
N GLN A 374 6.34 26.80 -1.33
CA GLN A 374 5.15 26.32 -0.65
C GLN A 374 4.44 25.35 -1.59
N LEU A 375 3.88 24.28 -1.01
CA LEU A 375 3.28 23.19 -1.75
C LEU A 375 1.77 23.24 -1.53
N VAL A 376 0.98 23.30 -2.61
CA VAL A 376 -0.46 23.36 -2.46
C VAL A 376 -1.07 22.09 -3.05
N THR A 377 -1.84 21.35 -2.24
CA THR A 377 -2.38 20.07 -2.65
C THR A 377 -3.87 20.19 -2.91
N CYS A 378 -4.37 19.26 -3.74
CA CYS A 378 -5.76 18.85 -3.76
C CYS A 378 -5.92 17.64 -2.84
N SER A 379 -6.66 17.84 -1.74
CA SER A 379 -6.70 16.85 -0.68
C SER A 379 -8.13 16.38 -0.44
N GLY A 380 -8.26 15.11 -0.07
CA GLY A 380 -9.53 14.61 0.44
C GLY A 380 -10.50 14.29 -0.68
N ALA A 381 -11.77 14.10 -0.30
CA ALA A 381 -12.83 13.66 -1.20
C ALA A 381 -14.19 14.00 -0.60
N PHE A 382 -15.16 14.31 -1.45
CA PHE A 382 -16.51 14.54 -1.00
C PHE A 382 -16.53 15.72 -0.02
N LYS A 383 -17.35 15.66 1.02
CA LYS A 383 -17.47 16.79 1.93
C LYS A 383 -16.14 17.13 2.60
N GLU A 384 -15.18 16.19 2.56
CA GLU A 384 -13.88 16.34 3.20
C GLU A 384 -12.86 17.04 2.28
N GLY A 385 -13.27 17.35 1.05
CA GLY A 385 -12.36 17.92 0.06
C GLY A 385 -11.78 19.23 0.56
N SER A 386 -10.52 19.50 0.20
CA SER A 386 -9.80 20.66 0.72
C SER A 386 -8.58 20.96 -0.13
N LEU A 387 -8.08 22.19 0.01
CA LEU A 387 -6.70 22.50 -0.32
C LEU A 387 -5.91 22.53 0.98
N ARG A 388 -4.66 22.06 0.92
CA ARG A 388 -3.72 22.19 2.01
C ARG A 388 -2.49 22.92 1.48
N ILE A 389 -2.03 23.93 2.22
CA ILE A 389 -0.84 24.68 1.87
C ILE A 389 0.27 24.28 2.85
N ILE A 390 1.38 23.75 2.33
CA ILE A 390 2.41 23.14 3.16
C ILE A 390 3.72 23.90 3.02
N ARG A 391 4.29 24.31 4.17
CA ARG A 391 5.42 25.21 4.28
C ARG A 391 6.39 24.66 5.34
N ASN A 392 7.68 24.97 5.20
CA ASN A 392 8.63 24.79 6.30
C ASN A 392 8.53 26.02 7.20
N GLY A 393 8.56 25.79 8.52
CA GLY A 393 8.38 26.86 9.49
C GLY A 393 7.18 26.57 10.39
N ILE A 394 6.96 27.43 11.38
CA ILE A 394 5.83 27.28 12.29
C ILE A 394 5.02 28.58 12.27
N GLY A 395 3.69 28.42 12.27
CA GLY A 395 2.75 29.52 12.15
C GLY A 395 2.06 29.87 13.47
N ILE A 396 1.68 31.15 13.59
CA ILE A 396 0.89 31.62 14.71
C ILE A 396 -0.51 31.95 14.21
N HIS A 397 -1.51 31.30 14.81
CA HIS A 397 -2.91 31.63 14.56
C HIS A 397 -3.31 32.77 15.49
N GLU A 398 -3.19 34.01 15.00
CA GLU A 398 -3.44 35.21 15.78
C GLU A 398 -4.92 35.32 16.11
N HIS A 399 -5.22 35.54 17.39
CA HIS A 399 -6.60 35.69 17.82
C HIS A 399 -6.84 37.13 18.27
N ALA A 400 -5.75 37.88 18.51
CA ALA A 400 -5.84 39.23 19.04
C ALA A 400 -4.56 40.01 18.72
N SER A 401 -4.73 41.32 18.51
CA SER A 401 -3.63 42.23 18.27
C SER A 401 -3.95 43.59 18.89
N ILE A 402 -3.05 44.07 19.76
CA ILE A 402 -3.31 45.26 20.58
C ILE A 402 -2.15 46.24 20.41
N ASP A 403 -2.51 47.52 20.24
CA ASP A 403 -1.56 48.61 20.04
C ASP A 403 -0.94 48.99 21.38
N LEU A 404 0.21 48.39 21.71
CA LEU A 404 0.90 48.66 22.95
C LEU A 404 2.42 48.68 22.74
N PRO A 405 3.02 49.90 22.57
CA PRO A 405 4.45 50.06 22.39
C PRO A 405 5.26 50.02 23.69
N GLY A 406 6.53 49.61 23.57
CA GLY A 406 7.52 49.79 24.62
C GLY A 406 7.51 48.67 25.66
N ILE A 407 6.86 47.55 25.33
CA ILE A 407 6.78 46.41 26.23
C ILE A 407 8.18 45.85 26.44
N LYS A 408 8.55 45.64 27.71
CA LYS A 408 9.91 45.29 28.12
C LYS A 408 9.90 43.96 28.87
N GLY A 409 8.75 43.29 28.91
CA GLY A 409 8.58 42.03 29.60
C GLY A 409 7.11 41.63 29.70
N LEU A 410 6.85 40.37 30.07
CA LEU A 410 5.55 39.75 29.87
C LEU A 410 5.38 38.51 30.76
N TRP A 411 4.36 38.52 31.64
CA TRP A 411 4.17 37.40 32.56
C TRP A 411 2.70 36.97 32.68
N PRO A 412 2.43 35.64 32.71
CA PRO A 412 1.09 35.11 32.94
C PRO A 412 0.84 34.78 34.41
N LEU A 413 -0.42 34.86 34.81
CA LEU A 413 -0.75 34.91 36.22
C LEU A 413 -2.16 34.37 36.47
N ARG A 414 -2.26 33.56 37.53
CA ARG A 414 -3.55 33.11 38.02
C ARG A 414 -3.93 33.95 39.25
N SER A 415 -5.04 34.69 39.15
CA SER A 415 -5.48 35.57 40.23
C SER A 415 -6.21 34.76 41.29
N ASP A 416 -7.07 33.85 40.84
CA ASP A 416 -7.82 32.96 41.70
C ASP A 416 -7.01 31.67 41.86
N PRO A 417 -6.73 31.24 43.12
CA PRO A 417 -5.98 30.00 43.37
C PRO A 417 -6.69 28.72 42.93
N ASN A 418 -8.02 28.73 42.97
CA ASN A 418 -8.80 27.55 42.59
C ASN A 418 -8.83 27.39 41.07
N ARG A 419 -8.85 28.51 40.32
CA ARG A 419 -8.60 28.51 38.89
C ARG A 419 -7.25 27.86 38.61
N GLU A 420 -7.22 26.87 37.73
CA GLU A 420 -5.95 26.28 37.30
C GLU A 420 -5.55 26.83 35.93
N THR A 421 -6.19 27.93 35.53
CA THR A 421 -5.91 28.60 34.26
C THR A 421 -5.62 30.08 34.51
N ASP A 422 -4.71 30.63 33.69
CA ASP A 422 -4.30 32.03 33.74
C ASP A 422 -5.49 32.93 33.39
N ASP A 423 -5.60 34.04 34.13
CA ASP A 423 -6.65 35.01 33.91
C ASP A 423 -6.05 36.40 33.74
N THR A 424 -4.75 36.51 34.04
CA THR A 424 -4.06 37.79 34.11
C THR A 424 -2.83 37.79 33.23
N LEU A 425 -2.54 38.96 32.64
CA LEU A 425 -1.31 39.20 31.91
C LEU A 425 -0.68 40.47 32.46
N VAL A 426 0.51 40.32 33.06
CA VAL A 426 1.25 41.46 33.61
C VAL A 426 2.29 41.91 32.58
N LEU A 427 2.30 43.21 32.31
CA LEU A 427 3.18 43.78 31.30
C LEU A 427 4.18 44.74 31.95
N SER A 428 5.38 44.82 31.37
CA SER A 428 6.47 45.65 31.84
C SER A 428 6.81 46.72 30.82
N PHE A 429 7.25 47.89 31.33
CA PHE A 429 7.65 49.05 30.55
C PHE A 429 8.84 49.67 31.27
N VAL A 430 9.38 50.79 30.74
CA VAL A 430 10.69 51.29 31.16
C VAL A 430 10.76 51.40 32.68
N GLY A 431 9.78 52.08 33.28
CA GLY A 431 9.77 52.26 34.72
C GLY A 431 8.42 51.92 35.33
N GLN A 432 7.55 51.30 34.53
CA GLN A 432 6.16 51.11 34.90
C GLN A 432 5.74 49.66 34.70
N THR A 433 4.57 49.32 35.27
CA THR A 433 3.96 47.99 35.16
C THR A 433 2.45 48.17 35.04
N ARG A 434 1.82 47.37 34.16
CA ARG A 434 0.38 47.38 33.99
C ARG A 434 -0.15 45.93 33.99
N VAL A 435 -1.32 45.76 34.59
CA VAL A 435 -1.95 44.47 34.80
C VAL A 435 -3.17 44.37 33.90
N LEU A 436 -3.35 43.21 33.25
CA LEU A 436 -4.45 42.99 32.32
C LEU A 436 -5.19 41.70 32.68
N MET A 437 -6.51 41.68 32.44
CA MET A 437 -7.40 40.58 32.81
C MET A 437 -8.28 40.20 31.62
N LEU A 438 -8.49 38.89 31.43
CA LEU A 438 -9.26 38.39 30.30
C LEU A 438 -10.68 38.04 30.77
N ASN A 439 -11.68 38.64 30.11
CA ASN A 439 -13.10 38.41 30.37
C ASN A 439 -13.30 37.03 31.00
N GLU A 442 -11.55 38.14 26.75
CA GLU A 442 -11.80 39.51 26.22
C GLU A 442 -10.74 40.46 26.77
N VAL A 443 -10.86 41.75 26.39
CA VAL A 443 -9.81 42.75 26.56
C VAL A 443 -9.96 43.48 27.90
N GLU A 444 -9.09 44.48 28.12
CA GLU A 444 -9.15 45.53 29.14
C GLU A 444 -8.32 45.19 30.39
N GLU A 445 -7.79 46.24 31.04
CA GLU A 445 -6.79 46.16 32.10
C GLU A 445 -7.43 46.30 33.48
N THR A 446 -6.59 46.35 34.52
CA THR A 446 -6.99 46.40 35.92
C THR A 446 -5.80 46.79 36.80
N GLU A 447 -5.96 46.57 38.12
CA GLU A 447 -4.89 46.73 39.09
C GLU A 447 -4.91 45.53 40.04
N LEU A 448 -3.73 45.02 40.39
CA LEU A 448 -3.64 43.89 41.30
C LEU A 448 -3.06 44.35 42.64
N MET A 449 -3.84 44.16 43.72
CA MET A 449 -3.45 44.56 45.06
C MET A 449 -2.17 43.82 45.45
N GLY A 450 -1.24 44.56 46.07
CA GLY A 450 0.05 44.02 46.48
C GLY A 450 1.16 44.33 45.47
N PHE A 451 0.75 44.56 44.21
CA PHE A 451 1.68 44.86 43.12
C PHE A 451 1.84 46.37 42.98
N VAL A 452 3.09 46.80 42.74
CA VAL A 452 3.45 48.18 42.45
C VAL A 452 3.26 48.40 40.95
N ASP A 453 3.07 49.66 40.54
CA ASP A 453 2.85 50.00 39.13
C ASP A 453 3.84 51.07 38.66
N ASP A 454 4.64 51.61 39.59
CA ASP A 454 5.50 52.74 39.31
C ASP A 454 6.98 52.32 39.29
N GLN A 455 7.22 51.00 39.27
CA GLN A 455 8.55 50.45 39.06
C GLN A 455 8.48 49.41 37.93
N GLN A 456 9.64 49.08 37.36
CA GLN A 456 9.70 48.07 36.30
C GLN A 456 9.71 46.68 36.92
N THR A 457 8.76 45.82 36.48
CA THR A 457 8.72 44.43 36.88
C THR A 457 9.76 43.64 36.10
N PHE A 458 10.55 42.85 36.81
CA PHE A 458 11.61 42.03 36.23
C PHE A 458 11.18 40.57 36.24
N PHE A 459 10.24 40.23 37.13
CA PHE A 459 9.55 38.95 37.13
C PHE A 459 8.30 39.08 38.01
N CYS A 460 7.27 38.29 37.66
CA CYS A 460 6.15 38.09 38.56
C CYS A 460 5.41 36.79 38.22
N GLY A 461 4.54 36.34 39.15
CA GLY A 461 3.69 35.18 38.95
C GLY A 461 3.49 34.33 40.21
N ASN A 462 2.93 33.12 40.01
CA ASN A 462 2.45 32.23 41.06
C ASN A 462 3.60 31.54 41.77
N VAL A 463 3.55 31.51 43.11
CA VAL A 463 4.57 30.87 43.93
C VAL A 463 3.93 29.88 44.91
N ALA A 464 4.73 29.40 45.87
CA ALA A 464 4.34 28.39 46.83
C ALA A 464 3.36 28.96 47.86
N HIS A 465 2.58 28.07 48.49
CA HIS A 465 1.65 28.35 49.57
C HIS A 465 0.55 29.32 49.15
N GLN A 466 0.09 29.20 47.90
CA GLN A 466 -0.98 30.02 47.36
C GLN A 466 -0.67 31.51 47.52
N GLN A 467 0.57 31.87 47.18
CA GLN A 467 1.01 33.25 47.21
C GLN A 467 1.42 33.69 45.80
N LEU A 468 1.60 35.01 45.62
CA LEU A 468 2.07 35.60 44.37
C LEU A 468 3.31 36.43 44.65
N ILE A 469 4.13 36.67 43.61
CA ILE A 469 5.36 37.45 43.76
C ILE A 469 5.48 38.49 42.65
N GLN A 470 6.15 39.61 42.99
CA GLN A 470 6.56 40.62 42.04
C GLN A 470 7.95 41.11 42.43
N ILE A 471 8.91 40.98 41.50
CA ILE A 471 10.26 41.46 41.67
C ILE A 471 10.47 42.66 40.76
N THR A 472 10.73 43.83 41.35
CA THR A 472 11.00 45.03 40.57
C THR A 472 12.48 45.41 40.73
N SER A 473 12.83 46.62 40.30
CA SER A 473 14.19 47.12 40.43
C SER A 473 14.45 47.55 41.87
N ALA A 474 13.39 47.58 42.68
CA ALA A 474 13.44 48.16 44.02
C ALA A 474 13.37 47.07 45.10
N SER A 475 12.47 46.09 44.92
CA SER A 475 12.20 45.11 45.96
C SER A 475 11.57 43.84 45.40
N VAL A 476 11.56 42.80 46.25
CA VAL A 476 10.83 41.56 46.04
C VAL A 476 9.58 41.59 46.93
N ARG A 477 8.40 41.43 46.32
CA ARG A 477 7.13 41.55 47.02
C ARG A 477 6.38 40.22 47.02
N LEU A 478 6.16 39.66 48.22
CA LEU A 478 5.33 38.48 48.36
C LEU A 478 3.90 38.91 48.70
N VAL A 479 2.94 38.36 47.95
CA VAL A 479 1.55 38.77 48.05
C VAL A 479 0.67 37.54 48.25
N SER A 480 -0.25 37.62 49.21
CA SER A 480 -1.19 36.53 49.45
C SER A 480 -2.30 36.58 48.41
N PRO A 483 -7.58 36.85 48.89
CA PRO A 483 -7.24 38.00 49.74
C PRO A 483 -5.82 38.49 49.45
N LYS A 484 -5.72 39.53 48.61
CA LYS A 484 -4.44 39.95 48.04
C LYS A 484 -3.86 41.14 48.81
N ALA A 485 -2.70 40.90 49.44
CA ALA A 485 -2.02 41.90 50.23
C ALA A 485 -0.52 41.61 50.22
N LEU A 486 0.28 42.65 50.48
CA LEU A 486 1.70 42.52 50.71
C LEU A 486 1.93 41.80 52.03
N VAL A 487 2.61 40.66 51.99
CA VAL A 487 2.77 39.82 53.16
C VAL A 487 4.25 39.69 53.53
N SER A 488 5.14 40.08 52.59
CA SER A 488 6.57 40.19 52.85
C SER A 488 7.23 41.03 51.77
N GLU A 489 8.33 41.71 52.13
CA GLU A 489 9.08 42.53 51.19
C GLU A 489 10.57 42.48 51.51
N TRP A 490 11.38 42.05 50.52
CA TRP A 490 12.83 42.04 50.65
C TRP A 490 13.43 43.21 49.88
N LYS A 491 14.42 43.86 50.50
CA LYS A 491 15.24 44.88 49.87
C LYS A 491 16.70 44.60 50.17
N GLU A 492 17.58 45.12 49.30
CA GLU A 492 19.02 45.06 49.52
C GLU A 492 19.36 45.98 50.68
N PRO A 493 20.24 45.56 51.62
CA PRO A 493 20.55 46.32 52.84
C PRO A 493 20.62 47.84 52.72
N GLN A 494 21.25 48.33 51.64
CA GLN A 494 21.50 49.74 51.41
C GLN A 494 20.45 50.30 50.44
N ALA A 495 19.42 49.49 50.15
CA ALA A 495 18.34 49.84 49.25
C ALA A 495 18.88 50.15 47.84
N LYS A 496 19.95 49.45 47.45
CA LYS A 496 20.47 49.53 46.09
C LYS A 496 19.52 48.80 45.15
N ASN A 497 19.56 49.15 43.87
CA ASN A 497 18.66 48.61 42.86
C ASN A 497 18.98 47.14 42.58
N ILE A 498 17.92 46.33 42.42
CA ILE A 498 18.03 44.98 41.88
C ILE A 498 18.21 45.11 40.36
N SER A 499 19.19 44.39 39.81
CA SER A 499 19.60 44.58 38.42
C SER A 499 19.20 43.40 37.54
N VAL A 500 19.27 42.18 38.11
CA VAL A 500 18.85 40.97 37.43
C VAL A 500 18.02 40.17 38.42
N ALA A 501 17.05 39.38 37.93
CA ALA A 501 16.15 38.66 38.81
C ALA A 501 15.75 37.34 38.19
N SER A 502 15.69 36.30 39.03
CA SER A 502 15.12 35.03 38.62
C SER A 502 14.35 34.42 39.78
N CYS A 503 13.41 33.53 39.45
CA CYS A 503 12.46 33.07 40.44
C CYS A 503 11.83 31.78 39.95
N ASN A 504 11.72 30.80 40.85
CA ASN A 504 10.80 29.70 40.63
C ASN A 504 9.70 29.83 41.68
N SER A 505 9.03 28.71 41.99
CA SER A 505 7.88 28.74 42.89
C SER A 505 8.35 28.83 44.35
N SER A 506 9.62 28.50 44.61
CA SER A 506 10.09 28.34 45.97
C SER A 506 11.25 29.27 46.29
N GLN A 507 12.02 29.64 45.25
CA GLN A 507 13.29 30.31 45.42
C GLN A 507 13.31 31.63 44.66
N VAL A 508 14.17 32.54 45.11
CA VAL A 508 14.47 33.76 44.40
C VAL A 508 15.98 33.98 44.47
N VAL A 509 16.56 34.26 43.30
CA VAL A 509 17.92 34.77 43.23
C VAL A 509 17.85 36.09 42.48
N VAL A 510 18.39 37.15 43.09
CA VAL A 510 18.44 38.45 42.44
C VAL A 510 19.89 38.92 42.44
N ALA A 511 20.23 39.76 41.45
CA ALA A 511 21.56 40.33 41.37
C ALA A 511 21.47 41.83 41.64
N VAL A 512 22.45 42.33 42.40
CA VAL A 512 22.64 43.76 42.62
C VAL A 512 24.08 44.06 42.20
N GLY A 513 24.26 44.44 40.94
CA GLY A 513 25.58 44.58 40.38
C GLY A 513 26.30 43.23 40.39
N ARG A 514 27.38 43.13 41.17
CA ARG A 514 28.15 41.90 41.33
C ARG A 514 27.67 41.12 42.56
N ALA A 515 26.65 41.65 43.24
CA ALA A 515 26.15 41.01 44.45
C ALA A 515 25.03 40.04 44.09
N LEU A 516 25.04 38.88 44.74
CA LEU A 516 24.03 37.85 44.53
C LEU A 516 23.37 37.51 45.86
N TYR A 517 22.03 37.45 45.87
CA TYR A 517 21.29 37.15 47.08
C TYR A 517 20.23 36.08 46.83
N TYR A 518 20.20 35.06 47.70
CA TYR A 518 19.32 33.90 47.58
C TYR A 518 18.23 33.96 48.65
N LEU A 519 16.96 33.99 48.20
CA LEU A 519 15.80 34.07 49.08
C LEU A 519 14.97 32.81 48.91
N GLN A 520 14.26 32.41 49.97
CA GLN A 520 13.30 31.33 49.90
C GLN A 520 11.89 31.86 50.16
N ILE A 521 10.89 31.18 49.59
CA ILE A 521 9.49 31.57 49.73
C ILE A 521 8.79 30.62 50.71
N HIS A 522 8.27 31.20 51.80
CA HIS A 522 7.59 30.47 52.85
C HIS A 522 6.20 31.06 53.06
N PRO A 523 5.33 30.46 53.91
CA PRO A 523 4.03 31.05 54.20
C PRO A 523 4.28 32.46 54.73
N GLN A 524 3.89 33.45 53.92
CA GLN A 524 3.90 34.86 54.27
C GLN A 524 5.30 35.35 54.65
N GLU A 525 6.34 34.82 53.99
CA GLU A 525 7.70 35.17 54.36
C GLU A 525 8.67 34.99 53.20
N LEU A 526 9.56 35.98 53.01
CA LEU A 526 10.71 35.92 52.12
C LEU A 526 11.98 35.80 52.97
N ARG A 527 12.54 34.58 53.05
CA ARG A 527 13.63 34.28 53.95
C ARG A 527 14.97 34.35 53.22
N GLN A 528 15.82 35.32 53.58
CA GLN A 528 17.16 35.39 53.01
C GLN A 528 17.98 34.21 53.51
N ILE A 529 18.58 33.46 52.56
CA ILE A 529 19.25 32.21 52.88
C ILE A 529 20.77 32.40 52.80
N SER A 530 21.25 33.05 51.75
CA SER A 530 22.69 33.26 51.59
C SER A 530 22.97 34.37 50.57
N HIS A 531 24.21 34.86 50.60
CA HIS A 531 24.63 36.01 49.82
C HIS A 531 26.07 35.77 49.33
N THR A 532 26.40 36.32 48.15
CA THR A 532 27.77 36.27 47.65
C THR A 532 28.05 37.41 46.68
N GLU A 533 29.33 37.61 46.38
CA GLU A 533 29.78 38.65 45.47
C GLU A 533 30.54 37.99 44.32
N MET A 534 30.06 38.23 43.10
CA MET A 534 30.66 37.67 41.89
C MET A 534 31.85 38.53 41.48
N GLU A 535 32.73 37.90 40.69
CA GLU A 535 33.97 38.46 40.18
C GLU A 535 33.68 39.61 39.20
N HIS A 536 32.60 39.48 38.42
CA HIS A 536 32.18 40.49 37.45
C HIS A 536 30.70 40.80 37.63
N GLU A 537 30.20 41.78 36.86
CA GLU A 537 28.80 42.15 36.91
C GLU A 537 27.97 40.99 36.37
N VAL A 538 26.78 40.79 36.96
CA VAL A 538 25.90 39.69 36.60
C VAL A 538 25.07 40.13 35.39
N ALA A 539 25.04 39.27 34.37
CA ALA A 539 24.39 39.59 33.10
C ALA A 539 23.00 38.96 33.02
N CYS A 540 22.87 37.70 33.44
CA CYS A 540 21.58 37.02 33.41
C CYS A 540 21.57 35.84 34.39
N LEU A 541 20.37 35.39 34.78
CA LEU A 541 20.18 34.42 35.84
C LEU A 541 19.11 33.41 35.47
N ASP A 542 19.20 32.20 36.03
CA ASP A 542 18.12 31.23 35.95
C ASP A 542 18.24 30.22 37.10
N ILE A 543 17.07 29.79 37.62
CA ILE A 543 17.01 28.79 38.67
C ILE A 543 15.84 27.84 38.44
N THR A 544 15.57 27.47 37.18
CA THR A 544 14.57 26.47 36.87
C THR A 544 14.92 25.14 37.55
N PRO A 545 14.05 24.63 38.45
CA PRO A 545 14.28 23.34 39.10
C PRO A 545 14.00 22.21 38.12
N LEU A 546 14.99 21.35 37.91
CA LEU A 546 14.84 20.29 36.92
C LEU A 546 14.57 18.97 37.64
N GLY A 547 13.82 18.09 36.96
CA GLY A 547 13.23 16.89 37.54
C GLY A 547 14.24 16.05 38.31
N GLY A 551 10.44 20.92 43.33
CA GLY A 551 10.47 22.29 42.77
C GLY A 551 11.37 23.22 43.58
N LEU A 552 12.54 22.70 43.99
CA LEU A 552 13.58 23.46 44.67
C LEU A 552 14.92 23.14 44.00
N SER A 553 15.53 24.13 43.35
CA SER A 553 16.73 23.92 42.57
C SER A 553 17.95 23.83 43.48
N PRO A 554 18.86 22.85 43.27
CA PRO A 554 20.17 22.89 43.92
C PRO A 554 21.19 23.71 43.14
N LEU A 555 20.75 24.32 42.02
CA LEU A 555 21.62 24.92 41.01
C LEU A 555 21.18 26.34 40.66
N CYS A 556 22.16 27.23 40.48
CA CYS A 556 21.90 28.53 39.89
C CYS A 556 22.79 28.76 38.67
N ALA A 557 22.16 29.08 37.53
CA ALA A 557 22.86 29.33 36.28
C ALA A 557 23.03 30.84 36.07
N ILE A 558 24.25 31.27 35.76
CA ILE A 558 24.57 32.68 35.71
C ILE A 558 25.46 32.99 34.51
N GLY A 559 25.23 34.16 33.90
CA GLY A 559 26.09 34.71 32.87
C GLY A 559 26.66 36.04 33.33
N LEU A 560 27.95 36.26 33.03
CA LEU A 560 28.65 37.43 33.55
C LEU A 560 29.04 38.38 32.41
N TRP A 561 29.23 39.65 32.78
CA TRP A 561 29.91 40.63 31.96
C TRP A 561 31.39 40.30 31.92
N THR A 562 32.16 41.04 31.11
CA THR A 562 33.61 41.07 31.18
C THR A 562 34.22 39.78 30.62
N ASP A 563 34.00 38.66 31.31
CA ASP A 563 34.65 37.42 30.90
C ASP A 563 33.77 36.66 29.90
N ILE A 564 32.52 37.10 29.72
CA ILE A 564 31.57 36.45 28.83
C ILE A 564 31.53 34.95 29.17
N SER A 565 31.12 34.66 30.41
CA SER A 565 31.14 33.31 30.95
C SER A 565 29.74 32.86 31.38
N ALA A 566 29.52 31.55 31.30
CA ALA A 566 28.33 30.91 31.82
C ALA A 566 28.75 30.01 32.98
N ARG A 567 28.06 30.13 34.12
CA ARG A 567 28.48 29.36 35.28
C ARG A 567 27.29 28.67 35.92
N ILE A 568 27.54 27.49 36.48
CA ILE A 568 26.61 26.74 37.32
C ILE A 568 27.16 26.78 38.74
N LEU A 569 26.32 27.26 39.67
CA LEU A 569 26.66 27.41 41.07
C LEU A 569 25.75 26.51 41.90
N LYS A 570 26.30 25.89 42.97
CA LYS A 570 25.55 25.14 43.96
C LYS A 570 24.71 26.09 44.81
N LEU A 571 23.49 25.68 45.16
CA LEU A 571 22.64 26.45 46.06
C LEU A 571 22.55 25.72 47.40
N PRO A 572 22.69 26.43 48.55
CA PRO A 572 22.83 27.87 48.59
C PRO A 572 24.24 28.44 48.76
N SER A 573 25.25 27.55 48.69
CA SER A 573 26.63 27.90 49.00
C SER A 573 27.17 28.92 48.00
N PHE A 574 26.68 28.84 46.76
CA PHE A 574 27.13 29.63 45.62
C PHE A 574 28.49 29.14 45.11
N GLU A 575 28.89 27.95 45.55
CA GLU A 575 30.09 27.27 45.07
C GLU A 575 30.00 27.07 43.57
N LEU A 576 31.12 27.33 42.87
CA LEU A 576 31.20 27.13 41.44
C LEU A 576 31.32 25.64 41.15
N LEU A 577 30.41 25.14 40.29
CA LEU A 577 30.46 23.76 39.85
C LEU A 577 31.01 23.70 38.42
N HIS A 578 30.76 24.76 37.65
CA HIS A 578 31.21 24.78 36.26
C HIS A 578 31.29 26.19 35.69
N LYS A 579 32.42 26.51 35.05
CA LYS A 579 32.57 27.77 34.33
C LYS A 579 32.79 27.46 32.86
N GLU A 580 32.15 28.23 31.97
CA GLU A 580 32.36 28.12 30.53
C GLU A 580 32.65 29.50 29.94
N MET A 581 33.82 29.63 29.31
CA MET A 581 34.11 30.85 28.58
C MET A 581 33.44 30.78 27.21
N LEU A 582 32.47 31.67 26.97
CA LEU A 582 31.70 31.66 25.75
C LEU A 582 32.50 32.34 24.64
N GLY A 583 33.29 33.35 25.03
CA GLY A 583 34.19 34.03 24.11
C GLY A 583 33.48 35.18 23.41
N GLY A 584 34.28 36.06 22.78
CA GLY A 584 33.76 37.26 22.17
C GLY A 584 33.76 38.44 23.14
N GLU A 585 33.22 39.58 22.68
CA GLU A 585 33.12 40.78 23.49
C GLU A 585 31.65 41.11 23.72
N ILE A 586 30.77 40.10 23.59
CA ILE A 586 29.34 40.31 23.72
C ILE A 586 28.82 39.47 24.88
N ILE A 587 28.04 40.10 25.76
CA ILE A 587 27.57 39.49 26.99
C ILE A 587 26.44 38.51 26.71
N PRO A 588 26.28 37.46 27.55
CA PRO A 588 25.11 36.60 27.46
C PRO A 588 23.92 37.49 27.76
N ARG A 589 22.81 37.28 27.04
CA ARG A 589 21.63 38.12 27.22
C ARG A 589 20.61 37.35 28.05
N SER A 590 20.47 36.07 27.72
CA SER A 590 19.50 35.19 28.34
C SER A 590 20.17 33.85 28.64
N ILE A 591 19.75 33.21 29.74
CA ILE A 591 20.26 31.91 30.11
C ILE A 591 19.10 31.12 30.73
N LEU A 592 19.11 29.81 30.55
CA LEU A 592 17.96 29.02 30.91
C LEU A 592 18.39 27.57 31.10
N MET A 593 17.85 26.91 32.13
CA MET A 593 17.97 25.48 32.31
C MET A 593 16.63 24.84 31.95
N THR A 594 16.65 23.69 31.26
CA THR A 594 15.45 23.10 30.71
C THR A 594 15.61 21.59 30.54
N THR A 595 14.47 20.88 30.61
CA THR A 595 14.38 19.47 30.26
C THR A 595 13.67 19.35 28.91
N PHE A 596 14.06 18.37 28.10
CA PHE A 596 13.39 18.21 26.82
C PHE A 596 12.74 16.84 26.72
N GLU A 597 13.58 15.80 26.76
CA GLU A 597 13.11 14.43 26.76
C GLU A 597 13.77 13.69 27.93
N SER A 598 13.42 14.13 29.14
CA SER A 598 14.06 13.69 30.38
C SER A 598 15.58 13.84 30.29
N SER A 599 16.00 14.86 29.52
CA SER A 599 17.40 15.24 29.35
C SER A 599 17.55 16.72 29.68
N HIS A 600 18.56 17.05 30.50
CA HIS A 600 18.72 18.40 31.00
C HIS A 600 19.73 19.16 30.14
N TYR A 601 19.44 20.44 29.87
CA TYR A 601 20.32 21.30 29.09
C TYR A 601 20.46 22.67 29.75
N LEU A 602 21.62 23.29 29.54
CA LEU A 602 21.75 24.72 29.71
C LEU A 602 21.74 25.37 28.33
N LEU A 603 20.86 26.35 28.17
CA LEU A 603 20.78 27.16 26.97
C LEU A 603 21.31 28.55 27.31
N CYS A 604 22.15 29.10 26.42
CA CYS A 604 22.71 30.42 26.66
C CYS A 604 22.77 31.20 25.34
N ALA A 605 22.21 32.41 25.35
CA ALA A 605 22.09 33.23 24.16
C ALA A 605 22.90 34.51 24.34
N LEU A 606 23.73 34.82 23.33
CA LEU A 606 24.57 36.00 23.30
C LEU A 606 23.85 37.14 22.60
N GLY A 607 24.37 38.35 22.83
CA GLY A 607 23.75 39.58 22.34
C GLY A 607 23.98 39.80 20.86
N ASP A 608 24.72 38.88 20.23
CA ASP A 608 25.03 38.94 18.80
C ASP A 608 24.12 38.02 17.99
N GLY A 609 23.40 37.13 18.68
CA GLY A 609 22.39 36.31 18.05
C GLY A 609 22.77 34.84 18.02
N ALA A 610 23.93 34.53 18.60
CA ALA A 610 24.42 33.16 18.69
C ALA A 610 23.84 32.48 19.94
N LEU A 611 23.58 31.17 19.82
CA LEU A 611 23.09 30.38 20.93
C LEU A 611 23.99 29.17 21.17
N PHE A 612 24.33 28.94 22.44
CA PHE A 612 25.06 27.77 22.90
C PHE A 612 24.13 26.89 23.71
N TYR A 613 24.23 25.57 23.51
CA TYR A 613 23.49 24.65 24.35
C TYR A 613 24.39 23.51 24.83
N PHE A 614 24.23 23.15 26.10
CA PHE A 614 25.02 22.10 26.73
C PHE A 614 24.10 21.05 27.32
N GLY A 615 24.61 19.81 27.41
CA GLY A 615 24.03 18.83 28.30
C GLY A 615 24.41 19.20 29.74
N LEU A 616 23.46 19.03 30.65
CA LEU A 616 23.66 19.44 32.03
C LEU A 616 23.31 18.27 32.96
N ASN A 617 24.19 18.03 33.93
CA ASN A 617 23.98 16.99 34.93
C ASN A 617 23.56 17.67 36.24
N ILE A 618 22.34 17.35 36.70
CA ILE A 618 21.76 17.96 37.90
C ILE A 618 22.68 17.78 39.10
N GLU A 619 23.26 16.58 39.22
CA GLU A 619 23.97 16.21 40.43
C GLU A 619 25.33 16.90 40.46
N THR A 620 26.02 16.85 39.32
CA THR A 620 27.39 17.35 39.20
C THR A 620 27.40 18.86 38.98
N GLY A 621 26.51 19.33 38.09
CA GLY A 621 26.53 20.70 37.59
C GLY A 621 27.38 20.84 36.33
N LEU A 622 27.82 19.71 35.78
CA LEU A 622 28.78 19.74 34.68
C LEU A 622 28.05 20.05 33.37
N LEU A 623 28.66 20.95 32.58
CA LEU A 623 28.21 21.22 31.22
C LEU A 623 29.08 20.41 30.25
N SER A 624 28.42 19.76 29.29
CA SER A 624 29.12 19.01 28.26
C SER A 624 28.53 19.31 26.90
N ASP A 625 29.39 19.27 25.86
CA ASP A 625 28.96 19.27 24.47
C ASP A 625 28.61 20.66 23.97
N ARG A 626 29.41 21.68 24.30
CA ARG A 626 29.12 22.97 23.71
C ARG A 626 28.78 22.74 22.24
N LYS A 627 27.50 22.94 21.92
CA LYS A 627 27.04 23.08 20.54
C LYS A 627 26.63 24.53 20.37
N LYS A 628 26.83 25.07 19.15
CA LYS A 628 26.47 26.43 18.82
C LYS A 628 25.57 26.45 17.59
N VAL A 629 24.59 27.35 17.61
CA VAL A 629 23.73 27.63 16.48
C VAL A 629 23.64 29.14 16.33
N THR A 630 23.20 29.60 15.16
CA THR A 630 23.00 31.02 14.95
C THR A 630 21.52 31.21 14.66
N LEU A 631 20.89 32.13 15.38
CA LEU A 631 19.47 32.30 15.22
C LEU A 631 19.23 33.59 14.46
N GLY A 632 19.69 34.71 15.05
CA GLY A 632 19.45 36.00 14.44
C GLY A 632 20.64 36.94 14.62
N THR A 633 20.47 38.18 14.15
CA THR A 633 21.46 39.22 14.32
C THR A 633 21.27 39.87 15.68
N GLN A 634 20.01 39.92 16.14
CA GLN A 634 19.63 40.60 17.37
C GLN A 634 19.80 39.65 18.56
N PRO A 635 20.01 40.18 19.79
CA PRO A 635 20.06 39.34 20.99
C PRO A 635 18.78 38.53 21.21
N THR A 636 18.95 37.30 21.67
CA THR A 636 17.83 36.39 21.88
C THR A 636 17.41 36.43 23.35
N VAL A 637 16.10 36.34 23.59
CA VAL A 637 15.52 36.15 24.91
C VAL A 637 14.80 34.81 24.92
N LEU A 638 15.15 33.93 25.86
CA LEU A 638 14.61 32.59 25.90
C LEU A 638 13.46 32.51 26.91
N ARG A 639 12.39 31.81 26.54
CA ARG A 639 11.23 31.59 27.40
C ARG A 639 10.64 30.21 27.13
N THR A 640 10.41 29.45 28.20
CA THR A 640 9.76 28.15 28.09
C THR A 640 8.27 28.37 27.82
N PHE A 641 7.68 27.45 27.06
CA PHE A 641 6.24 27.40 26.84
C PHE A 641 5.81 25.94 26.76
N ARG A 642 4.53 25.70 27.03
CA ARG A 642 3.96 24.36 26.89
C ARG A 642 3.01 24.41 25.70
N SER A 643 3.09 23.39 24.84
CA SER A 643 2.22 23.27 23.68
C SER A 643 1.93 21.80 23.42
N LEU A 644 0.65 21.43 23.46
CA LEU A 644 0.19 20.06 23.20
C LEU A 644 0.97 19.06 24.04
N SER A 645 1.11 19.36 25.35
CA SER A 645 1.67 18.47 26.36
C SER A 645 3.19 18.35 26.26
N THR A 646 3.87 19.27 25.54
CA THR A 646 5.32 19.22 25.49
C THR A 646 5.93 20.60 25.74
N THR A 647 7.06 20.60 26.45
CA THR A 647 7.75 21.80 26.89
C THR A 647 8.79 22.18 25.84
N ASN A 648 8.75 23.44 25.38
CA ASN A 648 9.62 23.90 24.31
C ASN A 648 10.08 25.32 24.62
N VAL A 649 11.16 25.76 23.98
CA VAL A 649 11.67 27.09 24.28
C VAL A 649 11.47 28.00 23.09
N PHE A 650 10.90 29.18 23.34
CA PHE A 650 10.78 30.22 22.34
C PHE A 650 12.02 31.11 22.40
N ALA A 651 12.67 31.28 21.24
CA ALA A 651 13.79 32.19 21.14
C ALA A 651 13.35 33.46 20.43
N CYS A 652 13.20 34.54 21.21
CA CYS A 652 12.71 35.82 20.71
C CYS A 652 13.85 36.59 20.05
N SER A 653 13.66 36.97 18.79
CA SER A 653 14.59 37.83 18.08
C SER A 653 14.00 38.30 16.76
N ASP A 654 14.85 38.91 15.92
CA ASP A 654 14.51 39.31 14.57
C ASP A 654 14.22 38.06 13.73
N ARG A 655 14.72 36.91 14.20
CA ARG A 655 14.41 35.63 13.61
C ARG A 655 13.89 34.72 14.72
N PRO A 656 12.58 34.83 15.08
CA PRO A 656 11.99 34.02 16.16
C PRO A 656 12.00 32.54 15.82
N THR A 657 12.27 31.72 16.84
CA THR A 657 12.56 30.31 16.66
C THR A 657 11.96 29.54 17.82
N VAL A 658 11.52 28.29 17.57
CA VAL A 658 11.21 27.39 18.65
C VAL A 658 12.32 26.33 18.72
N ILE A 659 12.80 26.08 19.94
CA ILE A 659 13.72 25.00 20.21
C ILE A 659 12.93 23.86 20.84
N TYR A 660 13.14 22.63 20.33
CA TYR A 660 12.44 21.46 20.84
C TYR A 660 13.29 20.21 20.67
N SER A 661 12.77 19.05 21.08
CA SER A 661 13.53 17.81 21.02
C SER A 661 12.89 16.80 20.08
N SER A 662 13.70 16.20 19.20
CA SER A 662 13.25 15.06 18.40
C SER A 662 14.30 13.95 18.48
N ASN A 663 13.85 12.76 18.88
CA ASN A 663 14.73 11.60 19.05
C ASN A 663 15.93 11.93 19.93
N HIS A 664 15.69 12.66 21.04
CA HIS A 664 16.69 12.93 22.06
C HIS A 664 17.78 13.90 21.56
N LYS A 665 17.42 14.74 20.57
CA LYS A 665 18.33 15.75 20.03
C LYS A 665 17.56 17.05 19.84
N LEU A 666 18.25 18.18 20.01
CA LEU A 666 17.60 19.49 19.95
C LEU A 666 17.40 19.89 18.50
N VAL A 667 16.16 20.32 18.19
CA VAL A 667 15.79 20.77 16.86
C VAL A 667 15.40 22.25 16.94
N PHE A 668 15.52 22.94 15.82
CA PHE A 668 15.17 24.34 15.74
C PHE A 668 14.23 24.53 14.57
N SER A 669 13.16 25.31 14.76
CA SER A 669 12.23 25.60 13.69
C SER A 669 11.85 27.08 13.72
N ASN A 670 11.90 27.72 12.54
CA ASN A 670 11.62 29.14 12.40
C ASN A 670 10.13 29.38 12.63
N VAL A 671 9.82 30.40 13.43
CA VAL A 671 8.46 30.88 13.60
C VAL A 671 8.22 32.00 12.60
N ASN A 672 7.06 31.97 11.95
CA ASN A 672 6.78 32.80 10.77
C ASN A 672 6.25 34.17 11.20
N LEU A 673 7.08 34.92 11.95
CA LEU A 673 6.79 36.28 12.38
C LEU A 673 7.99 37.16 12.05
N LYS A 674 7.77 38.48 11.99
CA LYS A 674 8.81 39.44 11.69
C LYS A 674 9.78 39.52 12.85
N GLU A 675 9.29 39.97 14.00
CA GLU A 675 10.14 40.09 15.18
C GLU A 675 9.30 39.95 16.45
N VAL A 676 9.89 39.28 17.44
CA VAL A 676 9.30 39.11 18.75
C VAL A 676 10.38 39.46 19.77
N ASN A 677 10.10 40.44 20.63
CA ASN A 677 11.04 40.83 21.66
C ASN A 677 10.87 39.92 22.88
N TYR A 678 9.62 39.79 23.35
CA TYR A 678 9.29 39.03 24.55
C TYR A 678 8.04 38.19 24.30
N MET A 679 7.95 37.06 25.00
CA MET A 679 6.73 36.26 24.96
C MET A 679 6.56 35.49 26.26
N CYS A 680 5.33 35.03 26.52
CA CYS A 680 5.02 34.09 27.58
C CYS A 680 3.81 33.25 27.22
N PRO A 681 3.70 32.02 27.78
CA PRO A 681 2.53 31.16 27.55
C PRO A 681 1.31 31.73 28.26
N LEU A 682 0.12 31.42 27.75
CA LEU A 682 -1.11 31.98 28.30
C LEU A 682 -2.21 30.92 28.18
N ASN A 683 -2.43 30.19 29.28
CA ASN A 683 -3.46 29.16 29.35
C ASN A 683 -4.71 29.78 29.96
N SER A 684 -5.53 30.41 29.11
CA SER A 684 -6.75 31.06 29.55
C SER A 684 -7.94 30.14 29.28
N ASP A 685 -9.13 30.59 29.71
CA ASP A 685 -10.38 29.93 29.36
C ASP A 685 -10.74 30.27 27.92
N GLY A 686 -10.52 31.53 27.55
CA GLY A 686 -10.79 32.02 26.20
C GLY A 686 -9.73 31.62 25.18
N TYR A 687 -8.47 31.51 25.62
CA TYR A 687 -7.39 31.12 24.73
C TYR A 687 -6.60 29.95 25.33
N PRO A 688 -7.12 28.70 25.31
CA PRO A 688 -6.41 27.57 25.91
C PRO A 688 -5.05 27.33 25.25
N ASP A 689 -4.01 27.22 26.09
CA ASP A 689 -2.63 26.99 25.67
C ASP A 689 -2.21 27.99 24.57
N SER A 690 -2.54 29.27 24.77
CA SER A 690 -2.20 30.32 23.81
C SER A 690 -0.81 30.88 24.12
N LEU A 691 -0.43 31.93 23.37
CA LEU A 691 0.86 32.60 23.49
C LEU A 691 0.63 34.11 23.38
N ALA A 692 1.41 34.87 24.16
CA ALA A 692 1.39 36.32 24.10
C ALA A 692 2.76 36.81 23.66
N LEU A 693 2.80 37.61 22.58
CA LEU A 693 4.03 38.04 21.93
C LEU A 693 4.07 39.57 21.89
N ALA A 694 5.29 40.13 21.92
CA ALA A 694 5.43 41.58 21.95
C ALA A 694 6.64 42.03 21.13
N ASN A 695 6.33 42.83 20.10
CA ASN A 695 7.31 43.54 19.30
C ASN A 695 7.42 44.97 19.84
N ASN A 696 7.98 45.88 19.05
CA ASN A 696 8.20 47.26 19.47
C ASN A 696 6.88 47.97 19.71
N SER A 697 5.78 47.49 19.13
CA SER A 697 4.55 48.28 19.13
C SER A 697 3.28 47.47 19.38
N THR A 698 3.34 46.13 19.25
CA THR A 698 2.14 45.32 19.31
C THR A 698 2.25 44.26 20.41
N LEU A 699 1.13 44.00 21.09
CA LEU A 699 0.94 42.80 21.88
C LEU A 699 0.01 41.86 21.11
N THR A 700 0.53 40.69 20.75
CA THR A 700 -0.25 39.72 20.00
C THR A 700 -0.60 38.55 20.93
N ILE A 701 -1.82 38.05 20.79
CA ILE A 701 -2.19 36.76 21.37
C ILE A 701 -2.56 35.83 20.22
N GLY A 702 -2.08 34.58 20.27
CA GLY A 702 -2.44 33.61 19.25
C GLY A 702 -2.11 32.18 19.66
N THR A 703 -2.57 31.22 18.85
CA THR A 703 -2.21 29.83 19.02
C THR A 703 -1.10 29.44 18.04
N ILE A 704 -0.17 28.61 18.53
CA ILE A 704 0.91 28.09 17.72
C ILE A 704 0.48 26.77 17.09
N ASP A 705 0.93 26.55 15.84
CA ASP A 705 0.72 25.29 15.14
C ASP A 705 1.61 24.24 15.77
N GLU A 706 1.31 22.97 15.49
CA GLU A 706 2.07 21.84 16.01
C GLU A 706 3.56 22.11 15.84
N ILE A 707 4.33 21.84 16.90
CA ILE A 707 5.76 22.10 16.86
C ILE A 707 6.42 20.98 16.05
N GLN A 708 6.78 21.30 14.79
CA GLN A 708 7.41 20.39 13.85
C GLN A 708 8.00 21.19 12.68
N LYS A 709 8.51 20.46 11.67
CA LYS A 709 9.15 21.03 10.50
C LYS A 709 8.12 21.62 9.55
N LEU A 710 7.05 20.86 9.28
CA LEU A 710 6.02 21.23 8.32
C LEU A 710 4.93 22.06 8.99
N HIS A 711 4.57 23.19 8.37
CA HIS A 711 3.46 24.02 8.80
C HIS A 711 2.36 23.99 7.74
N ILE A 712 1.15 23.57 8.13
CA ILE A 712 0.10 23.23 7.20
C ILE A 712 -1.14 24.10 7.42
N ARG A 713 -1.68 24.65 6.33
CA ARG A 713 -2.92 25.41 6.32
C ARG A 713 -3.98 24.65 5.52
N THR A 714 -5.24 24.69 6.00
CA THR A 714 -6.36 23.97 5.40
C THR A 714 -7.36 24.97 4.85
N VAL A 715 -7.79 24.73 3.60
CA VAL A 715 -8.87 25.48 2.99
C VAL A 715 -9.96 24.49 2.60
N PRO A 716 -11.03 24.33 3.43
CA PRO A 716 -12.09 23.36 3.15
C PRO A 716 -12.90 23.84 1.94
N LEU A 717 -13.29 22.88 1.08
CA LEU A 717 -14.04 23.16 -0.13
C LEU A 717 -15.45 22.57 -0.02
N TYR A 718 -15.58 21.48 0.73
CA TYR A 718 -16.84 20.78 0.96
C TYR A 718 -17.32 20.06 -0.30
N GLU A 719 -16.37 19.80 -1.22
CA GLU A 719 -16.56 19.03 -2.43
C GLU A 719 -15.19 18.52 -2.87
N SER A 720 -15.14 17.64 -3.88
CA SER A 720 -13.87 17.01 -4.22
C SER A 720 -13.04 17.92 -5.12
N PRO A 721 -11.80 18.31 -4.73
CA PRO A 721 -10.86 18.94 -5.65
C PRO A 721 -10.26 17.83 -6.51
N ARG A 722 -9.86 18.16 -7.75
CA ARG A 722 -9.41 17.15 -8.70
C ARG A 722 -8.07 17.52 -9.31
N LYS A 723 -7.87 18.80 -9.63
CA LYS A 723 -6.65 19.31 -10.23
C LYS A 723 -6.43 20.74 -9.76
N ILE A 724 -5.16 21.14 -9.69
CA ILE A 724 -4.78 22.49 -9.29
C ILE A 724 -3.64 22.93 -10.20
N CYS A 725 -3.62 24.23 -10.49
CA CYS A 725 -2.48 24.86 -11.14
C CYS A 725 -2.48 26.33 -10.76
N TYR A 726 -1.29 26.95 -10.80
CA TYR A 726 -1.12 28.31 -10.35
C TYR A 726 -1.08 29.24 -11.56
N GLN A 727 -1.65 30.45 -11.43
CA GLN A 727 -1.61 31.46 -12.48
C GLN A 727 -1.03 32.74 -11.89
N GLU A 728 0.29 32.85 -11.97
CA GLU A 728 1.05 33.91 -11.34
C GLU A 728 0.49 35.28 -11.72
N VAL A 729 0.17 35.46 -13.01
CA VAL A 729 -0.23 36.77 -13.52
C VAL A 729 -1.55 37.21 -12.92
N SER A 730 -2.43 36.25 -12.59
CA SER A 730 -3.71 36.54 -11.98
C SER A 730 -3.58 36.54 -10.47
N GLN A 731 -2.47 35.97 -9.97
CA GLN A 731 -2.19 35.83 -8.56
C GLN A 731 -3.26 34.98 -7.88
N CYS A 732 -3.57 33.83 -8.50
CA CYS A 732 -4.63 32.97 -8.04
C CYS A 732 -4.39 31.54 -8.52
N PHE A 733 -5.21 30.61 -8.01
CA PHE A 733 -5.14 29.22 -8.42
C PHE A 733 -6.39 28.89 -9.22
N GLY A 734 -6.22 28.01 -10.21
CA GLY A 734 -7.33 27.31 -10.82
C GLY A 734 -7.44 25.90 -10.23
N VAL A 735 -8.65 25.51 -9.86
CA VAL A 735 -8.89 24.22 -9.25
C VAL A 735 -10.15 23.62 -9.86
N LEU A 736 -10.01 22.42 -10.43
CA LEU A 736 -11.17 21.65 -10.85
C LEU A 736 -11.72 20.93 -9.61
N SER A 737 -13.06 20.89 -9.52
CA SER A 737 -13.74 20.23 -8.44
C SER A 737 -15.06 19.67 -8.95
N SER A 738 -15.59 18.67 -8.24
CA SER A 738 -16.91 18.15 -8.53
C SER A 738 -17.69 17.92 -7.25
N ARG A 739 -19.00 18.20 -7.30
CA ARG A 739 -19.88 18.01 -6.18
C ARG A 739 -20.95 17.01 -6.60
N ILE A 740 -21.45 16.23 -5.65
CA ILE A 740 -22.58 15.35 -5.91
C ILE A 740 -23.86 16.16 -5.73
N GLU A 741 -24.74 16.08 -6.74
CA GLU A 741 -26.09 16.60 -6.66
C GLU A 741 -27.07 15.45 -6.87
N VAL A 742 -28.27 15.56 -6.30
CA VAL A 742 -29.22 14.47 -6.33
C VAL A 742 -30.42 14.80 -7.21
N GLN A 743 -31.03 13.74 -7.76
CA GLN A 743 -32.14 13.82 -8.72
C GLN A 743 -33.46 13.86 -7.95
N THR A 749 -31.80 18.50 -10.80
CA THR A 749 -30.90 18.02 -9.71
C THR A 749 -30.84 19.08 -8.60
N THR A 750 -30.38 18.67 -7.41
CA THR A 750 -30.32 19.54 -6.25
C THR A 750 -29.21 19.07 -5.32
N ALA A 751 -28.41 20.03 -4.85
CA ALA A 751 -27.18 19.76 -4.13
C ALA A 751 -27.46 19.24 -2.72
N LEU A 752 -26.43 18.65 -2.11
CA LEU A 752 -26.51 17.98 -0.83
C LEU A 752 -26.24 18.97 0.30
N ARG A 753 -25.32 19.93 0.06
CA ARG A 753 -24.89 20.91 1.03
C ARG A 753 -24.19 22.03 0.28
N PRO A 754 -24.08 23.27 0.82
CA PRO A 754 -23.28 24.32 0.17
C PRO A 754 -21.81 23.95 0.18
N SER A 755 -21.11 24.29 -0.91
CA SER A 755 -19.70 23.97 -1.08
C SER A 755 -19.05 25.02 -1.98
N ALA A 756 -17.74 24.87 -2.21
CA ALA A 756 -16.94 25.94 -2.78
C ALA A 756 -17.57 26.48 -4.06
N SER A 757 -18.11 25.56 -4.87
CA SER A 757 -18.60 25.91 -6.20
C SER A 757 -19.94 26.66 -6.11
N THR A 758 -20.67 26.48 -5.02
CA THR A 758 -21.98 27.13 -4.89
C THR A 758 -21.89 28.44 -4.09
N GLN A 759 -20.67 28.86 -3.72
CA GLN A 759 -20.48 29.97 -2.80
C GLN A 759 -19.43 30.95 -3.30
N ALA A 760 -19.16 30.95 -4.62
CA ALA A 760 -18.19 31.85 -5.21
C ALA A 760 -18.75 33.27 -5.18
N LEU A 761 -17.88 34.29 -5.35
CA LEU A 761 -18.31 35.66 -5.49
C LEU A 761 -19.14 35.83 -6.77
N SER A 762 -18.52 35.51 -7.91
CA SER A 762 -19.18 35.47 -9.20
C SER A 762 -19.27 34.02 -9.61
N SER A 763 -20.15 33.70 -10.56
CA SER A 763 -20.20 32.36 -11.13
C SER A 763 -20.66 32.41 -12.59
N SER A 764 -20.31 31.38 -13.35
CA SER A 764 -20.70 31.27 -14.74
C SER A 764 -21.13 29.85 -15.05
N VAL A 765 -21.82 29.67 -16.17
CA VAL A 765 -22.35 28.38 -16.58
C VAL A 765 -22.06 28.18 -18.06
N SER A 766 -21.67 26.97 -18.43
CA SER A 766 -21.35 26.66 -19.82
C SER A 766 -22.62 26.73 -20.66
N SER A 767 -22.49 27.34 -21.85
CA SER A 767 -23.59 27.53 -22.78
C SER A 767 -23.26 26.90 -24.14
N SER A 768 -22.18 26.10 -24.17
CA SER A 768 -21.77 25.40 -25.38
C SER A 768 -22.92 24.56 -25.91
N LYS A 769 -23.11 24.60 -27.25
CA LYS A 769 -24.19 23.89 -27.91
C LYS A 769 -23.60 22.74 -28.75
N LEU A 770 -22.34 22.40 -28.48
CA LEU A 770 -21.63 21.34 -29.18
C LEU A 770 -22.33 20.00 -29.01
N PHE A 771 -22.93 19.77 -27.84
CA PHE A 771 -23.61 18.51 -27.57
C PHE A 771 -25.07 18.78 -27.17
N GLU A 784 -31.05 8.30 -8.39
CA GLU A 784 -29.64 8.28 -8.87
C GLU A 784 -29.00 9.63 -8.57
N GLU A 785 -27.67 9.64 -8.42
CA GLU A 785 -26.95 10.84 -8.04
C GLU A 785 -25.97 11.21 -9.15
N VAL A 786 -25.67 12.51 -9.32
CA VAL A 786 -24.86 12.96 -10.44
C VAL A 786 -23.71 13.82 -9.95
N GLU A 787 -22.63 13.89 -10.74
CA GLU A 787 -21.51 14.78 -10.46
C GLU A 787 -21.67 16.05 -11.28
N VAL A 788 -21.35 17.19 -10.66
CA VAL A 788 -21.34 18.49 -11.32
C VAL A 788 -19.95 19.09 -11.18
N HIS A 789 -19.30 19.35 -12.31
CA HIS A 789 -17.91 19.77 -12.31
C HIS A 789 -17.80 21.29 -12.42
N ASN A 790 -16.69 21.84 -11.92
CA ASN A 790 -16.49 23.27 -11.95
C ASN A 790 -15.01 23.60 -12.06
N LEU A 791 -14.71 24.76 -12.65
CA LEU A 791 -13.39 25.35 -12.51
C LEU A 791 -13.50 26.47 -11.48
N LEU A 792 -12.74 26.33 -10.38
CA LEU A 792 -12.72 27.31 -9.31
C LEU A 792 -11.51 28.23 -9.50
N ILE A 793 -11.72 29.54 -9.39
CA ILE A 793 -10.63 30.50 -9.33
C ILE A 793 -10.51 30.95 -7.88
N ILE A 794 -9.31 30.79 -7.31
CA ILE A 794 -9.09 30.92 -5.87
C ILE A 794 -7.90 31.86 -5.61
N ASP A 795 -8.14 32.91 -4.81
CA ASP A 795 -7.17 33.95 -4.52
C ASP A 795 -5.97 33.36 -3.77
N GLN A 796 -4.77 33.78 -4.17
CA GLN A 796 -3.56 33.09 -3.71
C GLN A 796 -3.19 33.53 -2.30
N HIS A 797 -3.77 34.64 -1.83
CA HIS A 797 -3.45 35.19 -0.52
C HIS A 797 -4.50 34.79 0.51
N THR A 798 -5.78 34.97 0.17
CA THR A 798 -6.89 34.77 1.08
C THR A 798 -7.50 33.38 0.93
N PHE A 799 -7.34 32.77 -0.25
CA PHE A 799 -7.94 31.50 -0.64
C PHE A 799 -9.46 31.60 -0.66
N GLU A 800 -9.96 32.79 -1.01
CA GLU A 800 -11.38 32.98 -1.26
C GLU A 800 -11.72 32.45 -2.66
N VAL A 801 -12.86 31.76 -2.78
CA VAL A 801 -13.34 31.38 -4.10
C VAL A 801 -13.92 32.62 -4.78
N LEU A 802 -13.15 33.18 -5.73
CA LEU A 802 -13.47 34.41 -6.42
C LEU A 802 -14.46 34.15 -7.56
N HIS A 803 -14.38 32.96 -8.17
CA HIS A 803 -15.25 32.63 -9.29
C HIS A 803 -15.36 31.11 -9.47
N ALA A 804 -16.54 30.65 -9.89
CA ALA A 804 -16.78 29.25 -10.20
C ALA A 804 -17.50 29.11 -11.54
N HIS A 805 -16.86 28.39 -12.49
CA HIS A 805 -17.47 28.13 -13.79
C HIS A 805 -17.96 26.69 -13.85
N GLN A 806 -19.27 26.53 -14.02
CA GLN A 806 -19.87 25.20 -14.03
C GLN A 806 -19.87 24.65 -15.44
N PHE A 807 -19.48 23.37 -15.59
CA PHE A 807 -19.45 22.75 -16.90
C PHE A 807 -20.84 22.28 -17.31
N LEU A 808 -20.90 21.66 -18.50
CA LEU A 808 -22.15 21.18 -19.07
C LEU A 808 -22.67 20.00 -18.24
N GLN A 809 -23.98 19.72 -18.36
CA GLN A 809 -24.54 18.53 -17.77
C GLN A 809 -23.80 17.31 -18.32
N ASN A 810 -23.27 16.48 -17.42
CA ASN A 810 -22.64 15.22 -17.78
C ASN A 810 -21.21 15.44 -18.27
N GLU A 811 -20.72 16.67 -18.13
CA GLU A 811 -19.35 16.91 -18.53
C GLU A 811 -18.45 16.81 -17.31
N TYR A 812 -17.37 16.03 -17.42
CA TYR A 812 -16.40 15.87 -16.36
C TYR A 812 -15.11 16.57 -16.76
N ALA A 813 -14.62 17.50 -15.93
CA ALA A 813 -13.33 18.10 -16.22
C ALA A 813 -12.23 17.18 -15.71
N LEU A 814 -11.25 16.87 -16.58
CA LEU A 814 -10.22 15.90 -16.27
C LEU A 814 -8.85 16.57 -16.14
N SER A 815 -8.57 17.55 -17.00
CA SER A 815 -7.23 18.11 -17.07
C SER A 815 -7.28 19.62 -16.96
N LEU A 816 -6.18 20.23 -16.50
CA LEU A 816 -6.11 21.67 -16.32
C LEU A 816 -4.67 22.13 -16.53
N VAL A 817 -4.51 23.24 -17.27
CA VAL A 817 -3.22 23.89 -17.41
C VAL A 817 -3.43 25.41 -17.37
N SER A 818 -2.42 26.12 -16.86
CA SER A 818 -2.34 27.56 -17.02
C SER A 818 -1.15 27.89 -17.91
N CYS A 819 -1.35 28.69 -18.96
CA CYS A 819 -0.24 28.96 -19.87
C CYS A 819 -0.56 30.00 -20.93
N LYS A 820 0.52 30.43 -21.61
CA LYS A 820 0.49 31.24 -22.81
C LYS A 820 0.70 30.32 -24.01
N LEU A 821 0.08 30.65 -25.14
CA LEU A 821 0.20 29.82 -26.33
C LEU A 821 0.53 30.68 -27.55
N GLY A 822 1.44 30.17 -28.38
CA GLY A 822 1.77 30.79 -29.66
C GLY A 822 2.33 32.20 -29.47
N LYS A 823 1.86 33.13 -30.31
CA LYS A 823 2.34 34.51 -30.28
C LYS A 823 1.43 35.34 -29.38
N ASP A 824 0.35 34.71 -28.90
CA ASP A 824 -0.67 35.35 -28.08
C ASP A 824 -0.07 35.68 -26.73
N PRO A 825 -0.13 36.97 -26.29
CA PRO A 825 0.42 37.36 -24.99
C PRO A 825 -0.45 37.14 -23.75
N ASN A 826 -1.70 36.71 -23.93
CA ASN A 826 -2.59 36.40 -22.81
C ASN A 826 -2.19 35.10 -22.14
N THR A 827 -2.56 34.95 -20.86
CA THR A 827 -2.40 33.70 -20.11
C THR A 827 -3.77 33.12 -19.79
N TYR A 828 -3.95 31.83 -20.11
CA TYR A 828 -5.25 31.18 -20.05
C TYR A 828 -5.23 30.01 -19.07
N PHE A 829 -6.40 29.73 -18.48
CA PHE A 829 -6.71 28.44 -17.92
C PHE A 829 -7.36 27.60 -19.02
N ILE A 830 -6.75 26.44 -19.30
CA ILE A 830 -7.27 25.52 -20.30
C ILE A 830 -7.72 24.23 -19.61
N VAL A 831 -8.92 23.78 -19.95
CA VAL A 831 -9.54 22.62 -19.31
C VAL A 831 -9.88 21.59 -20.37
N GLY A 832 -9.45 20.34 -20.16
CA GLY A 832 -9.90 19.21 -20.96
C GLY A 832 -10.99 18.45 -20.23
N THR A 833 -12.04 18.07 -20.98
CA THR A 833 -13.22 17.46 -20.38
C THR A 833 -13.57 16.18 -21.16
N ALA A 834 -14.64 15.52 -20.70
CA ALA A 834 -15.16 14.33 -21.33
C ALA A 834 -16.65 14.28 -21.02
N MET A 835 -17.46 13.90 -22.01
CA MET A 835 -18.89 13.75 -21.77
C MET A 835 -19.14 12.31 -21.29
N VAL A 836 -19.80 12.21 -20.14
CA VAL A 836 -20.02 10.94 -19.46
C VAL A 836 -21.53 10.74 -19.40
N TYR A 837 -22.01 9.67 -20.01
CA TYR A 837 -23.45 9.48 -20.00
C TYR A 837 -23.83 8.24 -19.19
N PRO A 838 -25.03 8.24 -18.56
CA PRO A 838 -25.49 7.11 -17.76
C PRO A 838 -25.60 5.82 -18.57
N GLU A 839 -26.11 5.93 -19.81
CA GLU A 839 -26.42 4.75 -20.61
C GLU A 839 -25.27 4.39 -21.55
N GLU A 840 -24.04 4.73 -21.13
CA GLU A 840 -22.82 4.58 -21.91
C GLU A 840 -21.71 4.27 -20.92
N ALA A 841 -20.57 3.74 -21.40
CA ALA A 841 -19.61 3.13 -20.48
C ALA A 841 -18.16 3.61 -20.69
N GLU A 842 -17.91 4.41 -21.73
CA GLU A 842 -16.59 5.00 -21.96
C GLU A 842 -16.75 6.25 -22.81
N PRO A 843 -15.80 7.23 -22.75
CA PRO A 843 -16.00 8.54 -23.36
C PRO A 843 -15.74 8.49 -24.86
N LYS A 844 -16.60 9.17 -25.62
CA LYS A 844 -16.47 9.21 -27.06
C LYS A 844 -16.55 10.67 -27.53
N GLN A 845 -16.95 11.55 -26.62
CA GLN A 845 -17.06 12.98 -26.87
C GLN A 845 -16.29 13.70 -25.78
N GLY A 846 -15.66 14.80 -26.15
CA GLY A 846 -14.91 15.58 -25.20
C GLY A 846 -14.70 16.99 -25.72
N ARG A 847 -14.03 17.80 -24.92
CA ARG A 847 -13.90 19.19 -25.27
C ARG A 847 -12.65 19.76 -24.61
N ILE A 848 -12.00 20.70 -25.30
CA ILE A 848 -10.95 21.49 -24.67
C ILE A 848 -11.43 22.95 -24.64
N VAL A 849 -11.35 23.58 -23.47
CA VAL A 849 -11.90 24.92 -23.31
C VAL A 849 -10.80 25.84 -22.83
N VAL A 850 -10.69 27.01 -23.49
CA VAL A 850 -9.73 28.04 -23.12
C VAL A 850 -10.48 29.18 -22.43
N PHE A 851 -10.10 29.44 -21.16
CA PHE A 851 -10.68 30.50 -20.37
C PHE A 851 -9.64 31.58 -20.13
N GLN A 852 -10.12 32.81 -19.89
CA GLN A 852 -9.26 33.91 -19.46
C GLN A 852 -9.86 34.52 -18.20
N TYR A 853 -9.06 34.58 -17.13
CA TYR A 853 -9.56 35.19 -15.91
C TYR A 853 -9.17 36.67 -15.89
N SER A 854 -10.17 37.52 -16.14
CA SER A 854 -9.92 38.95 -16.22
C SER A 854 -11.10 39.70 -15.61
N ASP A 855 -10.77 40.75 -14.84
CA ASP A 855 -11.76 41.62 -14.22
C ASP A 855 -12.78 40.83 -13.40
N GLY A 856 -12.32 39.81 -12.66
CA GLY A 856 -13.18 39.14 -11.68
C GLY A 856 -13.99 37.96 -12.25
N LYS A 857 -14.01 37.79 -13.58
CA LYS A 857 -14.84 36.76 -14.22
C LYS A 857 -14.03 35.90 -15.17
N LEU A 858 -14.51 34.66 -15.40
CA LEU A 858 -13.93 33.71 -16.31
C LEU A 858 -14.64 33.83 -17.65
N GLN A 859 -13.88 34.17 -18.70
CA GLN A 859 -14.40 34.33 -20.03
C GLN A 859 -14.03 33.08 -20.83
N THR A 860 -14.98 32.54 -21.63
CA THR A 860 -14.65 31.44 -22.52
C THR A 860 -14.10 32.06 -23.80
N VAL A 861 -12.86 31.70 -24.16
CA VAL A 861 -12.22 32.29 -25.31
C VAL A 861 -12.44 31.39 -26.52
N ALA A 862 -12.15 30.10 -26.36
CA ALA A 862 -12.22 29.16 -27.45
C ALA A 862 -12.65 27.79 -26.89
N GLU A 863 -13.20 26.97 -27.78
CA GLU A 863 -13.68 25.65 -27.43
C GLU A 863 -13.38 24.74 -28.61
N LYS A 864 -12.81 23.57 -28.31
CA LYS A 864 -12.41 22.60 -29.34
C LYS A 864 -13.01 21.23 -29.01
N GLU A 865 -13.83 20.70 -29.92
CA GLU A 865 -14.42 19.39 -29.72
C GLU A 865 -13.37 18.32 -29.99
N VAL A 866 -13.51 17.17 -29.33
CA VAL A 866 -12.64 16.02 -29.53
C VAL A 866 -13.47 14.75 -29.40
N LYS A 867 -12.97 13.61 -29.88
CA LYS A 867 -13.73 12.37 -29.89
C LYS A 867 -13.38 11.43 -28.72
N GLY A 868 -13.27 11.98 -27.50
CA GLY A 868 -12.93 11.17 -26.34
C GLY A 868 -12.55 12.02 -25.13
N ALA A 869 -12.06 11.38 -24.06
CA ALA A 869 -11.73 12.02 -22.80
C ALA A 869 -10.37 12.70 -22.89
N VAL A 870 -10.30 13.98 -22.53
CA VAL A 870 -9.03 14.68 -22.52
C VAL A 870 -8.29 14.44 -21.20
N TYR A 871 -7.53 13.33 -21.13
CA TYR A 871 -6.99 12.83 -19.88
C TYR A 871 -5.89 13.74 -19.33
N SER A 872 -5.16 14.40 -20.23
CA SER A 872 -3.95 15.07 -19.80
C SER A 872 -3.59 16.20 -20.77
N MET A 873 -3.04 17.29 -20.23
CA MET A 873 -2.54 18.36 -21.06
C MET A 873 -1.27 18.95 -20.45
N VAL A 874 -0.37 19.40 -21.31
CA VAL A 874 0.86 20.06 -20.91
C VAL A 874 1.08 21.17 -21.92
N GLU A 875 1.63 22.32 -21.48
CA GLU A 875 2.10 23.32 -22.42
C GLU A 875 3.43 22.83 -23.00
N PHE A 876 3.61 22.96 -24.31
CA PHE A 876 4.77 22.36 -24.96
C PHE A 876 5.37 23.32 -26.00
N ASN A 877 6.32 24.15 -25.55
CA ASN A 877 7.02 25.09 -26.41
C ASN A 877 6.01 25.99 -27.12
N GLY A 878 5.08 26.55 -26.33
CA GLY A 878 4.10 27.50 -26.83
C GLY A 878 2.94 26.85 -27.57
N LYS A 879 2.85 25.51 -27.48
CA LYS A 879 1.78 24.72 -28.08
C LYS A 879 1.12 23.90 -26.99
N LEU A 880 -0.01 23.26 -27.32
CA LEU A 880 -0.77 22.50 -26.34
C LEU A 880 -0.74 21.01 -26.67
N LEU A 881 -0.03 20.23 -25.85
CA LEU A 881 0.02 18.79 -25.99
C LEU A 881 -1.12 18.19 -25.16
N ALA A 882 -1.92 17.30 -25.77
CA ALA A 882 -3.06 16.74 -25.06
C ALA A 882 -3.14 15.24 -25.33
N SER A 883 -3.70 14.50 -24.37
CA SER A 883 -4.00 13.09 -24.60
C SER A 883 -5.51 12.87 -24.54
N ILE A 884 -6.03 12.23 -25.59
CA ILE A 884 -7.44 11.96 -25.77
C ILE A 884 -7.56 10.46 -26.02
N ASN A 885 -8.15 9.73 -25.07
CA ASN A 885 -8.24 8.28 -25.14
C ASN A 885 -6.84 7.68 -25.34
N SER A 886 -6.62 7.03 -26.49
CA SER A 886 -5.36 6.34 -26.76
C SER A 886 -4.48 7.18 -27.70
N THR A 887 -4.85 8.46 -27.87
CA THR A 887 -4.18 9.35 -28.82
C THR A 887 -3.48 10.46 -28.07
N VAL A 888 -2.23 10.75 -28.46
CA VAL A 888 -1.57 11.94 -27.98
C VAL A 888 -1.48 12.93 -29.15
N ARG A 889 -1.90 14.19 -28.91
CA ARG A 889 -2.12 15.19 -29.94
C ARG A 889 -1.43 16.51 -29.56
N LEU A 890 -0.86 17.18 -30.57
CA LEU A 890 -0.25 18.48 -30.39
C LEU A 890 -1.05 19.54 -31.15
N TYR A 891 -1.49 20.59 -30.43
CA TYR A 891 -2.23 21.68 -31.06
C TYR A 891 -1.38 22.94 -31.08
N GLU A 892 -1.48 23.68 -32.20
CA GLU A 892 -0.99 25.05 -32.30
C GLU A 892 -2.17 25.99 -32.04
N TRP A 893 -1.85 27.19 -31.56
CA TRP A 893 -2.84 28.20 -31.22
C TRP A 893 -2.77 29.36 -32.21
N THR A 894 -3.79 29.46 -33.07
CA THR A 894 -3.67 30.30 -34.25
C THR A 894 -3.93 31.76 -33.90
N THR A 895 -3.73 32.66 -34.87
CA THR A 895 -4.01 34.08 -34.75
C THR A 895 -5.49 34.27 -34.44
N GLU A 896 -6.29 33.31 -34.90
CA GLU A 896 -7.74 33.37 -34.89
C GLU A 896 -8.28 32.75 -33.60
N LYS A 897 -7.41 32.60 -32.59
CA LYS A 897 -7.77 32.10 -31.28
C LYS A 897 -8.48 30.75 -31.40
N GLU A 898 -7.85 29.81 -32.12
CA GLU A 898 -8.38 28.47 -32.19
C GLU A 898 -7.25 27.46 -32.07
N LEU A 899 -7.60 26.26 -31.61
CA LEU A 899 -6.62 25.19 -31.55
C LEU A 899 -6.68 24.38 -32.85
N ARG A 900 -5.53 24.23 -33.49
CA ARG A 900 -5.43 23.51 -34.74
C ARG A 900 -4.47 22.35 -34.56
N THR A 901 -4.90 21.14 -34.93
CA THR A 901 -4.10 19.94 -34.75
C THR A 901 -2.87 20.02 -35.65
N GLU A 902 -1.70 19.71 -35.07
CA GLU A 902 -0.49 19.66 -35.85
C GLU A 902 -0.14 18.21 -36.16
N CYS A 903 -0.05 17.36 -35.13
CA CYS A 903 0.32 15.96 -35.31
C CYS A 903 -0.26 15.08 -34.21
N ASN A 904 -0.28 13.78 -34.48
CA ASN A 904 -0.87 12.78 -33.59
C ASN A 904 0.09 11.60 -33.40
N HIS A 905 -0.09 10.91 -32.27
CA HIS A 905 0.52 9.61 -32.01
C HIS A 905 -0.60 8.70 -31.52
N TYR A 906 -0.72 7.50 -32.10
CA TYR A 906 -1.88 6.67 -31.81
C TYR A 906 -1.52 5.34 -31.14
N ASN A 907 -0.23 5.09 -30.91
CA ASN A 907 0.18 3.79 -30.39
C ASN A 907 0.13 3.79 -28.86
N ASN A 908 -1.08 3.88 -28.31
CA ASN A 908 -1.34 3.81 -26.89
C ASN A 908 -2.63 3.03 -26.66
N ILE A 909 -2.81 2.57 -25.41
CA ILE A 909 -4.06 1.97 -24.96
C ILE A 909 -4.89 3.05 -24.28
N MET A 910 -4.20 3.88 -23.50
CA MET A 910 -4.88 4.86 -22.68
C MET A 910 -3.84 5.80 -22.09
N ALA A 911 -3.65 6.96 -22.75
CA ALA A 911 -2.57 7.86 -22.41
C ALA A 911 -3.05 8.81 -21.32
N LEU A 912 -2.75 8.45 -20.04
CA LEU A 912 -3.30 9.15 -18.89
C LEU A 912 -2.34 10.22 -18.37
N TYR A 913 -1.06 10.11 -18.68
CA TYR A 913 -0.06 10.97 -18.04
C TYR A 913 0.95 11.45 -19.07
N LEU A 914 1.25 12.75 -19.01
CA LEU A 914 2.19 13.38 -19.93
C LEU A 914 3.15 14.24 -19.13
N LYS A 915 4.45 14.15 -19.47
CA LYS A 915 5.47 15.06 -18.98
C LYS A 915 6.39 15.41 -20.16
N THR A 916 6.95 16.63 -20.14
CA THR A 916 7.77 17.06 -21.25
C THR A 916 9.05 17.74 -20.75
N LYS A 917 10.11 17.57 -21.54
CA LYS A 917 11.35 18.29 -21.33
C LYS A 917 11.97 18.52 -22.70
N GLY A 918 12.24 19.79 -23.01
CA GLY A 918 12.71 20.17 -24.33
C GLY A 918 11.71 19.69 -25.38
N ASP A 919 12.19 18.86 -26.31
CA ASP A 919 11.32 18.32 -27.36
C ASP A 919 10.86 16.90 -27.00
N PHE A 920 11.24 16.43 -25.81
CA PHE A 920 10.95 15.07 -25.40
C PHE A 920 9.63 15.03 -24.62
N ILE A 921 8.86 13.96 -24.84
CA ILE A 921 7.59 13.76 -24.17
C ILE A 921 7.55 12.36 -23.58
N LEU A 922 7.35 12.28 -22.26
CA LEU A 922 7.13 11.02 -21.58
C LEU A 922 5.64 10.74 -21.52
N VAL A 923 5.25 9.54 -21.97
CA VAL A 923 3.85 9.12 -22.03
C VAL A 923 3.62 7.96 -21.07
N GLY A 924 2.76 8.19 -20.07
CA GLY A 924 2.32 7.14 -19.16
C GLY A 924 1.02 6.52 -19.63
N ASP A 925 0.99 5.18 -19.69
CA ASP A 925 -0.20 4.47 -20.10
C ASP A 925 -0.75 3.76 -18.87
N LEU A 926 -2.07 3.65 -18.78
CA LEU A 926 -2.64 2.95 -17.65
C LEU A 926 -2.11 1.51 -17.62
N MET A 927 -2.04 0.86 -18.78
CA MET A 927 -1.70 -0.56 -18.76
C MET A 927 -0.39 -0.87 -19.48
N ARG A 928 0.15 0.10 -20.24
CA ARG A 928 1.23 -0.26 -21.14
C ARG A 928 2.50 0.55 -20.85
N SER A 929 2.84 0.72 -19.57
CA SER A 929 4.11 1.28 -19.14
C SER A 929 4.35 2.67 -19.72
N VAL A 930 5.63 3.03 -19.91
CA VAL A 930 6.03 4.35 -20.35
C VAL A 930 6.60 4.32 -21.78
N LEU A 931 6.47 5.44 -22.46
CA LEU A 931 6.86 5.62 -23.85
C LEU A 931 7.49 7.00 -23.99
N LEU A 932 8.61 7.07 -24.71
CA LEU A 932 9.30 8.33 -24.90
C LEU A 932 9.09 8.77 -26.34
N LEU A 933 8.45 9.94 -26.52
CA LEU A 933 8.27 10.54 -27.84
C LEU A 933 9.25 11.69 -28.02
N ALA A 934 9.42 12.09 -29.27
CA ALA A 934 10.12 13.33 -29.58
C ALA A 934 9.32 14.08 -30.63
N TYR A 935 9.30 15.41 -30.50
CA TYR A 935 8.78 16.28 -31.52
C TYR A 935 9.93 16.66 -32.44
N LYS A 936 9.75 16.43 -33.74
CA LYS A 936 10.73 16.84 -34.73
C LYS A 936 10.26 18.14 -35.36
N PRO A 937 10.92 19.29 -35.05
CA PRO A 937 10.49 20.58 -35.56
C PRO A 937 10.51 20.71 -37.08
N MET A 938 11.46 20.05 -37.75
CA MET A 938 11.54 20.15 -39.20
C MET A 938 10.46 19.31 -39.86
N GLU A 939 10.25 18.11 -39.32
CA GLU A 939 9.29 17.16 -39.86
C GLU A 939 7.89 17.56 -39.41
N GLY A 940 7.79 18.26 -38.29
CA GLY A 940 6.51 18.70 -37.74
C GLY A 940 5.60 17.54 -37.32
N ASN A 941 6.18 16.52 -36.68
CA ASN A 941 5.44 15.34 -36.26
C ASN A 941 6.20 14.64 -35.14
N PHE A 942 5.60 13.60 -34.56
CA PHE A 942 6.25 12.90 -33.45
C PHE A 942 7.05 11.72 -33.99
N GLU A 943 8.07 11.34 -33.22
CA GLU A 943 8.84 10.13 -33.43
C GLU A 943 8.90 9.36 -32.11
N GLU A 944 8.65 8.05 -32.15
CA GLU A 944 8.81 7.23 -30.96
C GLU A 944 10.30 6.91 -30.80
N ILE A 945 10.92 7.45 -29.76
CA ILE A 945 12.33 7.18 -29.49
C ILE A 945 12.47 5.77 -28.93
N ALA A 946 11.79 5.53 -27.80
CA ALA A 946 11.87 4.24 -27.13
C ALA A 946 10.66 4.05 -26.21
N ARG A 947 10.50 2.82 -25.71
CA ARG A 947 9.41 2.50 -24.82
C ARG A 947 9.83 1.38 -23.88
N ASP A 948 9.14 1.30 -22.74
CA ASP A 948 9.35 0.24 -21.78
C ASP A 948 8.40 -0.94 -22.05
N PHE A 949 9.01 -2.09 -22.34
CA PHE A 949 8.32 -3.25 -22.91
C PHE A 949 7.81 -4.16 -21.79
N ASN A 950 8.06 -3.75 -20.55
CA ASN A 950 7.42 -4.39 -19.41
C ASN A 950 6.04 -3.78 -19.25
N PRO A 951 4.97 -4.60 -19.11
CA PRO A 951 3.65 -4.08 -18.73
C PRO A 951 3.76 -3.50 -17.33
N ASN A 952 3.17 -2.33 -17.14
CA ASN A 952 3.15 -1.66 -15.86
C ASN A 952 1.89 -0.82 -15.81
N TRP A 953 1.16 -0.98 -14.71
CA TRP A 953 -0.06 -0.23 -14.51
C TRP A 953 0.30 1.06 -13.80
N MET A 954 0.46 2.13 -14.60
CA MET A 954 1.03 3.38 -14.13
C MET A 954 0.02 4.21 -13.33
N SER A 955 0.55 4.94 -12.34
CA SER A 955 -0.22 5.91 -11.59
C SER A 955 0.32 7.32 -11.82
N ALA A 956 1.64 7.43 -12.03
CA ALA A 956 2.26 8.73 -12.22
C ALA A 956 3.58 8.55 -12.95
N VAL A 957 4.06 9.61 -13.63
CA VAL A 957 5.35 9.60 -14.32
C VAL A 957 6.06 10.94 -14.11
N GLU A 958 7.40 10.91 -14.17
CA GLU A 958 8.18 12.13 -14.15
C GLU A 958 9.43 11.98 -15.02
N ILE A 959 9.91 13.09 -15.57
CA ILE A 959 11.20 13.12 -16.26
C ILE A 959 12.23 13.62 -15.25
N LEU A 960 13.20 12.77 -14.91
CA LEU A 960 14.25 13.13 -13.98
C LEU A 960 15.32 13.93 -14.72
N ASP A 961 15.66 13.45 -15.92
CA ASP A 961 16.43 14.22 -16.88
C ASP A 961 16.22 13.66 -18.29
N ASP A 962 17.10 14.06 -19.21
CA ASP A 962 17.00 13.72 -20.61
C ASP A 962 16.95 12.22 -20.85
N ASP A 963 17.62 11.45 -19.97
CA ASP A 963 17.84 10.03 -20.20
C ASP A 963 17.22 9.15 -19.10
N ASN A 964 16.47 9.76 -18.18
CA ASN A 964 16.04 9.07 -16.96
C ASN A 964 14.59 9.39 -16.63
N PHE A 965 13.76 8.34 -16.60
CA PHE A 965 12.31 8.50 -16.50
C PHE A 965 11.78 7.70 -15.31
N LEU A 966 11.01 8.39 -14.45
CA LEU A 966 10.56 7.83 -13.20
C LEU A 966 9.09 7.47 -13.30
N GLY A 967 8.78 6.24 -12.91
CA GLY A 967 7.41 5.77 -12.94
C GLY A 967 6.98 5.20 -11.60
N ALA A 968 5.71 5.42 -11.23
CA ALA A 968 5.12 4.79 -10.07
C ALA A 968 3.93 3.97 -10.54
N GLU A 969 3.83 2.73 -10.06
CA GLU A 969 2.78 1.88 -10.56
C GLU A 969 1.81 1.45 -9.45
N ASN A 970 0.98 0.45 -9.77
CA ASN A 970 -0.27 0.18 -9.08
C ASN A 970 -0.05 -0.82 -7.94
N ALA A 971 1.19 -1.28 -7.84
CA ALA A 971 1.58 -2.29 -6.87
C ALA A 971 2.48 -1.63 -5.84
N PHE A 972 2.51 -0.30 -5.87
CA PHE A 972 3.18 0.54 -4.88
C PHE A 972 4.69 0.55 -5.08
N ASN A 973 5.15 0.31 -6.32
CA ASN A 973 6.57 0.32 -6.63
C ASN A 973 6.92 1.58 -7.41
N LEU A 974 8.18 2.00 -7.29
CA LEU A 974 8.79 2.98 -8.18
C LEU A 974 9.74 2.24 -9.11
N PHE A 975 9.91 2.76 -10.33
CA PHE A 975 10.95 2.27 -11.22
C PHE A 975 11.48 3.42 -12.07
N VAL A 976 12.74 3.29 -12.49
CA VAL A 976 13.38 4.27 -13.35
C VAL A 976 13.82 3.60 -14.66
N CYS A 977 13.46 4.25 -15.79
CA CYS A 977 13.82 3.81 -17.12
C CYS A 977 14.96 4.64 -17.70
N GLN A 978 15.78 4.00 -18.55
CA GLN A 978 16.83 4.72 -19.26
C GLN A 978 16.82 4.37 -20.74
N LYS A 979 17.10 5.38 -21.57
CA LYS A 979 17.65 5.18 -22.91
C LYS A 979 18.94 4.37 -22.77
N ASP A 980 19.17 3.45 -23.70
CA ASP A 980 20.34 2.61 -23.68
C ASP A 980 21.54 3.37 -24.26
N SER A 981 22.46 3.77 -23.38
CA SER A 981 23.64 4.52 -23.77
C SER A 981 24.78 3.56 -24.18
N ALA A 982 24.39 2.35 -24.61
CA ALA A 982 25.33 1.36 -25.15
C ALA A 982 24.75 0.75 -26.42
N ALA A 983 23.56 1.20 -26.79
CA ALA A 983 22.85 0.72 -27.95
C ALA A 983 23.71 0.92 -29.20
N THR A 984 24.05 -0.20 -29.84
CA THR A 984 24.86 -0.20 -31.05
C THR A 984 23.95 -0.05 -32.26
N THR A 985 22.86 -0.85 -32.28
CA THR A 985 21.89 -0.84 -33.37
C THR A 985 20.70 0.03 -32.98
N ASP A 986 19.78 0.21 -33.93
CA ASP A 986 18.62 1.08 -33.79
C ASP A 986 17.49 0.36 -33.05
N GLU A 987 17.51 -0.97 -33.09
CA GLU A 987 16.50 -1.75 -32.39
C GLU A 987 16.73 -1.63 -30.89
N GLU A 988 18.01 -1.59 -30.49
CA GLU A 988 18.41 -1.53 -29.10
C GLU A 988 18.21 -0.12 -28.56
N ARG A 989 18.20 0.84 -29.49
CA ARG A 989 18.11 2.26 -29.21
C ARG A 989 16.71 2.58 -28.69
N GLN A 990 15.82 1.58 -28.81
CA GLN A 990 14.38 1.75 -28.77
C GLN A 990 13.79 1.07 -27.54
N HIS A 991 14.63 0.42 -26.74
CA HIS A 991 14.20 -0.14 -25.46
C HIS A 991 14.53 0.83 -24.35
N LEU A 992 13.56 1.10 -23.48
CA LEU A 992 13.87 1.73 -22.22
C LEU A 992 14.19 0.60 -21.24
N GLN A 993 15.37 0.69 -20.60
CA GLN A 993 15.81 -0.36 -19.71
C GLN A 993 15.53 0.04 -18.27
N GLU A 994 14.90 -0.88 -17.53
CA GLU A 994 14.49 -0.61 -16.16
C GLU A 994 15.70 -0.78 -15.24
N VAL A 995 16.32 0.35 -14.89
CA VAL A 995 17.61 0.34 -14.21
C VAL A 995 17.45 0.63 -12.71
N GLY A 996 16.25 1.07 -12.30
CA GLY A 996 15.94 1.27 -10.90
C GLY A 996 14.59 0.63 -10.55
N LEU A 997 14.54 -0.08 -9.41
CA LEU A 997 13.32 -0.70 -8.90
C LEU A 997 13.31 -0.55 -7.38
N PHE A 998 12.14 -0.29 -6.79
CA PHE A 998 12.01 0.01 -5.37
C PHE A 998 10.56 -0.10 -4.94
N HIS A 999 10.30 -0.90 -3.89
CA HIS A 999 8.96 -0.95 -3.33
C HIS A 999 8.79 0.21 -2.36
N LEU A 1000 7.86 1.13 -2.68
CA LEU A 1000 7.69 2.33 -1.89
C LEU A 1000 6.64 2.11 -0.80
N GLY A 1001 5.58 1.38 -1.12
CA GLY A 1001 4.57 1.07 -0.13
C GLY A 1001 3.45 2.11 -0.14
N GLU A 1002 3.58 3.10 -1.03
CA GLU A 1002 2.56 4.12 -1.21
C GLU A 1002 2.02 4.05 -2.65
N PHE A 1003 0.89 4.72 -2.90
CA PHE A 1003 0.34 4.91 -4.23
C PHE A 1003 0.50 6.38 -4.64
N VAL A 1004 1.34 6.61 -5.66
CA VAL A 1004 1.69 7.98 -6.04
C VAL A 1004 0.65 8.52 -7.03
N ASN A 1005 0.13 9.72 -6.76
CA ASN A 1005 -0.84 10.33 -7.65
C ASN A 1005 -0.21 11.46 -8.45
N VAL A 1006 0.83 12.08 -7.89
CA VAL A 1006 1.42 13.25 -8.52
C VAL A 1006 2.93 13.25 -8.31
N PHE A 1007 3.66 13.68 -9.34
CA PHE A 1007 5.09 13.92 -9.27
C PHE A 1007 5.34 15.38 -9.62
N CYS A 1008 6.28 16.01 -8.92
CA CYS A 1008 6.44 17.45 -9.02
C CYS A 1008 7.90 17.84 -8.82
N HIS A 1009 8.44 18.65 -9.74
CA HIS A 1009 9.78 19.19 -9.54
C HIS A 1009 9.67 20.37 -8.56
N GLY A 1010 10.46 20.32 -7.49
CA GLY A 1010 10.51 21.45 -6.55
C GLY A 1010 11.06 21.03 -5.18
N SER A 1011 11.09 22.00 -4.26
CA SER A 1011 11.66 21.78 -2.94
C SER A 1011 11.01 22.72 -1.92
N LEU A 1012 10.85 22.20 -0.69
CA LEU A 1012 10.34 22.98 0.43
C LEU A 1012 11.49 23.72 1.11
N VAL A 1013 12.72 23.49 0.63
CA VAL A 1013 13.92 24.05 1.23
C VAL A 1013 14.28 25.32 0.46
N MET A 1014 15.01 26.22 1.14
CA MET A 1014 15.46 27.49 0.61
C MET A 1014 16.23 27.28 -0.70
N GLN A 1015 17.24 26.39 -0.64
CA GLN A 1015 18.11 26.04 -1.76
C GLN A 1015 18.92 27.28 -2.19
N THR A 1022 26.99 19.86 -3.96
CA THR A 1022 25.79 19.25 -3.33
C THR A 1022 25.78 17.73 -3.55
N PRO A 1023 25.58 16.94 -2.46
CA PRO A 1023 25.55 15.48 -2.55
C PRO A 1023 24.44 14.87 -3.42
N THR A 1024 23.46 15.72 -3.77
CA THR A 1024 22.30 15.28 -4.54
C THR A 1024 22.02 16.26 -5.68
N GLN A 1025 21.45 15.74 -6.77
CA GLN A 1025 21.06 16.53 -7.94
C GLN A 1025 19.57 16.35 -8.17
N GLY A 1026 18.85 17.47 -8.36
CA GLY A 1026 17.44 17.44 -8.68
C GLY A 1026 16.58 17.18 -7.44
N SER A 1027 15.27 17.38 -7.60
CA SER A 1027 14.34 17.29 -6.48
C SER A 1027 12.93 17.09 -7.01
N VAL A 1028 12.39 15.89 -6.83
CA VAL A 1028 11.04 15.57 -7.24
C VAL A 1028 10.25 15.21 -5.99
N LEU A 1029 9.19 15.99 -5.70
CA LEU A 1029 8.26 15.72 -4.62
C LEU A 1029 7.14 14.85 -5.17
N PHE A 1030 6.56 13.99 -4.32
CA PHE A 1030 5.41 13.22 -4.78
C PHE A 1030 4.31 13.25 -3.72
N GLY A 1031 3.07 13.09 -4.18
CA GLY A 1031 1.91 13.05 -3.31
C GLY A 1031 1.15 11.74 -3.49
N THR A 1032 0.66 11.20 -2.37
CA THR A 1032 0.19 9.84 -2.28
C THR A 1032 -1.26 9.78 -1.78
N VAL A 1033 -1.91 8.63 -2.00
CA VAL A 1033 -3.26 8.38 -1.51
C VAL A 1033 -3.28 8.52 0.01
N ASN A 1034 -2.23 8.03 0.69
CA ASN A 1034 -2.21 8.00 2.14
C ASN A 1034 -1.85 9.37 2.73
N GLY A 1035 -1.55 10.33 1.86
CA GLY A 1035 -1.23 11.69 2.26
C GLY A 1035 0.24 11.86 2.63
N MET A 1036 1.06 10.88 2.23
CA MET A 1036 2.50 10.93 2.41
C MET A 1036 3.08 11.88 1.36
N ILE A 1037 4.10 12.64 1.76
CA ILE A 1037 4.82 13.42 0.78
C ILE A 1037 6.27 12.96 0.80
N GLY A 1038 6.77 12.56 -0.38
CA GLY A 1038 8.15 12.10 -0.50
C GLY A 1038 8.99 13.00 -1.38
N LEU A 1039 10.28 12.68 -1.44
CA LEU A 1039 11.20 13.41 -2.29
C LEU A 1039 12.14 12.39 -2.94
N VAL A 1040 12.24 12.45 -4.27
CA VAL A 1040 13.22 11.64 -4.99
C VAL A 1040 14.33 12.59 -5.45
N THR A 1041 15.58 12.16 -5.29
CA THR A 1041 16.71 12.90 -5.82
C THR A 1041 17.72 11.91 -6.40
N SER A 1042 18.71 12.43 -7.15
CA SER A 1042 19.68 11.59 -7.83
C SER A 1042 21.05 11.69 -7.17
N LEU A 1043 21.84 10.62 -7.31
CA LEU A 1043 23.17 10.53 -6.73
C LEU A 1043 24.20 10.22 -7.82
N SER A 1044 25.47 10.47 -7.49
CA SER A 1044 26.57 9.91 -8.25
C SER A 1044 26.73 8.44 -7.87
N GLU A 1045 27.25 7.63 -8.81
CA GLU A 1045 27.57 6.22 -8.61
C GLU A 1045 28.31 6.03 -7.29
N SER A 1046 29.24 6.96 -7.03
CA SER A 1046 30.05 6.99 -5.83
C SER A 1046 29.15 7.06 -4.58
N TRP A 1047 28.28 8.08 -4.50
CA TRP A 1047 27.43 8.27 -3.33
C TRP A 1047 26.51 7.07 -3.15
N TYR A 1048 26.02 6.54 -4.27
CA TYR A 1048 25.12 5.39 -4.23
C TYR A 1048 25.83 4.18 -3.62
N ASN A 1049 27.09 3.94 -4.02
CA ASN A 1049 27.82 2.76 -3.60
C ASN A 1049 28.12 2.83 -2.10
N LEU A 1050 28.42 4.04 -1.63
CA LEU A 1050 28.69 4.28 -0.22
C LEU A 1050 27.41 4.00 0.58
N LEU A 1051 26.30 4.58 0.14
CA LEU A 1051 25.06 4.54 0.89
C LEU A 1051 24.42 3.15 0.81
N LEU A 1052 24.64 2.42 -0.28
CA LEU A 1052 24.08 1.08 -0.39
C LEU A 1052 24.79 0.16 0.60
N ASP A 1053 26.10 0.30 0.70
CA ASP A 1053 26.89 -0.41 1.69
C ASP A 1053 26.37 -0.06 3.08
N MET A 1054 26.12 1.25 3.31
CA MET A 1054 25.62 1.75 4.58
C MET A 1054 24.32 1.06 4.94
N GLN A 1055 23.39 1.04 3.97
CA GLN A 1055 22.11 0.38 4.13
C GLN A 1055 22.32 -1.03 4.70
N ASN A 1056 23.18 -1.80 4.04
CA ASN A 1056 23.40 -3.21 4.33
C ASN A 1056 23.96 -3.39 5.74
N ARG A 1057 24.72 -2.41 6.21
CA ARG A 1057 25.31 -2.44 7.53
C ARG A 1057 24.26 -2.04 8.58
N LEU A 1058 23.46 -1.02 8.23
CA LEU A 1058 22.37 -0.55 9.07
C LEU A 1058 21.35 -1.66 9.28
N ASN A 1059 21.18 -2.52 8.25
CA ASN A 1059 20.23 -3.62 8.30
C ASN A 1059 20.71 -4.72 9.23
N LYS A 1060 22.03 -4.82 9.45
CA LYS A 1060 22.58 -5.86 10.32
C LYS A 1060 22.56 -5.41 11.77
N VAL A 1061 22.45 -4.09 12.01
CA VAL A 1061 22.50 -3.52 13.34
C VAL A 1061 21.08 -3.24 13.82
N ILE A 1062 20.26 -2.66 12.94
CA ILE A 1062 18.90 -2.27 13.26
C ILE A 1062 17.98 -3.48 13.10
N LYS A 1063 17.20 -3.76 14.16
CA LYS A 1063 16.27 -4.88 14.18
C LYS A 1063 14.90 -4.40 13.72
N SER A 1064 14.23 -5.23 12.91
CA SER A 1064 12.91 -4.85 12.41
C SER A 1064 11.84 -5.52 13.26
N VAL A 1065 10.90 -4.71 13.73
CA VAL A 1065 9.77 -5.23 14.48
C VAL A 1065 9.00 -6.18 13.58
N GLY A 1066 8.78 -7.40 14.07
CA GLY A 1066 8.09 -8.42 13.30
C GLY A 1066 9.06 -9.36 12.61
N LYS A 1067 10.35 -8.98 12.65
CA LYS A 1067 11.48 -9.71 12.08
C LYS A 1067 11.36 -9.81 10.56
N ILE A 1068 10.89 -8.71 9.93
CA ILE A 1068 10.82 -8.57 8.49
C ILE A 1068 12.15 -8.01 7.99
N GLU A 1069 12.72 -8.65 6.97
CA GLU A 1069 13.93 -8.14 6.32
C GLU A 1069 13.63 -6.88 5.51
N HIS A 1070 14.51 -5.87 5.66
CA HIS A 1070 14.42 -4.63 4.92
C HIS A 1070 14.47 -4.88 3.41
N SER A 1071 15.37 -5.78 3.00
CA SER A 1071 15.60 -6.08 1.59
C SER A 1071 14.33 -6.68 0.97
N PHE A 1072 13.58 -7.44 1.78
CA PHE A 1072 12.36 -8.07 1.33
C PHE A 1072 11.29 -6.98 1.13
N TRP A 1073 11.18 -6.10 2.13
CA TRP A 1073 10.24 -5.00 2.14
C TRP A 1073 10.42 -4.15 0.89
N ARG A 1074 11.68 -3.83 0.57
CA ARG A 1074 11.98 -2.88 -0.49
C ARG A 1074 12.09 -3.58 -1.84
N SER A 1075 11.99 -4.91 -1.87
CA SER A 1075 12.01 -5.61 -3.15
C SER A 1075 10.84 -5.15 -4.02
N PHE A 1076 11.11 -4.96 -5.32
CA PHE A 1076 10.07 -4.72 -6.31
C PHE A 1076 9.13 -5.94 -6.32
N HIS A 1077 7.84 -5.70 -6.10
CA HIS A 1077 6.90 -6.79 -5.99
C HIS A 1077 5.59 -6.49 -6.72
N THR A 1078 5.30 -7.39 -7.65
CA THR A 1078 4.08 -7.46 -8.44
C THR A 1078 3.66 -8.93 -8.41
N GLU A 1079 2.55 -9.27 -9.07
CA GLU A 1079 2.08 -10.65 -9.04
C GLU A 1079 2.85 -11.45 -10.08
N ARG A 1080 3.36 -10.76 -11.11
CA ARG A 1080 4.12 -11.41 -12.17
C ARG A 1080 5.55 -11.71 -11.69
N LYS A 1081 6.20 -10.73 -11.06
CA LYS A 1081 7.60 -10.93 -10.69
C LYS A 1081 7.91 -10.28 -9.34
N THR A 1082 8.94 -10.83 -8.68
CA THR A 1082 9.51 -10.29 -7.45
C THR A 1082 11.02 -10.17 -7.68
N GLU A 1083 11.59 -9.01 -7.33
CA GLU A 1083 12.94 -8.65 -7.74
C GLU A 1083 13.55 -7.73 -6.69
N PRO A 1084 14.80 -7.95 -6.24
CA PRO A 1084 15.44 -7.07 -5.24
C PRO A 1084 15.57 -5.65 -5.77
N ALA A 1085 15.34 -4.68 -4.88
CA ALA A 1085 15.44 -3.26 -5.22
C ALA A 1085 16.84 -2.95 -5.75
N THR A 1086 16.92 -2.13 -6.80
CA THR A 1086 18.20 -1.72 -7.34
C THR A 1086 18.14 -0.23 -7.68
N GLY A 1087 19.28 0.45 -7.56
CA GLY A 1087 19.43 1.82 -8.01
C GLY A 1087 18.60 2.80 -7.19
N PHE A 1088 18.22 2.37 -5.98
CA PHE A 1088 17.39 3.16 -5.08
C PHE A 1088 17.87 3.00 -3.64
N ILE A 1089 18.07 4.13 -2.97
CA ILE A 1089 18.46 4.16 -1.56
C ILE A 1089 17.28 4.60 -0.72
N ASP A 1090 17.01 3.84 0.35
CA ASP A 1090 15.98 4.16 1.33
C ASP A 1090 16.50 5.24 2.27
N GLY A 1091 16.21 6.49 1.93
CA GLY A 1091 16.64 7.66 2.68
C GLY A 1091 16.23 7.62 4.15
N ASP A 1092 15.05 7.03 4.44
CA ASP A 1092 14.53 6.92 5.79
C ASP A 1092 15.44 6.05 6.65
N LEU A 1093 15.84 4.89 6.09
CA LEU A 1093 16.82 4.01 6.71
C LEU A 1093 18.11 4.80 7.00
N ILE A 1094 18.65 5.47 5.98
CA ILE A 1094 19.93 6.18 6.08
C ILE A 1094 19.88 7.20 7.21
N GLU A 1095 18.77 7.93 7.32
CA GLU A 1095 18.66 9.04 8.26
C GLU A 1095 18.60 8.50 9.69
N SER A 1096 18.09 7.28 9.83
CA SER A 1096 17.91 6.67 11.14
C SER A 1096 19.25 6.27 11.75
N PHE A 1097 20.35 6.51 11.03
CA PHE A 1097 21.69 6.28 11.51
C PHE A 1097 22.03 7.30 12.60
N LEU A 1098 21.35 8.45 12.57
CA LEU A 1098 21.60 9.53 13.51
C LEU A 1098 20.89 9.28 14.85
N ASP A 1099 20.04 8.25 14.89
CA ASP A 1099 19.15 8.02 16.02
C ASP A 1099 19.57 6.79 16.80
N ILE A 1100 20.55 6.04 16.29
CA ILE A 1100 21.01 4.84 16.97
C ILE A 1100 22.08 5.24 17.99
N SER A 1101 22.38 4.32 18.93
CA SER A 1101 23.36 4.57 19.98
C SER A 1101 24.77 4.68 19.38
N ARG A 1102 25.65 5.42 20.06
CA ARG A 1102 27.00 5.64 19.60
C ARG A 1102 27.71 4.31 19.36
N PRO A 1103 27.72 3.35 20.32
CA PRO A 1103 28.40 2.06 20.11
C PRO A 1103 27.87 1.35 18.85
N LYS A 1104 26.57 1.46 18.63
CA LYS A 1104 25.92 0.78 17.52
C LYS A 1104 26.19 1.54 16.22
N MET A 1105 26.44 2.84 16.37
CA MET A 1105 26.87 3.71 15.29
C MET A 1105 28.23 3.22 14.80
N GLN A 1106 29.12 2.92 15.75
CA GLN A 1106 30.48 2.52 15.44
C GLN A 1106 30.50 1.12 14.85
N GLU A 1107 29.55 0.27 15.27
CA GLU A 1107 29.42 -1.08 14.76
C GLU A 1107 29.01 -1.05 13.28
N VAL A 1108 28.26 -0.02 12.88
CA VAL A 1108 27.86 0.14 11.49
C VAL A 1108 29.09 0.48 10.67
N VAL A 1109 29.97 1.32 11.22
CA VAL A 1109 31.10 1.86 10.48
C VAL A 1109 32.32 0.93 10.62
N ALA A 1110 32.06 -0.28 11.14
CA ALA A 1110 33.09 -1.22 11.58
C ALA A 1110 34.25 -1.30 10.61
N ASN A 1111 33.95 -1.58 9.33
CA ASN A 1111 35.00 -1.65 8.32
C ASN A 1111 34.64 -0.71 7.17
N LEU A 1112 35.52 0.24 6.86
CA LEU A 1112 35.18 1.22 5.84
C LEU A 1112 36.44 1.85 5.26
N GLN A 1113 36.25 2.58 4.14
CA GLN A 1113 37.34 3.29 3.49
C GLN A 1113 36.89 4.70 3.12
N TYR A 1114 37.87 5.62 3.10
CA TYR A 1114 37.67 7.00 2.71
C TYR A 1114 38.63 7.36 1.55
N ARG A 1122 40.46 5.42 4.42
CA ARG A 1122 40.40 4.08 5.06
C ARG A 1122 39.90 4.20 6.50
N GLU A 1123 39.43 3.07 7.05
CA GLU A 1123 38.96 2.91 8.42
C GLU A 1123 37.61 3.61 8.63
N ALA A 1124 37.22 3.75 9.92
CA ALA A 1124 35.86 4.13 10.32
C ALA A 1124 35.82 5.57 10.81
N THR A 1125 34.93 6.37 10.20
CA THR A 1125 34.70 7.73 10.63
C THR A 1125 33.22 7.88 10.99
N ALA A 1126 32.86 7.37 12.19
CA ALA A 1126 31.49 7.39 12.68
C ALA A 1126 30.98 8.83 12.75
N ASP A 1127 31.92 9.75 13.01
CA ASP A 1127 31.64 11.18 13.01
C ASP A 1127 31.59 11.73 11.59
N ASP A 1128 32.33 11.12 10.66
CA ASP A 1128 32.36 11.57 9.28
C ASP A 1128 31.09 11.11 8.57
N LEU A 1129 30.61 9.91 8.90
CA LEU A 1129 29.33 9.43 8.39
C LEU A 1129 28.19 10.27 8.96
N ILE A 1130 28.34 10.71 10.22
CA ILE A 1130 27.37 11.62 10.81
C ILE A 1130 27.29 12.89 9.97
N LYS A 1131 28.45 13.47 9.66
CA LYS A 1131 28.53 14.72 8.92
C LYS A 1131 27.91 14.58 7.53
N VAL A 1132 28.03 13.37 6.96
CA VAL A 1132 27.52 13.06 5.63
C VAL A 1132 25.99 13.06 5.68
N VAL A 1133 25.43 12.34 6.65
CA VAL A 1133 23.98 12.13 6.76
C VAL A 1133 23.29 13.46 7.10
N GLU A 1134 23.95 14.28 7.93
CA GLU A 1134 23.44 15.61 8.25
C GLU A 1134 23.20 16.42 6.97
N GLU A 1135 24.11 16.28 5.99
CA GLU A 1135 23.97 16.92 4.69
C GLU A 1135 22.70 16.44 3.99
N LEU A 1136 22.45 15.12 4.06
CA LEU A 1136 21.34 14.49 3.35
C LEU A 1136 20.01 14.92 3.96
N THR A 1137 20.00 15.28 5.26
CA THR A 1137 18.76 15.65 5.92
C THR A 1137 18.36 17.09 5.54
N ARG A 1138 19.27 17.81 4.88
CA ARG A 1138 19.07 19.21 4.57
C ARG A 1138 18.31 19.38 3.25
N ILE A 1139 18.08 18.27 2.53
CA ILE A 1139 17.40 18.31 1.26
C ILE A 1139 15.89 18.47 1.46
N HIS A 1140 15.44 18.51 2.72
CA HIS A 1140 14.01 18.64 3.01
C HIS A 1140 13.79 19.12 4.43
N ARG B 39 -23.05 -0.97 -15.10
CA ARG B 39 -23.48 0.17 -14.22
C ARG B 39 -22.28 1.03 -13.85
N GLU B 40 -21.07 0.56 -14.19
CA GLU B 40 -19.84 1.31 -13.98
C GLU B 40 -19.41 1.93 -15.30
N HIS B 41 -18.71 3.06 -15.22
CA HIS B 41 -18.20 3.76 -16.39
C HIS B 41 -16.70 3.97 -16.21
N VAL B 42 -15.94 3.86 -17.30
CA VAL B 42 -14.49 3.96 -17.25
C VAL B 42 -14.05 5.13 -16.38
N LEU B 43 -14.75 6.26 -16.47
CA LEU B 43 -14.23 7.47 -15.86
C LEU B 43 -14.53 7.48 -14.35
N LYS B 44 -15.62 6.82 -13.96
CA LYS B 44 -15.98 6.66 -12.56
C LYS B 44 -14.97 5.73 -11.88
N GLN B 45 -14.53 4.71 -12.62
CA GLN B 45 -13.55 3.75 -12.13
C GLN B 45 -12.20 4.43 -11.90
N LEU B 46 -11.88 5.42 -12.73
CA LEU B 46 -10.58 6.08 -12.64
C LEU B 46 -10.58 7.09 -11.50
N GLU B 47 -11.72 7.73 -11.25
CA GLU B 47 -11.86 8.59 -10.08
C GLU B 47 -11.68 7.76 -8.81
N ARG B 48 -12.36 6.60 -8.73
CA ARG B 48 -12.15 5.66 -7.64
C ARG B 48 -10.66 5.42 -7.42
N VAL B 49 -9.92 5.17 -8.51
CA VAL B 49 -8.52 4.78 -8.39
C VAL B 49 -7.75 5.86 -7.63
N LYS B 50 -7.95 7.13 -8.00
CA LYS B 50 -7.12 8.21 -7.46
C LYS B 50 -7.37 8.42 -5.96
N ILE B 51 -8.58 8.12 -5.49
CA ILE B 51 -8.93 8.43 -4.11
C ILE B 51 -8.74 7.21 -3.21
N SER B 52 -8.83 6.01 -3.78
CA SER B 52 -8.73 4.76 -3.04
C SER B 52 -7.31 4.19 -3.13
N GLY B 53 -6.71 4.27 -4.32
CA GLY B 53 -5.40 3.68 -4.54
C GLY B 53 -5.46 2.19 -4.79
N GLN B 54 -6.65 1.69 -5.15
CA GLN B 54 -6.79 0.30 -5.59
C GLN B 54 -6.98 0.23 -7.10
N LEU B 55 -5.88 -0.10 -7.79
CA LEU B 55 -5.86 -0.26 -9.23
C LEU B 55 -5.54 -1.73 -9.51
N SER B 56 -6.47 -2.41 -10.18
CA SER B 56 -6.36 -3.83 -10.46
C SER B 56 -7.01 -4.12 -11.81
N PRO B 57 -6.43 -5.01 -12.64
CA PRO B 57 -7.06 -5.41 -13.90
C PRO B 57 -8.47 -6.00 -13.71
N ARG B 58 -8.72 -6.59 -12.53
CA ARG B 58 -9.95 -7.33 -12.27
C ARG B 58 -11.10 -6.42 -11.84
N LEU B 59 -10.91 -5.09 -11.97
CA LEU B 59 -12.00 -4.19 -11.62
C LEU B 59 -12.56 -3.55 -12.89
N PHE B 60 -11.67 -3.36 -13.88
CA PHE B 60 -12.04 -2.92 -15.21
C PHE B 60 -12.51 -4.08 -16.09
N ARG B 61 -12.46 -5.30 -15.56
CA ARG B 61 -12.78 -6.52 -16.30
C ARG B 61 -14.26 -6.53 -16.66
N LYS B 62 -14.98 -5.55 -16.10
CA LYS B 62 -16.40 -5.31 -16.35
C LYS B 62 -16.57 -4.70 -17.75
N LEU B 63 -15.57 -3.92 -18.16
CA LEU B 63 -15.67 -2.97 -19.26
C LEU B 63 -15.19 -3.57 -20.57
N PRO B 64 -15.45 -2.91 -21.73
CA PRO B 64 -15.08 -3.44 -23.04
C PRO B 64 -13.59 -3.26 -23.30
N PRO B 65 -12.99 -4.01 -24.27
CA PRO B 65 -11.58 -3.86 -24.62
C PRO B 65 -11.23 -2.40 -24.87
N ARG B 66 -10.03 -2.00 -24.44
CA ARG B 66 -9.58 -0.63 -24.61
C ARG B 66 -9.27 -0.37 -26.08
N VAL B 67 -8.44 -1.23 -26.67
CA VAL B 67 -8.08 -1.11 -28.07
C VAL B 67 -8.34 -2.45 -28.76
N CYS B 68 -9.13 -2.42 -29.84
CA CYS B 68 -9.17 -3.52 -30.79
C CYS B 68 -8.38 -3.10 -32.03
N VAL B 69 -7.68 -4.09 -32.63
CA VAL B 69 -6.96 -3.90 -33.87
C VAL B 69 -7.40 -5.00 -34.83
N SER B 70 -7.37 -4.71 -36.13
CA SER B 70 -7.62 -5.74 -37.13
C SER B 70 -6.30 -6.30 -37.65
N LEU B 71 -6.20 -7.64 -37.73
CA LEU B 71 -5.02 -8.31 -38.24
C LEU B 71 -4.65 -7.78 -39.63
N LYS B 72 -5.67 -7.60 -40.49
CA LYS B 72 -5.52 -7.09 -41.85
C LYS B 72 -4.65 -5.84 -41.88
N ASN B 73 -4.64 -5.10 -40.77
CA ASN B 73 -4.11 -3.74 -40.71
C ASN B 73 -2.76 -3.67 -40.02
N ILE B 74 -2.24 -4.80 -39.52
CA ILE B 74 -0.99 -4.78 -38.78
C ILE B 74 -0.02 -5.83 -39.31
N VAL B 75 -0.49 -6.68 -40.23
CA VAL B 75 0.39 -7.62 -40.89
C VAL B 75 0.94 -6.98 -42.15
N ASP B 76 2.20 -7.33 -42.46
CA ASP B 76 2.91 -6.94 -43.67
C ASP B 76 2.23 -7.53 -44.89
N GLU B 77 2.68 -7.07 -46.08
CA GLU B 77 2.11 -7.44 -47.36
C GLU B 77 2.71 -8.77 -47.85
N ASP B 78 3.96 -9.03 -47.48
CA ASP B 78 4.72 -10.17 -48.00
C ASP B 78 4.21 -11.49 -47.41
N PHE B 79 3.80 -11.44 -46.14
CA PHE B 79 3.39 -12.61 -45.38
C PHE B 79 1.88 -12.79 -45.48
N LEU B 80 1.22 -11.86 -46.19
CA LEU B 80 -0.23 -11.75 -46.25
C LEU B 80 -0.84 -12.98 -46.93
N TYR B 81 -0.11 -13.58 -47.89
CA TYR B 81 -0.52 -14.81 -48.52
C TYR B 81 0.65 -15.81 -48.52
N ALA B 82 1.16 -16.11 -47.31
CA ALA B 82 2.23 -17.08 -47.13
C ALA B 82 1.85 -18.11 -46.06
N GLY B 83 0.57 -18.08 -45.63
CA GLY B 83 -0.05 -19.20 -44.95
C GLY B 83 0.01 -19.13 -43.43
N HIS B 84 0.36 -17.95 -42.90
CA HIS B 84 0.48 -17.74 -41.46
C HIS B 84 -0.86 -17.98 -40.77
N ILE B 85 -0.83 -18.71 -39.67
CA ILE B 85 -1.95 -18.89 -38.76
C ILE B 85 -1.50 -18.37 -37.39
N PHE B 86 -2.03 -17.21 -36.97
CA PHE B 86 -1.62 -16.54 -35.74
C PHE B 86 -2.23 -17.22 -34.51
N LEU B 87 -1.42 -17.34 -33.45
CA LEU B 87 -1.76 -18.18 -32.32
C LEU B 87 -2.26 -17.35 -31.14
N GLY B 88 -1.51 -16.30 -30.76
CA GLY B 88 -1.89 -15.43 -29.65
C GLY B 88 -0.76 -14.50 -29.18
N PHE B 89 -0.95 -13.93 -27.99
CA PHE B 89 0.00 -12.99 -27.39
C PHE B 89 0.86 -13.71 -26.36
N SER B 90 2.12 -13.30 -26.23
CA SER B 90 2.91 -13.73 -25.10
C SER B 90 2.32 -13.12 -23.83
N LYS B 91 2.55 -13.78 -22.68
CA LYS B 91 2.01 -13.36 -21.40
C LYS B 91 2.43 -11.92 -21.10
N CYS B 92 3.66 -11.57 -21.49
CA CYS B 92 4.22 -10.24 -21.27
C CYS B 92 3.57 -9.22 -22.20
N GLY B 93 2.92 -9.72 -23.27
CA GLY B 93 2.08 -8.91 -24.14
C GLY B 93 2.87 -8.20 -25.25
N ARG B 94 4.14 -8.59 -25.42
CA ARG B 94 5.03 -7.93 -26.36
C ARG B 94 5.00 -8.62 -27.72
N TYR B 95 4.57 -9.88 -27.76
CA TYR B 95 4.64 -10.65 -28.98
C TYR B 95 3.29 -11.29 -29.30
N VAL B 96 2.93 -11.24 -30.57
CA VAL B 96 2.06 -12.23 -31.16
C VAL B 96 2.97 -13.25 -31.83
N LEU B 97 2.57 -14.51 -31.84
CA LEU B 97 3.32 -15.47 -32.62
C LEU B 97 2.39 -16.41 -33.39
N SER B 98 2.94 -17.01 -34.45
CA SER B 98 2.20 -17.84 -35.39
C SER B 98 3.10 -18.97 -35.88
N TYR B 99 2.49 -19.87 -36.67
CA TYR B 99 3.19 -21.00 -37.26
C TYR B 99 2.73 -21.17 -38.72
N THR B 100 3.53 -21.86 -39.53
CA THR B 100 3.17 -22.16 -40.90
C THR B 100 3.28 -23.66 -41.14
N SER B 101 2.46 -24.14 -42.08
CA SER B 101 2.39 -25.55 -42.45
C SER B 101 2.39 -25.69 -43.97
N SER B 102 3.57 -25.84 -44.56
CA SER B 102 3.72 -25.98 -46.00
C SER B 102 4.42 -27.30 -46.34
N SER B 103 4.39 -27.67 -47.62
CA SER B 103 5.01 -28.90 -48.09
C SER B 103 6.22 -28.55 -48.96
N GLY B 104 6.04 -28.65 -50.28
CA GLY B 104 7.00 -28.17 -51.26
C GLY B 104 7.82 -29.30 -51.90
N ASP B 105 8.73 -28.90 -52.79
CA ASP B 105 9.65 -29.78 -53.48
C ASP B 105 8.89 -30.85 -54.26
N ASP B 106 9.41 -32.08 -54.22
CA ASP B 106 8.72 -33.26 -54.71
C ASP B 106 7.95 -33.92 -53.57
N ASP B 107 8.06 -33.34 -52.37
CA ASP B 107 7.53 -33.90 -51.15
C ASP B 107 6.15 -33.31 -50.85
N PHE B 108 5.15 -33.77 -51.61
CA PHE B 108 3.76 -33.38 -51.38
C PHE B 108 3.18 -34.28 -50.29
N SER B 109 2.17 -33.76 -49.58
CA SER B 109 1.66 -34.38 -48.35
C SER B 109 2.84 -34.72 -47.45
N PHE B 110 3.64 -33.69 -47.12
CA PHE B 110 4.89 -33.81 -46.39
C PHE B 110 5.22 -32.45 -45.80
N TYR B 111 5.28 -32.37 -44.47
CA TYR B 111 4.96 -31.15 -43.77
C TYR B 111 6.17 -30.54 -43.08
N ILE B 112 6.28 -29.21 -43.23
CA ILE B 112 7.28 -28.40 -42.55
C ILE B 112 6.55 -27.41 -41.64
N TYR B 113 7.10 -27.24 -40.43
CA TYR B 113 6.49 -26.38 -39.44
C TYR B 113 7.50 -25.33 -38.96
N HIS B 114 7.14 -24.06 -39.15
CA HIS B 114 7.94 -22.95 -38.68
C HIS B 114 7.14 -22.15 -37.67
N LEU B 115 7.82 -21.69 -36.61
CA LEU B 115 7.27 -20.79 -35.61
C LEU B 115 7.88 -19.41 -35.82
N TYR B 116 7.10 -18.35 -35.57
CA TYR B 116 7.56 -16.98 -35.77
C TYR B 116 7.09 -16.09 -34.62
N TRP B 117 8.01 -15.28 -34.09
CA TRP B 117 7.70 -14.25 -33.11
C TRP B 117 7.52 -12.91 -33.83
N TRP B 118 6.40 -12.23 -33.53
CA TRP B 118 6.13 -10.90 -34.07
C TRP B 118 6.07 -9.90 -32.92
N GLU B 119 6.72 -8.74 -33.07
CA GLU B 119 6.56 -7.70 -32.06
C GLU B 119 5.29 -6.88 -32.34
N PHE B 120 4.34 -6.96 -31.39
CA PHE B 120 3.11 -6.18 -31.42
C PHE B 120 3.42 -4.74 -31.02
N ASN B 121 2.94 -3.77 -31.81
CA ASN B 121 3.13 -2.39 -31.40
C ASN B 121 1.86 -1.60 -31.69
N VAL B 122 0.75 -2.08 -31.11
CA VAL B 122 -0.58 -1.50 -31.21
C VAL B 122 -0.98 -1.34 -32.69
N HIS B 123 -1.11 -0.10 -33.17
CA HIS B 123 -1.68 0.19 -34.49
C HIS B 123 -0.66 -0.07 -35.60
N SER B 124 0.63 0.12 -35.29
CA SER B 124 1.69 -0.04 -36.27
C SER B 124 1.85 -1.51 -36.63
N LYS B 125 2.52 -1.79 -37.76
CA LYS B 125 2.59 -3.13 -38.32
C LYS B 125 3.49 -4.02 -37.45
N LEU B 126 3.18 -5.33 -37.46
CA LEU B 126 3.93 -6.31 -36.69
C LEU B 126 5.31 -6.50 -37.32
N LYS B 127 6.36 -6.30 -36.53
CA LYS B 127 7.72 -6.60 -36.99
C LYS B 127 8.01 -8.07 -36.71
N LEU B 128 8.72 -8.73 -37.63
CA LEU B 128 9.16 -10.11 -37.46
C LEU B 128 10.49 -10.13 -36.71
N VAL B 129 10.55 -10.89 -35.61
CA VAL B 129 11.72 -10.88 -34.74
C VAL B 129 12.45 -12.22 -34.86
N ARG B 130 11.70 -13.33 -34.91
CA ARG B 130 12.31 -14.65 -35.01
C ARG B 130 11.48 -15.57 -35.91
N GLN B 131 12.18 -16.42 -36.65
CA GLN B 131 11.63 -17.46 -37.51
C GLN B 131 12.42 -18.73 -37.21
N VAL B 132 11.72 -19.86 -37.02
CA VAL B 132 12.34 -21.08 -36.51
C VAL B 132 11.57 -22.30 -37.03
N ARG B 133 12.30 -23.28 -37.59
CA ARG B 133 11.69 -24.53 -38.01
C ARG B 133 11.54 -25.47 -36.82
N LEU B 134 10.40 -26.17 -36.75
CA LEU B 134 10.08 -27.08 -35.66
C LEU B 134 10.33 -28.51 -36.10
N PHE B 135 10.64 -29.37 -35.12
CA PHE B 135 10.78 -30.81 -35.25
C PHE B 135 11.78 -31.17 -36.35
N GLN B 136 13.05 -30.78 -36.15
CA GLN B 136 14.07 -30.98 -37.17
C GLN B 136 14.33 -32.46 -37.40
N ASP B 137 14.89 -32.77 -38.57
CA ASP B 137 15.29 -34.11 -38.98
C ASP B 137 14.06 -35.00 -39.15
N GLU B 138 12.87 -34.38 -39.27
CA GLU B 138 11.63 -35.12 -39.12
C GLU B 138 10.73 -35.02 -40.35
N GLU B 139 10.45 -36.17 -40.97
CA GLU B 139 9.48 -36.32 -42.04
C GLU B 139 8.09 -36.48 -41.44
N ILE B 140 7.23 -35.48 -41.64
CA ILE B 140 5.90 -35.48 -41.07
C ILE B 140 4.89 -35.77 -42.18
N TYR B 141 4.34 -36.98 -42.18
CA TYR B 141 3.46 -37.42 -43.25
C TYR B 141 1.99 -37.10 -42.93
N SER B 142 1.74 -36.13 -42.04
CA SER B 142 0.37 -35.79 -41.67
C SER B 142 0.32 -34.41 -41.06
N ASP B 143 -0.81 -33.73 -41.26
CA ASP B 143 -0.99 -32.37 -40.75
C ASP B 143 -1.33 -32.41 -39.26
N LEU B 144 -0.51 -31.73 -38.47
CA LEU B 144 -0.54 -31.85 -37.02
C LEU B 144 -1.54 -30.85 -36.44
N TYR B 145 -2.14 -31.22 -35.29
CA TYR B 145 -2.70 -30.30 -34.33
C TYR B 145 -1.52 -29.72 -33.54
N LEU B 146 -1.39 -28.39 -33.55
CA LEU B 146 -0.21 -27.75 -32.99
C LEU B 146 -0.65 -26.81 -31.86
N THR B 147 0.17 -26.75 -30.80
CA THR B 147 -0.10 -25.90 -29.65
C THR B 147 1.23 -25.39 -29.10
N VAL B 148 1.24 -24.11 -28.72
CA VAL B 148 2.43 -23.50 -28.14
C VAL B 148 2.10 -23.17 -26.69
N CYS B 149 3.06 -23.40 -25.78
CA CYS B 149 2.83 -23.08 -24.39
C CYS B 149 3.99 -22.26 -23.84
N GLU B 150 3.66 -21.33 -22.92
CA GLU B 150 4.62 -20.65 -22.07
C GLU B 150 4.48 -21.24 -20.66
N TRP B 151 5.62 -21.37 -19.97
CA TRP B 151 5.66 -21.79 -18.57
C TRP B 151 5.13 -20.67 -17.67
N PRO B 152 4.78 -20.98 -16.40
CA PRO B 152 4.19 -20.01 -15.48
C PRO B 152 5.04 -18.79 -15.14
N SER B 153 6.34 -19.01 -14.92
CA SER B 153 7.21 -17.95 -14.42
C SER B 153 8.54 -17.95 -15.17
N ASP B 154 8.55 -18.47 -16.39
CA ASP B 154 9.77 -18.58 -17.17
C ASP B 154 9.49 -18.17 -18.62
N ALA B 155 9.96 -16.97 -18.97
CA ALA B 155 9.70 -16.41 -20.29
C ALA B 155 10.94 -16.53 -21.19
N SER B 156 11.86 -17.44 -20.84
CA SER B 156 13.11 -17.58 -21.59
C SER B 156 12.99 -18.65 -22.68
N LYS B 157 12.14 -19.65 -22.44
CA LYS B 157 11.87 -20.69 -23.42
C LYS B 157 10.36 -20.86 -23.60
N VAL B 158 9.98 -21.32 -24.79
CA VAL B 158 8.62 -21.67 -25.10
C VAL B 158 8.60 -23.13 -25.53
N ILE B 159 7.41 -23.74 -25.54
CA ILE B 159 7.32 -25.17 -25.81
C ILE B 159 6.08 -25.45 -26.65
N VAL B 160 6.27 -26.30 -27.68
CA VAL B 160 5.31 -26.56 -28.74
C VAL B 160 5.00 -28.06 -28.75
N PHE B 161 3.74 -28.41 -29.03
CA PHE B 161 3.29 -29.80 -29.06
C PHE B 161 2.57 -30.09 -30.38
N GLY B 162 2.95 -31.19 -31.03
CA GLY B 162 2.26 -31.63 -32.25
C GLY B 162 1.73 -33.05 -32.09
N PHE B 163 0.48 -33.28 -32.50
CA PHE B 163 -0.17 -34.56 -32.30
C PHE B 163 -0.74 -35.08 -33.61
N ASN B 164 -0.99 -36.40 -33.64
CA ASN B 164 -1.62 -37.12 -34.73
C ASN B 164 -0.72 -37.07 -35.97
N GLU B 181 -1.36 -47.03 -36.79
CA GLU B 181 -2.82 -46.82 -36.99
C GLU B 181 -3.60 -47.18 -35.74
N ASN B 182 -2.90 -47.82 -34.78
CA ASN B 182 -3.37 -47.85 -33.40
C ASN B 182 -2.27 -47.30 -32.50
N HIS B 183 -1.41 -46.48 -33.10
CA HIS B 183 -0.45 -45.67 -32.36
C HIS B 183 -0.83 -44.21 -32.53
N ARG B 184 -0.13 -43.32 -31.83
CA ARG B 184 -0.24 -41.89 -32.06
C ARG B 184 1.15 -41.30 -31.86
N ASP B 185 1.52 -40.35 -32.73
CA ASP B 185 2.84 -39.75 -32.71
C ASP B 185 2.76 -38.36 -32.08
N ILE B 186 3.71 -38.06 -31.19
CA ILE B 186 3.74 -36.80 -30.45
C ILE B 186 5.10 -36.11 -30.63
N TYR B 187 5.05 -34.90 -31.16
CA TYR B 187 6.25 -34.10 -31.38
C TYR B 187 6.27 -32.95 -30.38
N VAL B 188 7.46 -32.63 -29.86
CA VAL B 188 7.62 -31.64 -28.81
C VAL B 188 8.91 -30.88 -29.07
N SER B 189 8.83 -29.53 -29.09
CA SER B 189 9.99 -28.69 -29.35
C SER B 189 10.08 -27.56 -28.32
N THR B 190 11.29 -27.34 -27.80
CA THR B 190 11.54 -26.23 -26.89
C THR B 190 12.44 -25.20 -27.60
N VAL B 191 11.88 -24.01 -27.84
CA VAL B 191 12.54 -22.96 -28.60
C VAL B 191 12.85 -21.79 -27.67
N ALA B 192 14.07 -21.26 -27.80
CA ALA B 192 14.49 -20.11 -27.03
C ALA B 192 13.63 -18.89 -27.40
N VAL B 193 13.44 -18.01 -26.42
CA VAL B 193 12.73 -16.77 -26.62
C VAL B 193 13.76 -15.70 -27.02
N PRO B 194 13.45 -14.87 -28.03
CA PRO B 194 14.31 -13.75 -28.41
C PRO B 194 14.79 -12.97 -27.20
N PRO B 195 16.01 -12.39 -27.25
CA PRO B 195 16.54 -11.60 -26.14
C PRO B 195 15.64 -10.39 -25.88
N PRO B 196 15.27 -10.13 -24.61
CA PRO B 196 14.47 -8.95 -24.25
C PRO B 196 15.02 -7.67 -24.87
N GLY B 197 16.32 -7.41 -24.68
CA GLY B 197 16.92 -6.15 -25.07
C GLY B 197 18.20 -6.31 -25.89
N ARG B 198 19.33 -6.41 -25.18
CA ARG B 198 20.64 -6.56 -25.79
C ARG B 198 21.45 -7.50 -24.89
N CYS B 199 21.70 -8.72 -25.39
CA CYS B 199 22.41 -9.72 -24.61
C CYS B 199 23.91 -9.59 -24.86
N ALA B 200 24.66 -9.35 -23.79
CA ALA B 200 26.10 -9.20 -23.88
C ALA B 200 26.73 -10.45 -24.50
N ALA B 201 26.29 -11.62 -24.04
CA ALA B 201 26.73 -12.90 -24.57
C ALA B 201 26.37 -13.02 -26.05
N CYS B 202 25.16 -12.57 -26.42
CA CYS B 202 24.67 -12.61 -27.80
C CYS B 202 25.55 -11.73 -28.68
N GLN B 203 25.98 -10.58 -28.13
CA GLN B 203 26.87 -9.68 -28.83
C GLN B 203 28.21 -10.36 -29.06
N ASP B 204 28.67 -11.11 -28.06
CA ASP B 204 29.90 -11.88 -28.15
C ASP B 204 29.78 -12.92 -29.26
N ALA B 205 28.56 -13.43 -29.46
CA ALA B 205 28.29 -14.42 -30.50
C ALA B 205 28.35 -13.79 -31.89
N SER B 206 28.20 -12.47 -31.95
CA SER B 206 28.33 -11.72 -33.20
C SER B 206 29.66 -10.96 -33.23
N ARG B 207 30.47 -11.14 -32.18
CA ARG B 207 31.79 -10.52 -32.11
C ARG B 207 32.88 -11.59 -32.13
N ALA B 208 32.99 -12.35 -31.02
CA ALA B 208 33.99 -13.39 -30.86
C ALA B 208 33.86 -14.43 -31.98
N HIS B 209 32.60 -14.69 -32.36
CA HIS B 209 32.21 -15.39 -33.59
C HIS B 209 31.69 -14.34 -34.58
N PRO B 210 32.17 -14.30 -35.85
CA PRO B 210 31.67 -13.33 -36.84
C PRO B 210 30.16 -13.40 -37.11
N GLY B 211 29.61 -14.63 -37.09
CA GLY B 211 28.19 -14.89 -37.25
C GLY B 211 27.56 -14.03 -38.33
N ASP B 212 26.48 -13.33 -37.95
CA ASP B 212 25.65 -12.57 -38.87
C ASP B 212 24.29 -12.31 -38.23
N PRO B 213 23.30 -11.78 -38.98
CA PRO B 213 21.91 -11.73 -38.51
C PRO B 213 21.38 -13.12 -38.16
N ASN B 214 20.83 -13.25 -36.94
CA ASN B 214 20.21 -14.45 -36.39
C ASN B 214 21.23 -15.30 -35.61
N ALA B 215 22.46 -14.79 -35.43
CA ALA B 215 23.46 -15.44 -34.60
C ALA B 215 23.32 -14.97 -33.15
N GLN B 216 22.87 -15.88 -32.26
CA GLN B 216 22.59 -15.52 -30.88
C GLN B 216 23.30 -16.48 -29.92
N CYS B 217 23.46 -16.05 -28.66
CA CYS B 217 24.07 -16.84 -27.61
C CYS B 217 23.22 -18.07 -27.32
N LEU B 218 23.59 -18.84 -26.30
CA LEU B 218 22.97 -20.13 -26.06
C LEU B 218 21.56 -19.97 -25.47
N ARG B 219 21.46 -19.17 -24.39
CA ARG B 219 20.18 -19.01 -23.69
C ARG B 219 19.12 -18.46 -24.65
N HIS B 220 19.52 -17.47 -25.45
CA HIS B 220 18.58 -16.76 -26.30
C HIS B 220 18.54 -17.40 -27.69
N GLY B 221 19.10 -18.60 -27.84
CA GLY B 221 19.17 -19.23 -29.15
C GLY B 221 19.58 -20.70 -29.11
N PHE B 222 18.66 -21.55 -28.65
CA PHE B 222 18.80 -23.00 -28.69
C PHE B 222 17.41 -23.59 -28.88
N MET B 223 17.35 -24.78 -29.50
CA MET B 223 16.09 -25.51 -29.57
C MET B 223 16.33 -26.94 -29.10
N LEU B 224 15.24 -27.66 -28.85
CA LEU B 224 15.31 -29.03 -28.40
C LEU B 224 14.08 -29.78 -28.90
N HIS B 225 14.31 -30.80 -29.75
CA HIS B 225 13.26 -31.58 -30.37
C HIS B 225 13.12 -32.93 -29.67
N THR B 226 11.96 -33.57 -29.86
CA THR B 226 11.73 -34.94 -29.42
C THR B 226 10.41 -35.47 -29.98
N LYS B 227 10.38 -36.77 -30.20
CA LYS B 227 9.24 -37.48 -30.73
C LYS B 227 9.08 -38.73 -29.88
N TYR B 228 7.83 -39.14 -29.64
CA TYR B 228 7.58 -40.44 -29.06
C TYR B 228 6.27 -41.01 -29.60
N GLN B 229 6.12 -42.33 -29.43
CA GLN B 229 4.90 -43.01 -29.79
C GLN B 229 4.08 -43.24 -28.52
N VAL B 230 2.79 -43.55 -28.69
CA VAL B 230 1.87 -43.66 -27.59
C VAL B 230 0.72 -44.57 -28.01
N VAL B 231 0.17 -45.35 -27.08
CA VAL B 231 -0.78 -46.40 -27.43
C VAL B 231 -2.07 -46.24 -26.62
N TYR B 232 -3.10 -46.99 -27.03
CA TYR B 232 -4.41 -46.99 -26.40
C TYR B 232 -4.33 -47.46 -24.95
N PRO B 233 -5.09 -46.85 -24.02
CA PRO B 233 -5.89 -45.66 -24.31
C PRO B 233 -4.97 -44.46 -24.41
N PHE B 234 -5.21 -43.61 -25.43
CA PHE B 234 -4.34 -42.48 -25.67
C PHE B 234 -4.33 -41.56 -24.44
N PRO B 235 -3.15 -41.36 -23.79
CA PRO B 235 -3.06 -40.52 -22.61
C PRO B 235 -3.61 -39.15 -22.94
N THR B 236 -4.21 -38.54 -21.91
CA THR B 236 -4.86 -37.25 -22.06
C THR B 236 -3.79 -36.17 -22.24
N PHE B 237 -4.24 -35.00 -22.72
CA PHE B 237 -3.38 -33.83 -22.81
C PHE B 237 -3.75 -32.91 -21.65
N GLN B 238 -2.77 -32.66 -20.77
CA GLN B 238 -3.01 -31.93 -19.52
C GLN B 238 -2.01 -30.79 -19.41
N PRO B 239 -2.03 -29.80 -20.33
CA PRO B 239 -0.94 -28.82 -20.43
C PRO B 239 -0.76 -28.03 -19.13
N ALA B 240 -1.87 -27.71 -18.48
CA ALA B 240 -1.81 -26.86 -17.30
C ALA B 240 -0.99 -27.54 -16.20
N PHE B 241 -1.12 -28.88 -16.09
CA PHE B 241 -0.38 -29.63 -15.09
C PHE B 241 1.02 -29.97 -15.63
N GLN B 242 1.07 -30.52 -16.85
CA GLN B 242 2.30 -30.95 -17.48
C GLN B 242 3.39 -29.88 -17.34
N LEU B 243 2.99 -28.60 -17.34
CA LEU B 243 3.95 -27.51 -17.40
C LEU B 243 3.89 -26.65 -16.15
N LYS B 244 3.34 -27.17 -15.04
CA LYS B 244 3.10 -26.30 -13.89
C LYS B 244 4.41 -25.98 -13.16
N LYS B 245 5.41 -26.87 -13.27
CA LYS B 245 6.74 -26.60 -12.75
C LYS B 245 7.61 -25.98 -13.85
N ASP B 246 8.22 -24.83 -13.54
CA ASP B 246 9.05 -24.09 -14.48
C ASP B 246 10.20 -24.96 -14.97
N GLN B 247 10.44 -24.89 -16.28
CA GLN B 247 11.59 -25.47 -16.95
C GLN B 247 11.38 -26.97 -17.17
N VAL B 248 10.20 -27.48 -16.77
CA VAL B 248 9.92 -28.90 -16.78
C VAL B 248 8.62 -29.16 -17.54
N VAL B 249 8.62 -30.28 -18.29
CA VAL B 249 7.41 -30.83 -18.87
C VAL B 249 7.35 -32.32 -18.49
N LEU B 250 6.16 -32.76 -18.08
CA LEU B 250 5.88 -34.15 -17.76
C LEU B 250 5.21 -34.80 -18.97
N LEU B 251 5.81 -35.87 -19.49
CA LEU B 251 5.35 -36.48 -20.72
C LEU B 251 4.96 -37.93 -20.43
N ASN B 252 3.74 -38.29 -20.83
CA ASN B 252 3.19 -39.62 -20.61
C ASN B 252 3.35 -40.44 -21.89
N THR B 253 4.21 -41.47 -21.81
CA THR B 253 4.62 -42.26 -22.96
C THR B 253 3.73 -43.49 -23.09
N SER B 254 2.74 -43.58 -22.20
CA SER B 254 1.84 -44.72 -22.01
C SER B 254 2.41 -45.74 -21.04
N TYR B 255 3.75 -45.90 -21.03
CA TYR B 255 4.40 -46.90 -20.21
C TYR B 255 5.17 -46.24 -19.06
N SER B 256 5.37 -44.93 -19.16
CA SER B 256 6.10 -44.20 -18.14
C SER B 256 5.70 -42.73 -18.18
N LEU B 257 6.08 -41.99 -17.12
CA LEU B 257 5.97 -40.55 -17.10
C LEU B 257 7.38 -39.96 -17.06
N VAL B 258 7.66 -39.03 -17.96
CA VAL B 258 9.03 -38.53 -18.08
C VAL B 258 9.05 -37.03 -17.82
N ALA B 259 9.83 -36.62 -16.81
CA ALA B 259 9.94 -35.22 -16.44
C ALA B 259 11.24 -34.66 -17.00
N CYS B 260 11.13 -33.90 -18.10
CA CYS B 260 12.31 -33.38 -18.78
C CYS B 260 12.52 -31.92 -18.41
N ALA B 261 13.79 -31.51 -18.28
CA ALA B 261 14.09 -30.14 -17.92
C ALA B 261 15.31 -29.64 -18.69
N VAL B 262 15.19 -28.42 -19.22
CA VAL B 262 16.28 -27.76 -19.91
C VAL B 262 16.61 -26.48 -19.14
N SER B 263 17.90 -26.18 -19.00
CA SER B 263 18.34 -24.98 -18.31
C SER B 263 19.70 -24.50 -18.83
N VAL B 264 19.87 -23.18 -18.89
CA VAL B 264 21.13 -22.57 -19.28
C VAL B 264 21.83 -22.06 -18.03
N HIS B 265 23.16 -22.25 -17.98
CA HIS B 265 23.97 -21.83 -16.84
C HIS B 265 25.29 -21.24 -17.33
N SER B 266 25.93 -20.46 -16.46
CA SER B 266 27.24 -19.87 -16.72
C SER B 266 28.15 -20.10 -15.51
N ALA B 267 29.47 -20.16 -15.76
CA ALA B 267 30.46 -20.40 -14.72
C ALA B 267 30.42 -19.28 -13.69
N CYS B 273 21.89 -26.10 -9.16
CA CYS B 273 22.59 -26.78 -10.28
C CYS B 273 21.59 -27.60 -11.09
N GLN B 274 21.07 -28.67 -10.48
CA GLN B 274 20.24 -29.69 -11.11
C GLN B 274 18.77 -29.42 -10.82
N ILE B 275 17.95 -29.41 -11.89
CA ILE B 275 16.56 -28.98 -11.83
C ILE B 275 15.65 -30.13 -11.38
N LEU B 276 16.16 -31.37 -11.42
CA LEU B 276 15.32 -32.52 -11.12
C LEU B 276 15.85 -33.31 -9.92
N TYR B 277 16.62 -34.37 -10.19
CA TYR B 277 17.05 -35.35 -9.21
C TYR B 277 18.10 -34.71 -8.30
N ASP B 278 17.73 -34.41 -7.05
CA ASP B 278 18.61 -33.73 -6.11
C ASP B 278 18.34 -34.22 -4.69
N HIS B 279 19.24 -35.06 -4.16
CA HIS B 279 19.21 -35.52 -2.77
C HIS B 279 18.36 -36.78 -2.65
N VAL B 285 15.70 -45.65 -9.68
CA VAL B 285 14.92 -44.72 -10.56
C VAL B 285 15.79 -44.36 -11.76
N ASN B 286 15.19 -43.70 -12.77
CA ASN B 286 15.87 -43.49 -14.04
C ASN B 286 16.13 -42.01 -14.32
N TYR B 287 17.39 -41.60 -14.13
CA TYR B 287 17.84 -40.23 -14.35
C TYR B 287 18.89 -40.18 -15.46
N THR B 288 18.93 -39.07 -16.22
CA THR B 288 19.57 -39.10 -17.54
C THR B 288 20.24 -37.76 -17.90
N LYS B 289 20.74 -37.01 -16.91
CA LYS B 289 21.36 -35.71 -17.16
C LYS B 289 22.58 -35.83 -18.08
N LEU B 290 22.72 -34.87 -18.99
CA LEU B 290 23.91 -34.65 -19.82
C LEU B 290 23.95 -33.19 -20.30
N TYR B 291 25.09 -32.74 -20.85
CA TYR B 291 25.33 -31.35 -21.18
C TYR B 291 25.58 -31.16 -22.68
N TYR B 292 25.43 -29.92 -23.17
CA TYR B 292 25.70 -29.54 -24.55
C TYR B 292 26.35 -28.15 -24.59
N VAL B 293 27.03 -27.84 -25.70
CA VAL B 293 27.77 -26.59 -25.81
C VAL B 293 27.58 -26.00 -27.22
N LEU B 294 28.15 -24.81 -27.45
CA LEU B 294 27.96 -24.10 -28.70
C LEU B 294 29.15 -24.31 -29.62
N GLU B 295 28.84 -24.50 -30.92
CA GLU B 295 29.75 -24.41 -32.05
C GLU B 295 29.89 -25.78 -32.73
N SER B 296 30.03 -25.74 -34.06
CA SER B 296 30.20 -26.94 -34.87
C SER B 296 31.68 -27.12 -35.25
N LYS B 310 20.87 -46.04 -24.75
CA LYS B 310 19.40 -46.14 -24.54
C LYS B 310 19.00 -45.23 -23.38
N ILE B 311 18.06 -44.31 -23.68
CA ILE B 311 17.49 -43.36 -22.74
C ILE B 311 15.99 -43.23 -23.01
N SER B 312 15.25 -42.76 -22.00
CA SER B 312 13.80 -42.73 -22.02
C SER B 312 13.27 -42.05 -23.28
N LEU B 313 13.80 -40.86 -23.60
CA LEU B 313 13.24 -40.01 -24.63
C LEU B 313 14.33 -39.43 -25.51
N PRO B 314 14.60 -40.05 -26.70
CA PRO B 314 15.61 -39.55 -27.63
C PRO B 314 15.21 -38.15 -28.12
N PHE B 315 16.22 -37.30 -28.32
CA PHE B 315 16.03 -35.90 -28.63
C PHE B 315 17.21 -35.36 -29.43
N VAL B 316 17.05 -34.14 -29.97
CA VAL B 316 18.11 -33.44 -30.69
C VAL B 316 18.24 -32.03 -30.12
N VAL B 317 19.47 -31.63 -29.76
CA VAL B 317 19.72 -30.30 -29.23
C VAL B 317 20.48 -29.48 -30.28
N THR B 318 19.91 -28.33 -30.66
CA THR B 318 20.39 -27.54 -31.78
C THR B 318 20.45 -26.06 -31.43
N ASP B 319 20.92 -25.25 -32.41
CA ASP B 319 20.79 -23.81 -32.36
C ASP B 319 19.67 -23.37 -33.31
N LEU B 320 19.47 -22.06 -33.44
CA LEU B 320 18.33 -21.49 -34.15
C LEU B 320 18.40 -21.86 -35.63
N ARG B 321 19.61 -21.80 -36.18
CA ARG B 321 19.91 -22.22 -37.54
C ARG B 321 19.65 -23.72 -37.69
N GLY B 322 20.05 -24.50 -36.67
CA GLY B 322 19.72 -25.92 -36.59
C GLY B 322 20.94 -26.82 -36.47
N ARG B 323 22.12 -26.23 -36.27
CA ARG B 323 23.34 -27.00 -36.09
C ARG B 323 23.25 -27.76 -34.77
N ASN B 324 23.58 -29.06 -34.81
CA ASN B 324 23.68 -29.88 -33.62
C ASN B 324 24.59 -29.20 -32.61
N LEU B 325 24.16 -29.16 -31.34
CA LEU B 325 24.99 -28.65 -30.28
C LEU B 325 25.99 -29.73 -29.86
N ARG B 326 27.14 -29.29 -29.35
CA ARG B 326 28.27 -30.17 -29.10
C ARG B 326 28.28 -30.59 -27.62
N PRO B 327 28.21 -31.91 -27.30
CA PRO B 327 28.23 -32.38 -25.92
C PRO B 327 29.52 -32.00 -25.16
N MET B 328 29.44 -32.04 -23.82
CA MET B 328 30.57 -31.64 -22.99
C MET B 328 31.08 -32.81 -22.15
N ARG B 329 30.21 -33.30 -21.24
CA ARG B 329 30.56 -34.34 -20.27
C ARG B 329 31.70 -33.87 -19.37
N GLN B 337 29.02 -20.38 -21.79
CA GLN B 337 27.79 -20.98 -21.18
C GLN B 337 27.53 -22.35 -21.78
N TYR B 338 26.58 -23.07 -21.19
CA TYR B 338 26.30 -24.46 -21.54
C TYR B 338 24.85 -24.79 -21.17
N LEU B 339 24.36 -25.92 -21.70
CA LEU B 339 22.97 -26.34 -21.56
C LEU B 339 22.90 -27.64 -20.76
N THR B 340 21.82 -27.83 -20.01
CA THR B 340 21.63 -28.97 -19.14
C THR B 340 20.28 -29.63 -19.45
N VAL B 341 20.32 -30.87 -19.97
CA VAL B 341 19.12 -31.62 -20.33
C VAL B 341 18.99 -32.82 -19.41
N GLU B 342 17.91 -32.83 -18.60
CA GLU B 342 17.69 -33.86 -17.58
C GLU B 342 16.42 -34.64 -17.90
N GLN B 343 16.35 -35.89 -17.41
CA GLN B 343 15.25 -36.79 -17.70
C GLN B 343 15.04 -37.81 -16.57
N LEU B 344 14.03 -37.54 -15.72
CA LEU B 344 13.60 -38.45 -14.65
C LEU B 344 12.38 -39.24 -15.13
N THR B 345 12.38 -40.55 -14.88
CA THR B 345 11.37 -41.46 -15.40
C THR B 345 10.66 -42.21 -14.28
N LEU B 346 9.37 -42.51 -14.49
CA LEU B 346 8.56 -43.28 -13.56
C LEU B 346 7.86 -44.43 -14.29
N ASP B 347 8.41 -45.64 -14.14
CA ASP B 347 7.93 -46.82 -14.85
C ASP B 347 6.61 -47.31 -14.26
N PHE B 348 5.51 -47.11 -15.00
CA PHE B 348 4.17 -47.37 -14.51
C PHE B 348 4.02 -48.80 -13.99
N GLU B 349 4.60 -49.78 -14.70
CA GLU B 349 4.41 -51.19 -14.37
C GLU B 349 5.03 -51.49 -13.02
N TYR B 350 6.22 -50.94 -12.76
CA TYR B 350 6.88 -51.07 -11.48
C TYR B 350 5.93 -50.58 -10.39
N VAL B 351 5.49 -49.32 -10.54
CA VAL B 351 4.68 -48.64 -9.54
C VAL B 351 3.44 -49.48 -9.24
N ILE B 352 2.73 -49.91 -10.29
CA ILE B 352 1.48 -50.63 -10.11
C ILE B 352 1.76 -51.91 -9.33
N ASN B 353 2.74 -52.69 -9.80
CA ASN B 353 3.06 -53.99 -9.21
C ASN B 353 3.40 -53.84 -7.74
N GLU B 354 4.02 -52.72 -7.37
CA GLU B 354 4.59 -52.53 -6.04
C GLU B 354 3.54 -51.99 -5.08
N VAL B 355 2.60 -51.20 -5.60
CA VAL B 355 1.53 -50.68 -4.77
C VAL B 355 0.60 -51.83 -4.40
N ILE B 356 0.44 -52.78 -5.32
CA ILE B 356 -0.40 -53.93 -5.04
C ILE B 356 0.27 -54.79 -3.98
N ARG B 357 1.51 -55.23 -4.27
CA ARG B 357 2.26 -56.12 -3.39
C ARG B 357 2.34 -55.55 -1.98
N HIS B 358 2.29 -54.22 -1.86
CA HIS B 358 2.68 -53.53 -0.64
C HIS B 358 1.49 -52.93 0.10
N ASP B 359 0.59 -52.26 -0.64
CA ASP B 359 -0.36 -51.33 -0.05
C ASP B 359 -1.81 -51.77 -0.24
N ALA B 360 -2.08 -52.44 -1.37
CA ALA B 360 -3.44 -52.83 -1.75
C ALA B 360 -4.01 -53.86 -0.76
N THR B 361 -5.28 -53.66 -0.41
CA THR B 361 -5.93 -54.44 0.63
C THR B 361 -6.34 -55.80 0.07
N TRP B 362 -6.18 -55.97 -1.24
CA TRP B 362 -6.72 -57.13 -1.93
C TRP B 362 -5.62 -57.82 -2.74
N GLY B 363 -4.36 -57.49 -2.43
CA GLY B 363 -3.22 -57.98 -3.20
C GLY B 363 -3.10 -59.50 -3.19
N HIS B 364 -3.80 -60.15 -2.25
CA HIS B 364 -3.71 -61.59 -2.09
C HIS B 364 -4.86 -62.27 -2.83
N GLN B 365 -5.56 -61.53 -3.70
CA GLN B 365 -6.54 -62.12 -4.61
C GLN B 365 -6.26 -61.64 -6.03
N PHE B 366 -5.23 -60.80 -6.16
CA PHE B 366 -4.74 -60.29 -7.43
C PHE B 366 -4.03 -61.39 -8.20
N CYS B 367 -4.18 -61.36 -9.54
CA CYS B 367 -3.49 -62.27 -10.45
C CYS B 367 -2.54 -61.50 -11.35
N SER B 368 -3.11 -60.59 -12.17
CA SER B 368 -2.35 -59.80 -13.13
C SER B 368 -3.16 -58.57 -13.50
N PHE B 369 -2.55 -57.68 -14.29
CA PHE B 369 -3.21 -56.46 -14.73
C PHE B 369 -3.03 -56.30 -16.25
N SER B 370 -4.10 -55.88 -16.93
CA SER B 370 -4.15 -55.85 -18.39
C SER B 370 -3.68 -54.50 -18.93
N ASP B 371 -4.32 -53.41 -18.49
CA ASP B 371 -4.11 -52.12 -19.12
C ASP B 371 -4.30 -51.01 -18.08
N TYR B 372 -3.74 -49.83 -18.35
CA TYR B 372 -3.77 -48.75 -17.38
C TYR B 372 -3.71 -47.38 -18.07
N ASP B 373 -4.33 -46.39 -17.41
CA ASP B 373 -4.41 -45.02 -17.89
C ASP B 373 -4.00 -44.08 -16.76
N ILE B 374 -2.95 -43.29 -16.99
CA ILE B 374 -2.41 -42.44 -15.93
C ILE B 374 -2.81 -40.98 -16.19
N VAL B 375 -3.46 -40.37 -15.20
CA VAL B 375 -3.94 -39.00 -15.30
C VAL B 375 -3.31 -38.21 -14.16
N ILE B 376 -2.79 -37.02 -14.47
CA ILE B 376 -2.19 -36.15 -13.48
C ILE B 376 -3.32 -35.43 -12.73
N LEU B 377 -3.22 -35.40 -11.39
CA LEU B 377 -4.25 -34.78 -10.58
C LEU B 377 -3.73 -33.44 -10.03
N GLU B 378 -2.45 -33.39 -9.68
CA GLU B 378 -1.85 -32.15 -9.21
C GLU B 378 -0.35 -32.19 -9.43
N VAL B 379 0.24 -31.00 -9.56
CA VAL B 379 1.67 -30.80 -9.50
C VAL B 379 1.90 -29.68 -8.48
N CYS B 380 2.62 -30.03 -7.40
CA CYS B 380 2.98 -29.04 -6.39
C CYS B 380 4.38 -28.53 -6.70
N PRO B 381 4.52 -27.44 -7.49
CA PRO B 381 5.78 -27.13 -8.18
C PRO B 381 6.91 -26.58 -7.32
N GLU B 382 6.62 -26.26 -6.05
CA GLU B 382 7.69 -25.85 -5.15
C GLU B 382 8.26 -27.08 -4.43
N THR B 383 7.36 -27.92 -3.86
CA THR B 383 7.75 -29.12 -3.12
C THR B 383 8.16 -30.23 -4.10
N ASN B 384 7.78 -30.05 -5.36
CA ASN B 384 8.15 -30.95 -6.45
C ASN B 384 7.47 -32.30 -6.25
N GLN B 385 6.19 -32.23 -5.84
CA GLN B 385 5.35 -33.40 -5.75
C GLN B 385 4.51 -33.49 -7.02
N VAL B 386 4.37 -34.71 -7.54
CA VAL B 386 3.45 -34.93 -8.64
C VAL B 386 2.46 -35.99 -8.20
N LEU B 387 1.19 -35.61 -8.05
CA LEU B 387 0.15 -36.57 -7.71
C LEU B 387 -0.44 -37.12 -9.01
N ILE B 388 -0.46 -38.45 -9.14
CA ILE B 388 -1.02 -39.06 -10.33
C ILE B 388 -2.11 -40.05 -9.90
N ASN B 389 -3.01 -40.37 -10.84
CA ASN B 389 -4.06 -41.34 -10.63
C ASN B 389 -3.97 -42.43 -11.69
N ILE B 390 -3.90 -43.70 -11.24
CA ILE B 390 -3.70 -44.81 -12.15
C ILE B 390 -4.96 -45.67 -12.20
N GLY B 391 -5.68 -45.61 -13.32
CA GLY B 391 -6.81 -46.48 -13.58
C GLY B 391 -6.32 -47.81 -14.13
N LEU B 392 -6.77 -48.90 -13.50
CA LEU B 392 -6.32 -50.25 -13.81
C LEU B 392 -7.48 -51.09 -14.31
N LEU B 393 -7.15 -52.10 -15.14
CA LEU B 393 -8.01 -53.22 -15.46
C LEU B 393 -7.25 -54.48 -15.09
N LEU B 394 -7.85 -55.37 -14.30
CA LEU B 394 -7.08 -56.52 -13.83
C LEU B 394 -7.96 -57.75 -13.60
N LEU B 395 -7.31 -58.86 -13.17
CA LEU B 395 -7.96 -60.13 -12.87
C LEU B 395 -7.72 -60.46 -11.40
N ALA B 396 -8.78 -60.86 -10.69
CA ALA B 396 -8.68 -61.23 -9.28
C ALA B 396 -9.80 -62.19 -8.89
N PHE B 397 -9.61 -62.91 -7.78
CA PHE B 397 -10.64 -63.81 -7.26
C PHE B 397 -11.62 -63.00 -6.42
N PRO B 398 -12.92 -63.38 -6.36
CA PRO B 398 -13.94 -62.54 -5.71
C PRO B 398 -13.86 -62.44 -4.17
N SER B 399 -13.72 -63.57 -3.48
CA SER B 399 -13.90 -63.65 -2.03
C SER B 399 -15.18 -62.93 -1.62
N LEU B 406 -12.91 -69.49 -6.39
CA LEU B 406 -13.91 -70.11 -7.29
C LEU B 406 -13.49 -69.91 -8.75
N ARG B 407 -13.49 -68.64 -9.21
CA ARG B 407 -13.07 -68.26 -10.56
C ARG B 407 -12.56 -66.81 -10.55
N PRO B 408 -11.56 -66.44 -11.39
CA PRO B 408 -11.09 -65.06 -11.47
C PRO B 408 -11.91 -64.21 -12.45
N LYS B 409 -11.85 -62.88 -12.30
CA LYS B 409 -12.62 -61.98 -13.16
C LYS B 409 -11.99 -60.58 -13.18
N THR B 410 -12.37 -59.80 -14.21
CA THR B 410 -11.77 -58.50 -14.50
C THR B 410 -12.46 -57.40 -13.71
N TYR B 411 -11.64 -56.58 -13.03
CA TYR B 411 -12.09 -55.50 -12.15
C TYR B 411 -11.42 -54.20 -12.58
N HIS B 412 -12.00 -53.07 -12.15
CA HIS B 412 -11.42 -51.76 -12.33
C HIS B 412 -11.13 -51.14 -10.97
N THR B 413 -9.93 -50.54 -10.81
CA THR B 413 -9.57 -49.80 -9.61
C THR B 413 -8.76 -48.57 -9.99
N SER B 414 -8.50 -47.70 -9.02
CA SER B 414 -7.60 -46.59 -9.22
C SER B 414 -6.60 -46.47 -8.07
N LEU B 415 -5.31 -46.42 -8.42
CA LEU B 415 -4.24 -46.19 -7.47
C LEU B 415 -3.85 -44.73 -7.52
N LYS B 416 -3.57 -44.13 -6.36
CA LYS B 416 -3.13 -42.74 -6.30
C LYS B 416 -1.75 -42.70 -5.68
N VAL B 417 -0.85 -41.95 -6.32
CA VAL B 417 0.58 -42.06 -6.08
C VAL B 417 1.18 -40.67 -6.10
N ALA B 418 2.03 -40.36 -5.10
CA ALA B 418 2.82 -39.14 -5.11
C ALA B 418 4.17 -39.46 -5.73
N TRP B 419 4.84 -38.44 -6.28
CA TRP B 419 6.13 -38.65 -6.93
C TRP B 419 7.03 -37.44 -6.67
N ASP B 420 7.96 -37.59 -5.72
CA ASP B 420 8.99 -36.60 -5.45
C ASP B 420 9.88 -36.50 -6.70
N LEU B 421 10.38 -35.30 -6.99
CA LEU B 421 11.23 -35.11 -8.15
C LEU B 421 12.67 -34.94 -7.71
N ASN B 422 12.87 -34.56 -6.44
CA ASN B 422 14.19 -34.44 -5.85
C ASN B 422 14.66 -35.82 -5.42
N THR B 423 13.73 -36.59 -4.82
CA THR B 423 13.99 -37.93 -4.34
C THR B 423 14.00 -38.89 -5.52
N GLY B 424 12.88 -38.93 -6.25
CA GLY B 424 12.65 -39.92 -7.28
C GLY B 424 11.76 -41.05 -6.78
N ILE B 425 11.50 -41.05 -5.47
CA ILE B 425 10.67 -42.06 -4.85
C ILE B 425 9.21 -41.65 -4.94
N PHE B 426 8.35 -42.66 -4.97
CA PHE B 426 6.90 -42.49 -4.96
C PHE B 426 6.35 -43.14 -3.71
N GLU B 427 5.30 -42.52 -3.16
CA GLU B 427 4.63 -42.99 -1.96
C GLU B 427 3.16 -43.16 -2.33
N THR B 428 2.55 -44.27 -1.90
CA THR B 428 1.12 -44.46 -2.10
C THR B 428 0.35 -43.40 -1.34
N VAL B 429 -0.71 -42.90 -1.97
CA VAL B 429 -1.57 -41.88 -1.38
C VAL B 429 -2.94 -42.50 -1.09
N SER B 430 -3.42 -43.36 -2.01
CA SER B 430 -4.70 -44.03 -1.84
C SER B 430 -4.82 -45.23 -2.78
N VAL B 431 -5.61 -46.22 -2.37
CA VAL B 431 -5.93 -47.39 -3.17
C VAL B 431 -7.44 -47.60 -3.10
N GLY B 432 -8.06 -47.86 -4.26
CA GLY B 432 -9.51 -48.01 -4.33
C GLY B 432 -9.93 -49.46 -4.18
N ASP B 433 -11.25 -49.71 -4.18
CA ASP B 433 -11.77 -51.06 -4.19
C ASP B 433 -11.82 -51.59 -5.62
N LEU B 434 -12.12 -52.88 -5.77
CA LEU B 434 -12.36 -53.49 -7.07
C LEU B 434 -13.85 -53.48 -7.37
N THR B 435 -14.21 -53.04 -8.57
CA THR B 435 -15.59 -53.08 -9.04
C THR B 435 -15.65 -53.92 -10.32
N GLU B 436 -16.53 -54.92 -10.34
CA GLU B 436 -16.57 -55.86 -11.44
C GLU B 436 -16.97 -55.14 -12.72
N VAL B 437 -16.21 -55.37 -13.81
CA VAL B 437 -16.46 -54.66 -15.05
C VAL B 437 -17.54 -55.37 -15.88
N LYS B 438 -17.85 -56.62 -15.52
CA LYS B 438 -18.92 -57.39 -16.13
C LYS B 438 -18.89 -57.25 -17.66
N GLY B 439 -19.80 -56.42 -18.19
CA GLY B 439 -20.04 -56.36 -19.62
C GLY B 439 -19.58 -55.04 -20.26
N GLN B 440 -19.29 -54.04 -19.43
CA GLN B 440 -18.87 -52.72 -19.89
C GLN B 440 -17.60 -52.87 -20.74
N THR B 441 -17.57 -52.22 -21.91
CA THR B 441 -16.40 -52.23 -22.77
C THR B 441 -15.25 -51.48 -22.09
N SER B 442 -14.05 -51.71 -22.63
CA SER B 442 -12.85 -51.03 -22.17
C SER B 442 -13.02 -49.52 -22.37
N GLY B 443 -13.55 -49.15 -23.55
CA GLY B 443 -13.82 -47.77 -23.88
C GLY B 443 -14.54 -47.05 -22.75
N SER B 444 -15.69 -47.61 -22.33
CA SER B 444 -16.57 -46.97 -21.37
C SER B 444 -15.98 -47.01 -19.95
N VAL B 445 -15.10 -47.98 -19.70
CA VAL B 445 -14.40 -48.06 -18.44
C VAL B 445 -13.44 -46.87 -18.31
N TRP B 446 -12.75 -46.53 -19.42
CA TRP B 446 -11.74 -45.48 -19.41
C TRP B 446 -12.38 -44.09 -19.38
N SER B 447 -13.43 -43.92 -20.19
CA SER B 447 -14.20 -42.69 -20.22
C SER B 447 -14.71 -42.39 -18.81
N SER B 448 -15.20 -43.44 -18.14
CA SER B 448 -15.81 -43.33 -16.84
C SER B 448 -14.75 -43.04 -15.77
N TYR B 449 -13.56 -43.59 -15.97
CA TYR B 449 -12.45 -43.34 -15.05
C TYR B 449 -12.04 -41.87 -15.17
N ARG B 450 -12.02 -41.36 -16.41
CA ARG B 450 -11.54 -40.01 -16.68
C ARG B 450 -12.54 -38.97 -16.18
N LYS B 451 -13.84 -39.29 -16.26
CA LYS B 451 -14.88 -38.39 -15.77
C LYS B 451 -14.66 -38.10 -14.28
N SER B 452 -14.33 -39.15 -13.51
CA SER B 452 -14.11 -39.07 -12.08
C SER B 452 -12.85 -38.28 -11.75
N CYS B 453 -11.83 -38.35 -12.63
CA CYS B 453 -10.63 -37.54 -12.52
C CYS B 453 -10.96 -36.05 -12.72
N VAL B 454 -11.73 -35.75 -13.77
CA VAL B 454 -12.15 -34.39 -14.06
C VAL B 454 -12.93 -33.85 -12.86
N ASP B 455 -13.91 -34.65 -12.39
CA ASP B 455 -14.73 -34.29 -11.23
C ASP B 455 -13.82 -33.82 -10.09
N MET B 456 -12.74 -34.57 -9.89
CA MET B 456 -11.86 -34.40 -8.75
C MET B 456 -11.05 -33.12 -8.89
N VAL B 457 -10.42 -32.92 -10.06
CA VAL B 457 -9.67 -31.69 -10.31
C VAL B 457 -10.59 -30.50 -10.07
N MET B 458 -11.77 -30.53 -10.71
CA MET B 458 -12.75 -29.44 -10.67
C MET B 458 -13.12 -29.09 -9.22
N LYS B 459 -13.31 -30.11 -8.38
CA LYS B 459 -13.70 -29.93 -6.99
C LYS B 459 -12.60 -29.15 -6.25
N TRP B 460 -11.35 -29.56 -6.46
CA TRP B 460 -10.24 -29.11 -5.64
C TRP B 460 -9.50 -27.94 -6.29
N LEU B 461 -10.09 -27.39 -7.36
CA LEU B 461 -9.47 -26.38 -8.18
C LEU B 461 -9.55 -25.03 -7.47
N VAL B 462 -8.38 -24.45 -7.16
CA VAL B 462 -8.31 -23.10 -6.62
C VAL B 462 -7.77 -22.17 -7.70
N PRO B 463 -8.39 -21.00 -7.92
CA PRO B 463 -7.94 -20.05 -8.95
C PRO B 463 -6.52 -19.54 -8.69
N GLU B 464 -5.82 -19.13 -9.76
CA GLU B 464 -4.47 -18.60 -9.64
C GLU B 464 -4.43 -17.13 -10.02
N SER B 465 -3.31 -16.48 -9.69
CA SER B 465 -3.07 -15.09 -10.08
C SER B 465 -2.71 -15.08 -11.56
N SER B 466 -2.88 -13.92 -12.20
CA SER B 466 -2.52 -13.78 -13.61
C SER B 466 -1.02 -14.06 -13.81
N GLY B 467 -0.27 -14.09 -12.70
CA GLY B 467 1.16 -14.34 -12.73
C GLY B 467 1.52 -15.73 -13.27
N ARG B 468 0.80 -16.75 -12.83
CA ARG B 468 1.35 -18.11 -12.84
C ARG B 468 0.58 -19.06 -13.73
N TYR B 469 -0.30 -18.56 -14.60
CA TYR B 469 -1.07 -19.46 -15.45
C TYR B 469 -0.18 -19.95 -16.60
N VAL B 470 -0.41 -21.21 -17.01
CA VAL B 470 0.22 -21.76 -18.19
C VAL B 470 -0.55 -21.27 -19.42
N ASN B 471 0.17 -20.64 -20.36
CA ASN B 471 -0.39 -20.09 -21.58
C ASN B 471 -0.46 -21.18 -22.64
N ARG B 472 -1.63 -21.36 -23.25
CA ARG B 472 -1.87 -22.41 -24.22
C ARG B 472 -2.52 -21.79 -25.45
N MET B 473 -1.83 -21.87 -26.61
CA MET B 473 -2.30 -21.21 -27.82
C MET B 473 -2.54 -22.24 -28.92
N THR B 474 -3.66 -22.06 -29.62
CA THR B 474 -4.14 -23.02 -30.61
C THR B 474 -5.00 -22.29 -31.65
N ASN B 475 -5.10 -22.84 -32.88
CA ASN B 475 -5.93 -22.23 -33.91
C ASN B 475 -6.05 -23.16 -35.11
N GLU B 476 -7.29 -23.62 -35.40
CA GLU B 476 -7.52 -24.68 -36.37
C GLU B 476 -8.18 -24.17 -37.66
N ALA B 477 -8.47 -25.12 -38.55
CA ALA B 477 -9.08 -24.91 -39.85
C ALA B 477 -9.68 -26.23 -40.36
N LYS B 485 -11.42 -16.13 -33.99
CA LYS B 485 -12.12 -14.82 -34.15
C LYS B 485 -11.28 -13.70 -33.55
N VAL B 486 -10.89 -13.83 -32.26
CA VAL B 486 -10.15 -12.80 -31.57
C VAL B 486 -8.90 -13.39 -30.93
N LEU B 487 -7.79 -12.65 -30.96
CA LEU B 487 -6.64 -12.96 -30.13
C LEU B 487 -6.55 -11.90 -29.03
N ALA B 488 -6.56 -12.35 -27.77
CA ALA B 488 -6.64 -11.44 -26.64
C ALA B 488 -5.39 -11.50 -25.76
N ASP B 489 -5.03 -10.35 -25.18
N ASP B 489 -5.11 -10.36 -25.13
CA ASP B 489 -3.91 -10.25 -24.26
CA ASP B 489 -4.12 -10.16 -24.09
C ASP B 489 -4.23 -11.01 -22.98
C ASP B 489 -4.82 -10.26 -22.74
N SER B 490 -3.23 -11.15 -22.09
N SER B 490 -4.23 -11.00 -21.78
CA SER B 490 -3.39 -11.79 -20.79
CA SER B 490 -4.84 -11.13 -20.47
C SER B 490 -4.61 -11.21 -20.07
C SER B 490 -4.82 -9.80 -19.71
N GLU B 491 -4.62 -9.88 -19.91
N GLU B 491 -3.61 -9.25 -19.50
CA GLU B 491 -5.83 -9.13 -19.58
CA GLU B 491 -3.41 -8.09 -18.64
C GLU B 491 -6.53 -8.85 -20.90
C GLU B 491 -3.95 -6.82 -19.30
N ARG B 492 -7.85 -9.04 -20.95
N ARG B 492 -3.46 -6.51 -20.51
CA ARG B 492 -8.55 -8.90 -22.21
CA ARG B 492 -3.93 -5.34 -21.24
C ARG B 492 -8.89 -7.43 -22.48
C ARG B 492 -5.22 -5.71 -21.97
N TYR B 493 -7.86 -6.59 -22.61
N TYR B 493 -6.16 -4.76 -22.01
CA TYR B 493 -8.04 -5.16 -22.85
CA TYR B 493 -7.45 -5.03 -22.63
C TYR B 493 -7.54 -4.77 -24.23
C TYR B 493 -7.35 -4.71 -24.12
N THR B 494 -6.80 -5.68 -24.88
N THR B 494 -6.66 -5.61 -24.85
CA THR B 494 -6.31 -5.50 -26.23
CA THR B 494 -6.35 -5.45 -26.26
C THR B 494 -6.67 -6.74 -27.06
C THR B 494 -6.71 -6.70 -27.03
N TRP B 495 -7.39 -6.52 -28.16
CA TRP B 495 -7.82 -7.61 -29.03
C TRP B 495 -7.22 -7.43 -30.42
N ILE B 496 -6.73 -8.54 -31.00
CA ILE B 496 -6.54 -8.63 -32.44
C ILE B 496 -7.76 -9.38 -33.00
N VAL B 497 -8.51 -8.69 -33.86
CA VAL B 497 -9.68 -9.25 -34.51
C VAL B 497 -9.23 -9.94 -35.79
N LEU B 498 -9.47 -11.25 -35.89
CA LEU B 498 -9.02 -12.01 -37.06
C LEU B 498 -10.01 -11.77 -38.21
N GLY C 18 -20.28 -43.67 -42.66
CA GLY C 18 -19.69 -42.31 -42.65
C GLY C 18 -19.32 -41.87 -41.24
N PRO C 19 -18.82 -40.61 -41.05
CA PRO C 19 -18.57 -40.08 -39.71
C PRO C 19 -19.86 -39.64 -39.02
N MET C 20 -19.73 -39.00 -37.84
CA MET C 20 -20.91 -38.66 -37.05
C MET C 20 -20.61 -37.53 -36.06
N ARG C 21 -21.26 -36.39 -36.26
CA ARG C 21 -21.23 -35.28 -35.32
C ARG C 21 -22.20 -35.56 -34.18
N LEU C 22 -21.81 -35.16 -32.96
CA LEU C 22 -22.67 -35.23 -31.79
C LEU C 22 -22.69 -33.86 -31.12
N TYR C 23 -23.88 -33.41 -30.70
CA TYR C 23 -24.00 -32.30 -29.78
C TYR C 23 -23.59 -32.77 -28.39
N VAL C 24 -22.77 -31.95 -27.73
CA VAL C 24 -22.43 -32.15 -26.33
C VAL C 24 -22.73 -30.84 -25.59
N GLY C 25 -23.68 -30.90 -24.64
CA GLY C 25 -24.18 -29.71 -23.98
C GLY C 25 -24.41 -29.89 -22.48
N SER C 26 -24.73 -28.78 -21.81
CA SER C 26 -24.93 -28.71 -20.37
C SER C 26 -23.61 -28.90 -19.65
N LEU C 27 -22.50 -28.52 -20.30
CA LEU C 27 -21.18 -28.73 -19.74
C LEU C 27 -20.90 -27.69 -18.67
N HIS C 28 -20.18 -28.08 -17.62
CA HIS C 28 -19.63 -27.09 -16.70
C HIS C 28 -18.71 -26.17 -17.49
N PHE C 29 -18.71 -24.89 -17.11
CA PHE C 29 -18.10 -23.85 -17.92
C PHE C 29 -16.58 -24.00 -17.91
N ASN C 30 -16.08 -24.99 -17.17
CA ASN C 30 -14.66 -25.13 -16.92
C ASN C 30 -14.08 -26.34 -17.66
N ILE C 31 -14.95 -27.17 -18.25
CA ILE C 31 -14.52 -28.29 -19.08
C ILE C 31 -13.79 -27.71 -20.31
N THR C 32 -12.63 -28.28 -20.61
CA THR C 32 -11.77 -27.82 -21.69
C THR C 32 -11.93 -28.74 -22.90
N GLU C 33 -11.36 -28.33 -24.04
CA GLU C 33 -11.45 -29.14 -25.26
C GLU C 33 -10.72 -30.47 -25.04
N ASP C 34 -9.60 -30.41 -24.30
CA ASP C 34 -8.77 -31.55 -23.95
C ASP C 34 -9.56 -32.57 -23.12
N MET C 35 -10.40 -32.07 -22.20
CA MET C 35 -11.14 -32.92 -21.30
C MET C 35 -12.21 -33.70 -22.08
N LEU C 36 -12.90 -33.03 -23.00
CA LEU C 36 -13.84 -33.68 -23.89
C LEU C 36 -13.14 -34.80 -24.67
N ARG C 37 -11.95 -34.50 -25.21
CA ARG C 37 -11.12 -35.47 -25.91
C ARG C 37 -10.82 -36.64 -24.98
N GLY C 38 -10.41 -36.34 -23.75
CA GLY C 38 -10.21 -37.35 -22.72
C GLY C 38 -11.41 -38.27 -22.59
N ILE C 39 -12.60 -37.67 -22.43
CA ILE C 39 -13.78 -38.43 -22.05
C ILE C 39 -14.32 -39.20 -23.25
N PHE C 40 -14.22 -38.63 -24.45
CA PHE C 40 -14.90 -39.17 -25.63
C PHE C 40 -14.00 -40.13 -26.43
N GLU C 41 -12.69 -39.86 -26.42
CA GLU C 41 -11.76 -40.49 -27.35
C GLU C 41 -11.66 -41.99 -27.13
N PRO C 42 -11.70 -42.49 -25.88
CA PRO C 42 -11.66 -43.94 -25.62
C PRO C 42 -12.72 -44.76 -26.36
N PHE C 43 -13.63 -44.08 -27.07
CA PHE C 43 -14.71 -44.75 -27.78
C PHE C 43 -14.36 -44.97 -29.25
N GLY C 44 -13.54 -44.08 -29.82
CA GLY C 44 -13.15 -44.19 -31.22
C GLY C 44 -12.31 -43.02 -31.70
N ARG C 45 -11.90 -43.09 -32.98
CA ARG C 45 -11.17 -42.02 -33.63
C ARG C 45 -12.07 -40.78 -33.71
N ILE C 46 -11.49 -39.61 -33.45
CA ILE C 46 -12.22 -38.35 -33.46
C ILE C 46 -11.68 -37.46 -34.58
N GLU C 47 -12.58 -37.07 -35.50
CA GLU C 47 -12.20 -36.31 -36.69
C GLU C 47 -12.04 -34.83 -36.36
N SER C 48 -12.89 -34.32 -35.44
CA SER C 48 -12.86 -32.92 -35.02
C SER C 48 -13.66 -32.75 -33.73
N ILE C 49 -13.06 -32.03 -32.78
CA ILE C 49 -13.71 -31.60 -31.56
C ILE C 49 -13.79 -30.08 -31.56
N GLN C 50 -14.97 -29.55 -31.23
CA GLN C 50 -15.17 -28.11 -31.25
C GLN C 50 -16.03 -27.69 -30.08
N LEU C 51 -15.37 -27.09 -29.07
CA LEU C 51 -16.08 -26.44 -27.97
C LEU C 51 -16.30 -24.98 -28.36
N MET C 52 -17.57 -24.56 -28.37
CA MET C 52 -17.94 -23.19 -28.65
C MET C 52 -17.52 -22.29 -27.50
N MET C 53 -16.64 -21.32 -27.80
CA MET C 53 -16.14 -20.38 -26.81
C MET C 53 -16.85 -19.05 -27.00
N ASP C 54 -16.88 -18.24 -25.93
CA ASP C 54 -17.42 -16.89 -26.00
C ASP C 54 -16.32 -15.92 -26.38
N SER C 55 -16.43 -15.36 -27.59
CA SER C 55 -15.42 -14.52 -28.21
C SER C 55 -15.11 -13.29 -27.36
N GLU C 56 -16.03 -12.92 -26.46
CA GLU C 56 -15.89 -11.74 -25.61
C GLU C 56 -15.16 -12.09 -24.31
N THR C 57 -15.54 -13.21 -23.68
CA THR C 57 -15.06 -13.54 -22.35
C THR C 57 -13.89 -14.52 -22.41
N GLY C 58 -13.95 -15.47 -23.34
CA GLY C 58 -12.92 -16.49 -23.48
C GLY C 58 -13.32 -17.82 -22.85
N ARG C 59 -14.42 -17.80 -22.08
CA ARG C 59 -14.97 -18.99 -21.45
C ARG C 59 -15.87 -19.70 -22.46
N SER C 60 -16.10 -21.00 -22.24
CA SER C 60 -16.94 -21.78 -23.15
C SER C 60 -18.41 -21.41 -22.99
N LYS C 61 -19.19 -21.64 -24.05
CA LYS C 61 -20.61 -21.36 -24.05
C LYS C 61 -21.34 -22.51 -23.35
N GLY C 62 -20.58 -23.56 -22.97
CA GLY C 62 -21.10 -24.69 -22.21
C GLY C 62 -21.53 -25.85 -23.11
N TYR C 63 -21.26 -25.73 -24.41
CA TYR C 63 -21.71 -26.70 -25.41
C TYR C 63 -20.69 -26.76 -26.54
N GLY C 64 -20.80 -27.82 -27.36
CA GLY C 64 -19.91 -28.03 -28.49
C GLY C 64 -20.35 -29.22 -29.35
N PHE C 65 -19.52 -29.57 -30.34
CA PHE C 65 -19.79 -30.70 -31.21
C PHE C 65 -18.56 -31.61 -31.19
N ILE C 66 -18.80 -32.92 -31.35
CA ILE C 66 -17.73 -33.90 -31.42
C ILE C 66 -18.01 -34.83 -32.59
N THR C 67 -16.99 -35.05 -33.43
CA THR C 67 -17.14 -35.86 -34.63
C THR C 67 -16.32 -37.13 -34.51
N PHE C 68 -17.01 -38.27 -34.50
CA PHE C 68 -16.40 -39.59 -34.49
C PHE C 68 -16.26 -40.07 -35.92
N SER C 69 -15.08 -40.65 -36.24
CA SER C 69 -14.74 -41.11 -37.57
C SER C 69 -15.70 -42.21 -38.02
N ASP C 70 -16.10 -43.06 -37.07
CA ASP C 70 -17.06 -44.13 -37.29
C ASP C 70 -18.28 -43.90 -36.40
N SER C 71 -19.47 -44.04 -36.99
CA SER C 71 -20.72 -43.66 -36.32
C SER C 71 -21.09 -44.66 -35.23
N GLU C 72 -20.75 -45.94 -35.41
CA GLU C 72 -21.11 -46.95 -34.43
C GLU C 72 -20.42 -46.67 -33.10
N CYS C 73 -19.25 -46.02 -33.18
CA CYS C 73 -18.55 -45.53 -32.00
C CYS C 73 -19.34 -44.39 -31.37
N ALA C 74 -19.63 -43.35 -32.17
CA ALA C 74 -20.35 -42.18 -31.71
C ALA C 74 -21.60 -42.59 -30.95
N LYS C 75 -22.23 -43.67 -31.42
CA LYS C 75 -23.46 -44.18 -30.86
C LYS C 75 -23.21 -44.69 -29.43
N LYS C 76 -22.08 -45.39 -29.25
CA LYS C 76 -21.74 -45.96 -27.95
C LYS C 76 -21.44 -44.84 -26.96
N ALA C 77 -20.68 -43.84 -27.41
CA ALA C 77 -20.34 -42.67 -26.61
C ALA C 77 -21.61 -41.97 -26.14
N LEU C 78 -22.53 -41.74 -27.09
CA LEU C 78 -23.82 -41.14 -26.77
C LEU C 78 -24.49 -41.97 -25.68
N GLU C 79 -24.59 -43.28 -25.90
CA GLU C 79 -25.24 -44.16 -24.95
C GLU C 79 -24.60 -44.02 -23.56
N GLN C 80 -23.26 -44.06 -23.52
CA GLN C 80 -22.53 -44.17 -22.27
C GLN C 80 -22.50 -42.86 -21.49
N LEU C 81 -22.52 -41.72 -22.21
CA LEU C 81 -22.17 -40.45 -21.60
C LEU C 81 -23.38 -39.58 -21.32
N ASN C 82 -24.46 -39.81 -22.09
CA ASN C 82 -25.64 -38.96 -22.12
C ASN C 82 -26.45 -39.12 -20.83
N GLY C 83 -26.80 -37.98 -20.23
CA GLY C 83 -27.67 -37.95 -19.06
C GLY C 83 -26.91 -38.34 -17.79
N PHE C 84 -25.57 -38.28 -17.87
CA PHE C 84 -24.74 -38.66 -16.74
C PHE C 84 -23.92 -37.46 -16.27
N GLU C 85 -23.85 -37.30 -14.94
CA GLU C 85 -23.26 -36.13 -14.31
C GLU C 85 -21.78 -36.03 -14.65
N LEU C 86 -21.34 -34.80 -14.96
CA LEU C 86 -19.93 -34.50 -15.11
C LEU C 86 -19.69 -33.12 -14.52
N ALA C 87 -18.89 -33.09 -13.44
CA ALA C 87 -18.70 -31.85 -12.70
C ALA C 87 -20.02 -31.46 -12.02
N GLY C 88 -20.91 -32.43 -11.83
CA GLY C 88 -22.17 -32.22 -11.14
C GLY C 88 -23.29 -31.76 -12.06
N ARG C 89 -22.99 -31.59 -13.36
CA ARG C 89 -23.98 -31.17 -14.34
C ARG C 89 -24.25 -32.33 -15.30
N PRO C 90 -25.48 -32.91 -15.32
CA PRO C 90 -25.79 -34.00 -16.25
C PRO C 90 -25.47 -33.59 -17.68
N MET C 91 -24.70 -34.43 -18.38
CA MET C 91 -24.25 -34.15 -19.73
C MET C 91 -25.30 -34.62 -20.73
N LYS C 92 -25.60 -33.78 -21.73
CA LYS C 92 -26.50 -34.12 -22.82
C LYS C 92 -25.66 -34.44 -24.06
N VAL C 93 -26.04 -35.50 -24.80
CA VAL C 93 -25.37 -35.91 -26.03
C VAL C 93 -26.44 -36.37 -27.03
N GLY C 94 -26.41 -35.83 -28.25
CA GLY C 94 -27.37 -36.19 -29.28
C GLY C 94 -26.80 -36.18 -30.71
N HIS C 95 -27.52 -36.79 -31.65
CA HIS C 95 -27.17 -36.82 -33.07
C HIS C 95 -27.51 -35.49 -33.74
N VAL C 96 -26.60 -35.03 -34.61
CA VAL C 96 -26.77 -33.78 -35.33
C VAL C 96 -26.60 -34.02 -36.83
N THR C 97 -27.56 -33.50 -37.61
CA THR C 97 -27.54 -33.57 -39.06
C THR C 97 -26.31 -32.84 -39.61
N ALA D 2 -31.86 10.98 26.58
CA ALA D 2 -32.03 10.03 25.43
C ALA D 2 -31.83 8.59 25.91
N ASP D 3 -32.75 7.72 25.49
CA ASP D 3 -32.78 6.32 25.87
C ASP D 3 -31.42 5.67 25.58
N PHE D 4 -30.98 5.72 24.33
CA PHE D 4 -29.90 4.88 23.82
C PHE D 4 -28.51 5.42 24.17
N LEU D 5 -28.42 6.63 24.74
CA LEU D 5 -27.11 7.19 24.98
C LEU D 5 -26.74 7.14 26.47
N LYS D 6 -27.70 6.79 27.32
CA LYS D 6 -27.39 6.69 28.74
C LYS D 6 -26.66 5.37 29.01
N GLY D 7 -25.69 5.43 29.92
CA GLY D 7 -24.96 4.23 30.33
C GLY D 7 -23.86 3.84 29.33
N LEU D 8 -23.38 4.84 28.59
CA LEU D 8 -22.24 4.66 27.69
C LEU D 8 -21.05 4.23 28.54
N PRO D 9 -20.32 3.15 28.16
CA PRO D 9 -19.33 2.53 29.04
C PRO D 9 -18.26 3.46 29.61
N VAL D 10 -17.92 3.20 30.89
CA VAL D 10 -16.91 3.91 31.65
C VAL D 10 -15.90 2.89 32.15
N TYR D 11 -14.66 2.97 31.65
CA TYR D 11 -13.59 2.07 32.06
C TYR D 11 -12.77 2.71 33.17
N ASN D 12 -12.71 4.05 33.18
CA ASN D 12 -12.07 4.81 34.24
C ASN D 12 -12.61 6.24 34.19
N LYS D 13 -13.38 6.62 35.21
CA LYS D 13 -14.16 7.84 35.24
C LYS D 13 -13.27 9.06 34.99
N SER D 14 -11.99 8.93 35.32
CA SER D 14 -11.05 10.04 35.32
C SER D 14 -10.57 10.35 33.90
N ASN D 15 -10.92 9.50 32.93
CA ASN D 15 -10.45 9.65 31.55
C ASN D 15 -11.09 10.85 30.87
N PHE D 16 -10.25 11.72 30.28
CA PHE D 16 -10.64 12.90 29.52
C PHE D 16 -11.18 14.02 30.44
N SER D 17 -11.14 13.80 31.77
CA SER D 17 -11.59 14.79 32.74
C SER D 17 -10.91 16.14 32.50
N ARG D 18 -9.58 16.10 32.33
CA ARG D 18 -8.81 17.33 32.23
C ARG D 18 -8.43 17.59 30.78
N PHE D 19 -9.31 17.15 29.86
CA PHE D 19 -9.13 17.35 28.42
C PHE D 19 -9.55 18.76 28.03
N HIS D 20 -8.55 19.58 27.67
CA HIS D 20 -8.80 20.90 27.12
C HIS D 20 -8.08 21.01 25.78
N ALA D 21 -8.84 21.26 24.70
CA ALA D 21 -8.28 21.35 23.36
C ALA D 21 -7.90 22.79 23.04
N ASP D 22 -6.88 22.91 22.20
CA ASP D 22 -6.44 24.14 21.54
C ASP D 22 -7.63 24.85 20.92
N SER D 23 -7.51 26.15 20.69
CA SER D 23 -8.55 26.96 20.09
C SER D 23 -8.72 26.70 18.59
N VAL D 24 -7.91 25.77 18.05
CA VAL D 24 -8.05 25.30 16.67
C VAL D 24 -8.10 23.76 16.66
N CYS D 25 -8.73 23.20 17.71
CA CYS D 25 -9.12 21.80 17.77
C CYS D 25 -7.92 20.85 17.87
N LYS D 26 -6.84 21.30 18.53
CA LYS D 26 -5.64 20.50 18.76
C LYS D 26 -5.48 20.21 20.26
N ALA D 27 -5.37 18.93 20.63
CA ALA D 27 -5.24 18.58 22.03
C ALA D 27 -4.16 17.51 22.26
N SER D 28 -4.22 16.43 21.48
CA SER D 28 -3.33 15.29 21.65
C SER D 28 -1.94 15.63 21.10
N ASN D 29 -0.94 14.96 21.67
CA ASN D 29 0.42 15.09 21.21
C ASN D 29 0.63 14.06 20.10
N ARG D 30 1.29 14.53 19.02
CA ARG D 30 1.25 13.87 17.73
C ARG D 30 2.62 13.33 17.36
N ARG D 31 3.63 13.65 18.19
CA ARG D 31 5.00 13.24 17.92
C ARG D 31 5.44 12.26 19.00
N PRO D 32 5.10 10.95 18.88
CA PRO D 32 5.63 9.92 19.77
C PRO D 32 7.09 9.63 19.46
N SER D 33 7.85 9.27 20.49
CA SER D 33 9.18 8.74 20.28
C SER D 33 9.07 7.58 19.29
N VAL D 34 10.06 7.47 18.40
CA VAL D 34 10.03 6.45 17.36
C VAL D 34 10.91 5.28 17.82
N TYR D 35 10.32 4.07 17.80
CA TYR D 35 11.00 2.87 18.21
C TYR D 35 11.99 2.41 17.15
N LEU D 36 13.26 2.29 17.55
CA LEU D 36 14.35 1.91 16.66
C LEU D 36 15.22 0.85 17.34
N PRO D 37 14.78 -0.44 17.41
CA PRO D 37 15.52 -1.48 18.12
C PRO D 37 16.96 -1.66 17.65
N THR D 38 17.89 -1.59 18.60
CA THR D 38 19.30 -1.84 18.34
C THR D 38 19.61 -3.30 18.71
N ARG D 39 18.82 -3.85 19.65
CA ARG D 39 18.97 -5.22 20.13
C ARG D 39 17.60 -5.88 20.10
N GLU D 40 17.54 -7.21 19.98
CA GLU D 40 16.26 -7.89 19.82
C GLU D 40 16.21 -9.23 20.54
N TYR D 41 15.07 -9.50 21.19
CA TYR D 41 14.78 -10.76 21.88
C TYR D 41 14.49 -11.83 20.84
N PRO D 42 15.07 -13.05 20.96
CA PRO D 42 14.80 -14.11 19.99
C PRO D 42 13.32 -14.49 20.03
N SER D 43 12.77 -14.83 18.86
CA SER D 43 11.38 -15.23 18.72
C SER D 43 11.16 -16.61 19.33
N GLU D 44 10.09 -16.73 20.13
CA GLU D 44 9.76 -17.97 20.80
C GLU D 44 9.28 -19.00 19.78
N GLN D 45 8.51 -18.55 18.78
CA GLN D 45 7.98 -19.47 17.78
C GLN D 45 8.05 -18.86 16.38
N ILE D 46 7.93 -19.75 15.38
CA ILE D 46 8.06 -19.41 13.96
C ILE D 46 6.81 -19.91 13.25
N ILE D 47 6.18 -19.03 12.45
CA ILE D 47 5.01 -19.37 11.64
C ILE D 47 5.46 -19.88 10.28
N VAL D 48 4.84 -20.97 9.83
CA VAL D 48 5.27 -21.75 8.67
C VAL D 48 4.02 -22.38 8.06
N THR D 49 4.04 -22.65 6.75
CA THR D 49 2.89 -23.30 6.13
C THR D 49 3.21 -24.76 5.77
N GLU D 50 2.18 -25.60 5.93
CA GLU D 50 2.17 -26.98 5.46
C GLU D 50 2.45 -26.99 3.96
N LYS D 51 3.50 -27.71 3.57
CA LYS D 51 3.97 -27.69 2.19
C LYS D 51 3.11 -28.64 1.35
N THR D 52 2.44 -29.58 2.02
CA THR D 52 1.65 -30.61 1.37
C THR D 52 0.42 -30.00 0.72
N ASN D 53 0.11 -30.47 -0.50
CA ASN D 53 -1.07 -30.02 -1.23
C ASN D 53 -2.34 -30.51 -0.53
N ILE D 54 -3.37 -29.66 -0.52
CA ILE D 54 -4.63 -29.95 0.12
C ILE D 54 -5.13 -31.34 -0.28
N LEU D 55 -5.19 -31.57 -1.60
CA LEU D 55 -5.77 -32.78 -2.14
C LEU D 55 -4.95 -33.99 -1.71
N LEU D 56 -3.61 -33.86 -1.70
CA LEU D 56 -2.72 -34.86 -1.14
C LEU D 56 -3.15 -35.18 0.29
N ARG D 57 -3.08 -34.15 1.16
CA ARG D 57 -3.42 -34.26 2.57
C ARG D 57 -4.75 -35.00 2.75
N TYR D 58 -5.74 -34.59 1.96
CA TYR D 58 -7.08 -35.15 2.06
C TYR D 58 -7.07 -36.63 1.71
N LEU D 59 -6.49 -36.98 0.55
CA LEU D 59 -6.55 -38.33 0.01
C LEU D 59 -5.74 -39.29 0.90
N HIS D 60 -4.68 -38.74 1.51
CA HIS D 60 -3.84 -39.48 2.45
C HIS D 60 -4.64 -39.77 3.72
N GLN D 61 -5.25 -38.72 4.28
CA GLN D 61 -6.08 -38.81 5.48
C GLN D 61 -7.12 -39.91 5.31
N GLN D 62 -7.97 -39.80 4.28
CA GLN D 62 -9.11 -40.66 4.09
C GLN D 62 -8.69 -42.12 4.11
N TRP D 63 -7.62 -42.41 3.36
CA TRP D 63 -7.08 -43.76 3.22
C TRP D 63 -6.54 -44.25 4.57
N ASP D 64 -5.87 -43.35 5.31
CA ASP D 64 -5.26 -43.65 6.60
C ASP D 64 -6.33 -44.01 7.63
N LYS D 65 -7.51 -43.41 7.51
CA LYS D 65 -8.60 -43.73 8.42
C LYS D 65 -9.56 -44.75 7.77
N LYS D 66 -9.12 -45.33 6.64
CA LYS D 66 -9.83 -46.43 6.01
C LYS D 66 -9.17 -47.76 6.37
N ASN D 67 -7.84 -47.78 6.36
CA ASN D 67 -7.09 -48.98 6.72
C ASN D 67 -7.05 -49.14 8.24
N ALA D 68 -7.35 -48.05 8.96
CA ALA D 68 -7.44 -48.05 10.41
C ALA D 68 -8.79 -48.62 10.86
N ALA D 69 -9.67 -48.88 9.87
CA ALA D 69 -10.92 -49.58 10.12
C ALA D 69 -10.64 -51.06 10.35
N LYS D 70 -9.64 -51.60 9.64
CA LYS D 70 -9.21 -52.97 9.84
C LYS D 70 -7.67 -53.02 9.84
#